data_5L9N
# 
_entry.id   5L9N 
# 
_audit_conform.dict_name       mmcif_pdbx.dic 
_audit_conform.dict_version    5.383 
_audit_conform.dict_location   http://mmcif.pdb.org/dictionaries/ascii/mmcif_pdbx.dic 
# 
loop_
_database_2.database_id 
_database_2.database_code 
_database_2.pdbx_database_accession 
_database_2.pdbx_DOI 
PDB   5L9N         pdb_00005l9n 10.2210/pdb5l9n/pdb 
WWPDB D_1200000368 ?            ?                   
# 
loop_
_pdbx_audit_revision_history.ordinal 
_pdbx_audit_revision_history.data_content_type 
_pdbx_audit_revision_history.major_revision 
_pdbx_audit_revision_history.minor_revision 
_pdbx_audit_revision_history.revision_date 
1 'Structure model' 1 0 2017-04-05 
2 'Structure model' 1 1 2017-05-10 
3 'Structure model' 1 2 2017-05-24 
4 'Structure model' 2 0 2024-01-10 
# 
_pdbx_audit_revision_details.ordinal             1 
_pdbx_audit_revision_details.revision_ordinal    1 
_pdbx_audit_revision_details.data_content_type   'Structure model' 
_pdbx_audit_revision_details.provider            repository 
_pdbx_audit_revision_details.type                'Initial release' 
_pdbx_audit_revision_details.description         ? 
_pdbx_audit_revision_details.details             ? 
# 
loop_
_pdbx_audit_revision_group.ordinal 
_pdbx_audit_revision_group.revision_ordinal 
_pdbx_audit_revision_group.data_content_type 
_pdbx_audit_revision_group.group 
1 2 'Structure model' 'Database references'    
2 3 'Structure model' 'Database references'    
3 4 'Structure model' 'Atomic model'           
4 4 'Structure model' 'Data collection'        
5 4 'Structure model' 'Database references'    
6 4 'Structure model' 'Derived calculations'   
7 4 'Structure model' 'Refinement description' 
# 
loop_
_pdbx_audit_revision_category.ordinal 
_pdbx_audit_revision_category.revision_ordinal 
_pdbx_audit_revision_category.data_content_type 
_pdbx_audit_revision_category.category 
1 4 'Structure model' atom_site                     
2 4 'Structure model' chem_comp_atom                
3 4 'Structure model' chem_comp_bond                
4 4 'Structure model' database_2                    
5 4 'Structure model' pdbx_initial_refinement_model 
6 4 'Structure model' pdbx_struct_conn_angle        
7 4 'Structure model' struct_conn                   
# 
loop_
_pdbx_audit_revision_item.ordinal 
_pdbx_audit_revision_item.revision_ordinal 
_pdbx_audit_revision_item.data_content_type 
_pdbx_audit_revision_item.item 
1  4 'Structure model' '_atom_site.occupancy'                        
2  4 'Structure model' '_database_2.pdbx_DOI'                        
3  4 'Structure model' '_database_2.pdbx_database_accession'         
4  4 'Structure model' '_pdbx_struct_conn_angle.ptnr1_auth_comp_id'  
5  4 'Structure model' '_pdbx_struct_conn_angle.ptnr1_auth_seq_id'   
6  4 'Structure model' '_pdbx_struct_conn_angle.ptnr1_label_atom_id' 
7  4 'Structure model' '_pdbx_struct_conn_angle.ptnr1_label_comp_id' 
8  4 'Structure model' '_pdbx_struct_conn_angle.ptnr1_label_seq_id'  
9  4 'Structure model' '_pdbx_struct_conn_angle.ptnr3_auth_comp_id'  
10 4 'Structure model' '_pdbx_struct_conn_angle.ptnr3_auth_seq_id'   
11 4 'Structure model' '_pdbx_struct_conn_angle.ptnr3_label_atom_id' 
12 4 'Structure model' '_pdbx_struct_conn_angle.ptnr3_label_comp_id' 
13 4 'Structure model' '_pdbx_struct_conn_angle.ptnr3_label_seq_id'  
14 4 'Structure model' '_pdbx_struct_conn_angle.value'               
15 4 'Structure model' '_struct_conn.pdbx_dist_value'                
16 4 'Structure model' '_struct_conn.ptnr1_auth_comp_id'             
17 4 'Structure model' '_struct_conn.ptnr1_auth_seq_id'              
18 4 'Structure model' '_struct_conn.ptnr1_label_atom_id'            
19 4 'Structure model' '_struct_conn.ptnr1_label_comp_id'            
20 4 'Structure model' '_struct_conn.ptnr1_label_seq_id'             
21 4 'Structure model' '_struct_conn.ptnr2_symmetry'                 
# 
_pdbx_database_status.status_code                     REL 
_pdbx_database_status.status_code_sf                  REL 
_pdbx_database_status.status_code_mr                  ? 
_pdbx_database_status.entry_id                        5L9N 
_pdbx_database_status.recvd_initial_deposition_date   2016-06-10 
_pdbx_database_status.SG_entry                        N 
_pdbx_database_status.deposit_site                    PDBE 
_pdbx_database_status.process_site                    PDBE 
_pdbx_database_status.status_code_cs                  ? 
_pdbx_database_status.methods_development_category    ? 
_pdbx_database_status.pdb_format_compatible           Y 
_pdbx_database_status.status_code_nmr_data            ? 
# 
loop_
_audit_author.name 
_audit_author.pdbx_ordinal 
'Rubio, V.'   1 
'Palanca, C.' 2 
# 
_citation.abstract                  ? 
_citation.abstract_id_CAS           ? 
_citation.book_id_ISBN              ? 
_citation.book_publisher            ? 
_citation.book_publisher_city       ? 
_citation.book_title                ? 
_citation.coordinate_linkage        ? 
_citation.country                   US 
_citation.database_id_Medline       ? 
_citation.details                   ? 
_citation.id                        primary 
_citation.journal_abbrev            'Environ Microbiol Rep' 
_citation.journal_id_ASTM           ? 
_citation.journal_id_CSD            ? 
_citation.journal_id_ISSN           1758-2229 
_citation.journal_full              ? 
_citation.journal_issue             ? 
_citation.journal_volume            9 
_citation.language                  ? 
_citation.page_first                290 
_citation.page_last                 299 
_citation.title                     
'Effects of T-loop modification on the PII-signalling protein: structure of uridylylated Escherichia coli GlnB bound to ATP.' 
_citation.year                      2017 
_citation.database_id_CSD           ? 
_citation.pdbx_database_id_DOI      10.1111/1758-2229.12533 
_citation.pdbx_database_id_PubMed   28345298 
_citation.unpublished_flag          ? 
# 
loop_
_citation_author.citation_id 
_citation_author.name 
_citation_author.ordinal 
_citation_author.identifier_ORCID 
primary 'Palanca, C.' 1 ? 
primary 'Rubio, V.'   2 ? 
# 
loop_
_entity.id 
_entity.type 
_entity.src_method 
_entity.pdbx_description 
_entity.formula_weight 
_entity.pdbx_number_of_molecules 
_entity.pdbx_ec 
_entity.pdbx_mutation 
_entity.pdbx_fragment 
_entity.details 
1 polymer     man 'Nitrogen regulatory protein P-II 1' 12443.442 1  ? ? ? ? 
2 non-polymer syn "ADENOSINE-5'-TRIPHOSPHATE"          507.181   1  ? ? ? ? 
3 non-polymer nat 'MAGNESIUM ION'                      24.305    1  ? ? ? ? 
4 water       nat water                                18.015    37 ? ? ? ? 
# 
_entity_poly.entity_id                      1 
_entity_poly.type                           'polypeptide(L)' 
_entity_poly.nstd_linkage                   no 
_entity_poly.nstd_monomer                   no 
_entity_poly.pdbx_seq_one_letter_code       
;MKKIDAIIKPFKLDDVREALAEVGITGMTVTEVKGFGRQKGHTELYRGAEYMVDFLPKVKIEIVVPDDIVDTCVDTIIRT
AQTGKIGDGKIFVFDVARVIRIRTGEEDDAAI
;
_entity_poly.pdbx_seq_one_letter_code_can   
;MKKIDAIIKPFKLDDVREALAEVGITGMTVTEVKGFGRQKGHTELYRGAEYMVDFLPKVKIEIVVPDDIVDTCVDTIIRT
AQTGKIGDGKIFVFDVARVIRIRTGEEDDAAI
;
_entity_poly.pdbx_strand_id                 A 
_entity_poly.pdbx_target_identifier         ? 
# 
loop_
_pdbx_entity_nonpoly.entity_id 
_pdbx_entity_nonpoly.name 
_pdbx_entity_nonpoly.comp_id 
2 "ADENOSINE-5'-TRIPHOSPHATE" ATP 
3 'MAGNESIUM ION'             MG  
4 water                       HOH 
# 
loop_
_entity_poly_seq.entity_id 
_entity_poly_seq.num 
_entity_poly_seq.mon_id 
_entity_poly_seq.hetero 
1 1   MET n 
1 2   LYS n 
1 3   LYS n 
1 4   ILE n 
1 5   ASP n 
1 6   ALA n 
1 7   ILE n 
1 8   ILE n 
1 9   LYS n 
1 10  PRO n 
1 11  PHE n 
1 12  LYS n 
1 13  LEU n 
1 14  ASP n 
1 15  ASP n 
1 16  VAL n 
1 17  ARG n 
1 18  GLU n 
1 19  ALA n 
1 20  LEU n 
1 21  ALA n 
1 22  GLU n 
1 23  VAL n 
1 24  GLY n 
1 25  ILE n 
1 26  THR n 
1 27  GLY n 
1 28  MET n 
1 29  THR n 
1 30  VAL n 
1 31  THR n 
1 32  GLU n 
1 33  VAL n 
1 34  LYS n 
1 35  GLY n 
1 36  PHE n 
1 37  GLY n 
1 38  ARG n 
1 39  GLN n 
1 40  LYS n 
1 41  GLY n 
1 42  HIS n 
1 43  THR n 
1 44  GLU n 
1 45  LEU n 
1 46  TYR n 
1 47  ARG n 
1 48  GLY n 
1 49  ALA n 
1 50  GLU n 
1 51  TYR n 
1 52  MET n 
1 53  VAL n 
1 54  ASP n 
1 55  PHE n 
1 56  LEU n 
1 57  PRO n 
1 58  LYS n 
1 59  VAL n 
1 60  LYS n 
1 61  ILE n 
1 62  GLU n 
1 63  ILE n 
1 64  VAL n 
1 65  VAL n 
1 66  PRO n 
1 67  ASP n 
1 68  ASP n 
1 69  ILE n 
1 70  VAL n 
1 71  ASP n 
1 72  THR n 
1 73  CYS n 
1 74  VAL n 
1 75  ASP n 
1 76  THR n 
1 77  ILE n 
1 78  ILE n 
1 79  ARG n 
1 80  THR n 
1 81  ALA n 
1 82  GLN n 
1 83  THR n 
1 84  GLY n 
1 85  LYS n 
1 86  ILE n 
1 87  GLY n 
1 88  ASP n 
1 89  GLY n 
1 90  LYS n 
1 91  ILE n 
1 92  PHE n 
1 93  VAL n 
1 94  PHE n 
1 95  ASP n 
1 96  VAL n 
1 97  ALA n 
1 98  ARG n 
1 99  VAL n 
1 100 ILE n 
1 101 ARG n 
1 102 ILE n 
1 103 ARG n 
1 104 THR n 
1 105 GLY n 
1 106 GLU n 
1 107 GLU n 
1 108 ASP n 
1 109 ASP n 
1 110 ALA n 
1 111 ALA n 
1 112 ILE n 
# 
_entity_src_gen.entity_id                          1 
_entity_src_gen.pdbx_src_id                        1 
_entity_src_gen.pdbx_alt_source_flag               sample 
_entity_src_gen.pdbx_seq_type                      'Biological sequence' 
_entity_src_gen.pdbx_beg_seq_num                   1 
_entity_src_gen.pdbx_end_seq_num                   112 
_entity_src_gen.gene_src_common_name               ? 
_entity_src_gen.gene_src_genus                     ? 
_entity_src_gen.pdbx_gene_src_gene                 'glnB, b2553, JW2537' 
_entity_src_gen.gene_src_species                   ? 
_entity_src_gen.gene_src_strain                    K12 
_entity_src_gen.gene_src_tissue                    ? 
_entity_src_gen.gene_src_tissue_fraction           ? 
_entity_src_gen.gene_src_details                   ? 
_entity_src_gen.pdbx_gene_src_fragment             ? 
_entity_src_gen.pdbx_gene_src_scientific_name      'Escherichia coli (strain K12)' 
_entity_src_gen.pdbx_gene_src_ncbi_taxonomy_id     83333 
_entity_src_gen.pdbx_gene_src_variant              ? 
_entity_src_gen.pdbx_gene_src_cell_line            ? 
_entity_src_gen.pdbx_gene_src_atcc                 ? 
_entity_src_gen.pdbx_gene_src_organ                ? 
_entity_src_gen.pdbx_gene_src_organelle            ? 
_entity_src_gen.pdbx_gene_src_cell                 ? 
_entity_src_gen.pdbx_gene_src_cellular_location    ? 
_entity_src_gen.host_org_common_name               ? 
_entity_src_gen.pdbx_host_org_scientific_name      'Escherichia coli' 
_entity_src_gen.pdbx_host_org_ncbi_taxonomy_id     562 
_entity_src_gen.host_org_genus                     ? 
_entity_src_gen.pdbx_host_org_gene                 ? 
_entity_src_gen.pdbx_host_org_organ                ? 
_entity_src_gen.host_org_species                   ? 
_entity_src_gen.pdbx_host_org_tissue               ? 
_entity_src_gen.pdbx_host_org_tissue_fraction      ? 
_entity_src_gen.pdbx_host_org_strain               ? 
_entity_src_gen.pdbx_host_org_variant              ? 
_entity_src_gen.pdbx_host_org_cell_line            ? 
_entity_src_gen.pdbx_host_org_atcc                 ? 
_entity_src_gen.pdbx_host_org_culture_collection   ? 
_entity_src_gen.pdbx_host_org_cell                 ? 
_entity_src_gen.pdbx_host_org_organelle            ? 
_entity_src_gen.pdbx_host_org_cellular_location    ? 
_entity_src_gen.pdbx_host_org_vector_type          ? 
_entity_src_gen.pdbx_host_org_vector               ? 
_entity_src_gen.host_org_details                   ? 
_entity_src_gen.expression_system_id               ? 
_entity_src_gen.plasmid_name                       ? 
_entity_src_gen.plasmid_details                    ? 
_entity_src_gen.pdbx_description                   ? 
# 
loop_
_chem_comp.id 
_chem_comp.type 
_chem_comp.mon_nstd_flag 
_chem_comp.name 
_chem_comp.pdbx_synonyms 
_chem_comp.formula 
_chem_comp.formula_weight 
ALA 'L-peptide linking' y ALANINE                     ? 'C3 H7 N O2'        89.093  
ARG 'L-peptide linking' y ARGININE                    ? 'C6 H15 N4 O2 1'    175.209 
ASP 'L-peptide linking' y 'ASPARTIC ACID'             ? 'C4 H7 N O4'        133.103 
ATP non-polymer         . "ADENOSINE-5'-TRIPHOSPHATE" ? 'C10 H16 N5 O13 P3' 507.181 
CYS 'L-peptide linking' y CYSTEINE                    ? 'C3 H7 N O2 S'      121.158 
GLN 'L-peptide linking' y GLUTAMINE                   ? 'C5 H10 N2 O3'      146.144 
GLU 'L-peptide linking' y 'GLUTAMIC ACID'             ? 'C5 H9 N O4'        147.129 
GLY 'peptide linking'   y GLYCINE                     ? 'C2 H5 N O2'        75.067  
HIS 'L-peptide linking' y HISTIDINE                   ? 'C6 H10 N3 O2 1'    156.162 
HOH non-polymer         . WATER                       ? 'H2 O'              18.015  
ILE 'L-peptide linking' y ISOLEUCINE                  ? 'C6 H13 N O2'       131.173 
LEU 'L-peptide linking' y LEUCINE                     ? 'C6 H13 N O2'       131.173 
LYS 'L-peptide linking' y LYSINE                      ? 'C6 H15 N2 O2 1'    147.195 
MET 'L-peptide linking' y METHIONINE                  ? 'C5 H11 N O2 S'     149.211 
MG  non-polymer         . 'MAGNESIUM ION'             ? 'Mg 2'              24.305  
PHE 'L-peptide linking' y PHENYLALANINE               ? 'C9 H11 N O2'       165.189 
PRO 'L-peptide linking' y PROLINE                     ? 'C5 H9 N O2'        115.130 
THR 'L-peptide linking' y THREONINE                   ? 'C4 H9 N O3'        119.119 
TYR 'L-peptide linking' y TYROSINE                    ? 'C9 H11 N O3'       181.189 
VAL 'L-peptide linking' y VALINE                      ? 'C5 H11 N O2'       117.146 
# 
loop_
_pdbx_poly_seq_scheme.asym_id 
_pdbx_poly_seq_scheme.entity_id 
_pdbx_poly_seq_scheme.seq_id 
_pdbx_poly_seq_scheme.mon_id 
_pdbx_poly_seq_scheme.ndb_seq_num 
_pdbx_poly_seq_scheme.pdb_seq_num 
_pdbx_poly_seq_scheme.auth_seq_num 
_pdbx_poly_seq_scheme.pdb_mon_id 
_pdbx_poly_seq_scheme.auth_mon_id 
_pdbx_poly_seq_scheme.pdb_strand_id 
_pdbx_poly_seq_scheme.pdb_ins_code 
_pdbx_poly_seq_scheme.hetero 
A 1 1   MET 1   1   1   MET MET A . n 
A 1 2   LYS 2   2   2   LYS LYS A . n 
A 1 3   LYS 3   3   3   LYS LYS A . n 
A 1 4   ILE 4   4   4   ILE ILE A . n 
A 1 5   ASP 5   5   5   ASP ASP A . n 
A 1 6   ALA 6   6   6   ALA ALA A . n 
A 1 7   ILE 7   7   7   ILE ILE A . n 
A 1 8   ILE 8   8   8   ILE ILE A . n 
A 1 9   LYS 9   9   9   LYS LYS A . n 
A 1 10  PRO 10  10  10  PRO PRO A . n 
A 1 11  PHE 11  11  11  PHE PHE A . n 
A 1 12  LYS 12  12  12  LYS LYS A . n 
A 1 13  LEU 13  13  13  LEU LEU A . n 
A 1 14  ASP 14  14  14  ASP ASP A . n 
A 1 15  ASP 15  15  15  ASP ASP A . n 
A 1 16  VAL 16  16  16  VAL VAL A . n 
A 1 17  ARG 17  17  17  ARG ARG A . n 
A 1 18  GLU 18  18  18  GLU GLU A . n 
A 1 19  ALA 19  19  19  ALA ALA A . n 
A 1 20  LEU 20  20  20  LEU LEU A . n 
A 1 21  ALA 21  21  21  ALA ALA A . n 
A 1 22  GLU 22  22  22  GLU GLU A . n 
A 1 23  VAL 23  23  23  VAL VAL A . n 
A 1 24  GLY 24  24  24  GLY GLY A . n 
A 1 25  ILE 25  25  25  ILE ILE A . n 
A 1 26  THR 26  26  26  THR THR A . n 
A 1 27  GLY 27  27  27  GLY GLY A . n 
A 1 28  MET 28  28  28  MET MET A . n 
A 1 29  THR 29  29  29  THR THR A . n 
A 1 30  VAL 30  30  30  VAL VAL A . n 
A 1 31  THR 31  31  31  THR THR A . n 
A 1 32  GLU 32  32  32  GLU GLU A . n 
A 1 33  VAL 33  33  33  VAL VAL A . n 
A 1 34  LYS 34  34  34  LYS LYS A . n 
A 1 35  GLY 35  35  35  GLY GLY A . n 
A 1 36  PHE 36  36  36  PHE PHE A . n 
A 1 37  GLY 37  37  ?   ?   ?   A . n 
A 1 38  ARG 38  38  ?   ?   ?   A . n 
A 1 39  GLN 39  39  ?   ?   ?   A . n 
A 1 40  LYS 40  40  ?   ?   ?   A . n 
A 1 41  GLY 41  41  ?   ?   ?   A . n 
A 1 42  HIS 42  42  ?   ?   ?   A . n 
A 1 43  THR 43  43  ?   ?   ?   A . n 
A 1 44  GLU 44  44  ?   ?   ?   A . n 
A 1 45  LEU 45  45  ?   ?   ?   A . n 
A 1 46  TYR 46  46  ?   ?   ?   A . n 
A 1 47  ARG 47  47  ?   ?   ?   A . n 
A 1 48  GLY 48  48  ?   ?   ?   A . n 
A 1 49  ALA 49  49  ?   ?   ?   A . n 
A 1 50  GLU 50  50  ?   ?   ?   A . n 
A 1 51  TYR 51  51  ?   ?   ?   A . n 
A 1 52  MET 52  52  ?   ?   ?   A . n 
A 1 53  VAL 53  53  ?   ?   ?   A . n 
A 1 54  ASP 54  54  54  ASP ASP A . n 
A 1 55  PHE 55  55  55  PHE PHE A . n 
A 1 56  LEU 56  56  56  LEU LEU A . n 
A 1 57  PRO 57  57  57  PRO PRO A . n 
A 1 58  LYS 58  58  58  LYS LYS A . n 
A 1 59  VAL 59  59  59  VAL VAL A . n 
A 1 60  LYS 60  60  60  LYS LYS A . n 
A 1 61  ILE 61  61  61  ILE ILE A . n 
A 1 62  GLU 62  62  62  GLU GLU A . n 
A 1 63  ILE 63  63  63  ILE ILE A . n 
A 1 64  VAL 64  64  64  VAL VAL A . n 
A 1 65  VAL 65  65  65  VAL VAL A . n 
A 1 66  PRO 66  66  66  PRO PRO A . n 
A 1 67  ASP 67  67  67  ASP ASP A . n 
A 1 68  ASP 68  68  68  ASP ASP A . n 
A 1 69  ILE 69  69  69  ILE ILE A . n 
A 1 70  VAL 70  70  70  VAL VAL A . n 
A 1 71  ASP 71  71  71  ASP ASP A . n 
A 1 72  THR 72  72  72  THR THR A . n 
A 1 73  CYS 73  73  73  CYS CYS A . n 
A 1 74  VAL 74  74  74  VAL VAL A . n 
A 1 75  ASP 75  75  75  ASP ASP A . n 
A 1 76  THR 76  76  76  THR THR A . n 
A 1 77  ILE 77  77  77  ILE ILE A . n 
A 1 78  ILE 78  78  78  ILE ILE A . n 
A 1 79  ARG 79  79  79  ARG ARG A . n 
A 1 80  THR 80  80  80  THR THR A . n 
A 1 81  ALA 81  81  81  ALA ALA A . n 
A 1 82  GLN 82  82  82  GLN GLN A . n 
A 1 83  THR 83  83  83  THR THR A . n 
A 1 84  GLY 84  84  84  GLY GLY A . n 
A 1 85  LYS 85  85  85  LYS LYS A . n 
A 1 86  ILE 86  86  86  ILE ILE A . n 
A 1 87  GLY 87  87  87  GLY GLY A . n 
A 1 88  ASP 88  88  88  ASP ASP A . n 
A 1 89  GLY 89  89  89  GLY GLY A . n 
A 1 90  LYS 90  90  90  LYS LYS A . n 
A 1 91  ILE 91  91  91  ILE ILE A . n 
A 1 92  PHE 92  92  92  PHE PHE A . n 
A 1 93  VAL 93  93  93  VAL VAL A . n 
A 1 94  PHE 94  94  94  PHE PHE A . n 
A 1 95  ASP 95  95  95  ASP ASP A . n 
A 1 96  VAL 96  96  96  VAL VAL A . n 
A 1 97  ALA 97  97  97  ALA ALA A . n 
A 1 98  ARG 98  98  98  ARG ARG A . n 
A 1 99  VAL 99  99  99  VAL VAL A . n 
A 1 100 ILE 100 100 100 ILE ILE A . n 
A 1 101 ARG 101 101 101 ARG ARG A . n 
A 1 102 ILE 102 102 102 ILE ILE A . n 
A 1 103 ARG 103 103 103 ARG ARG A . n 
A 1 104 THR 104 104 104 THR THR A . n 
A 1 105 GLY 105 105 105 GLY GLY A . n 
A 1 106 GLU 106 106 106 GLU GLU A . n 
A 1 107 GLU 107 107 107 GLU GLU A . n 
A 1 108 ASP 108 108 108 ASP ASP A . n 
A 1 109 ASP 109 109 109 ASP ASP A . n 
A 1 110 ALA 110 110 ?   ?   ?   A . n 
A 1 111 ALA 111 111 ?   ?   ?   A . n 
A 1 112 ILE 112 112 ?   ?   ?   A . n 
# 
loop_
_pdbx_nonpoly_scheme.asym_id 
_pdbx_nonpoly_scheme.entity_id 
_pdbx_nonpoly_scheme.mon_id 
_pdbx_nonpoly_scheme.ndb_seq_num 
_pdbx_nonpoly_scheme.pdb_seq_num 
_pdbx_nonpoly_scheme.auth_seq_num 
_pdbx_nonpoly_scheme.pdb_mon_id 
_pdbx_nonpoly_scheme.auth_mon_id 
_pdbx_nonpoly_scheme.pdb_strand_id 
_pdbx_nonpoly_scheme.pdb_ins_code 
B 2 ATP 1  201 201 ATP ATP A . 
C 3 MG  1  202 38  MG  MG  A . 
D 4 HOH 1  301 11  HOH HOH A . 
D 4 HOH 2  302 23  HOH HOH A . 
D 4 HOH 3  303 20  HOH HOH A . 
D 4 HOH 4  304 24  HOH HOH A . 
D 4 HOH 5  305 6   HOH HOH A . 
D 4 HOH 6  306 4   HOH HOH A . 
D 4 HOH 7  307 19  HOH HOH A . 
D 4 HOH 8  308 21  HOH HOH A . 
D 4 HOH 9  309 5   HOH HOH A . 
D 4 HOH 10 310 10  HOH HOH A . 
D 4 HOH 11 311 14  HOH HOH A . 
D 4 HOH 12 312 17  HOH HOH A . 
D 4 HOH 13 313 9   HOH HOH A . 
D 4 HOH 14 314 8   HOH HOH A . 
D 4 HOH 15 315 27  HOH HOH A . 
D 4 HOH 16 316 30  HOH HOH A . 
D 4 HOH 17 317 16  HOH HOH A . 
D 4 HOH 18 318 2   HOH HOH A . 
D 4 HOH 19 319 33  HOH HOH A . 
D 4 HOH 20 320 26  HOH HOH A . 
D 4 HOH 21 321 15  HOH HOH A . 
D 4 HOH 22 322 12  HOH HOH A . 
D 4 HOH 23 323 35  HOH HOH A . 
D 4 HOH 24 324 13  HOH HOH A . 
D 4 HOH 25 325 1   HOH HOH A . 
D 4 HOH 26 326 18  HOH HOH A . 
D 4 HOH 27 327 25  HOH HOH A . 
D 4 HOH 28 328 36  HOH HOH A . 
D 4 HOH 29 329 32  HOH HOH A . 
D 4 HOH 30 330 7   HOH HOH A . 
D 4 HOH 31 331 3   HOH HOH A . 
D 4 HOH 32 332 31  HOH HOH A . 
D 4 HOH 33 333 22  HOH HOH A . 
D 4 HOH 34 334 29  HOH HOH A . 
D 4 HOH 35 335 37  HOH HOH A . 
D 4 HOH 36 336 28  HOH HOH A . 
D 4 HOH 37 337 34  HOH HOH A . 
# 
loop_
_pdbx_unobs_or_zero_occ_atoms.id 
_pdbx_unobs_or_zero_occ_atoms.PDB_model_num 
_pdbx_unobs_or_zero_occ_atoms.polymer_flag 
_pdbx_unobs_or_zero_occ_atoms.occupancy_flag 
_pdbx_unobs_or_zero_occ_atoms.auth_asym_id 
_pdbx_unobs_or_zero_occ_atoms.auth_comp_id 
_pdbx_unobs_or_zero_occ_atoms.auth_seq_id 
_pdbx_unobs_or_zero_occ_atoms.PDB_ins_code 
_pdbx_unobs_or_zero_occ_atoms.auth_atom_id 
_pdbx_unobs_or_zero_occ_atoms.label_alt_id 
_pdbx_unobs_or_zero_occ_atoms.label_asym_id 
_pdbx_unobs_or_zero_occ_atoms.label_comp_id 
_pdbx_unobs_or_zero_occ_atoms.label_seq_id 
_pdbx_unobs_or_zero_occ_atoms.label_atom_id 
1 1 Y 1 A LYS 85  ? CG  ? A LYS 85  CG  
2 1 Y 1 A LYS 85  ? CD  ? A LYS 85  CD  
3 1 Y 1 A LYS 85  ? CE  ? A LYS 85  CE  
4 1 Y 1 A LYS 85  ? NZ  ? A LYS 85  NZ  
5 1 Y 1 A ASP 109 ? CG  ? A ASP 109 CG  
6 1 Y 1 A ASP 109 ? OD1 ? A ASP 109 OD1 
7 1 Y 1 A ASP 109 ? OD2 ? A ASP 109 OD2 
# 
loop_
_software.citation_id 
_software.classification 
_software.compiler_name 
_software.compiler_version 
_software.contact_author 
_software.contact_author_email 
_software.date 
_software.description 
_software.dependencies 
_software.hardware 
_software.language 
_software.location 
_software.mods 
_software.name 
_software.os 
_software.os_version 
_software.type 
_software.version 
_software.pdbx_ordinal 
? refinement       ? ? ? ? ? ? ? ? ? ? ? PHENIX  ? ? ? 1.9_1692 1 
? 'data reduction' ? ? ? ? ? ? ? ? ? ? ? XDS     ? ? ? .        2 
? 'data scaling'   ? ? ? ? ? ? ? ? ? ? ? Aimless ? ? ? .        3 
? phasing          ? ? ? ? ? ? ? ? ? ? ? PHASER  ? ? ? .        4 
# 
_cell.angle_alpha                  90.00 
_cell.angle_alpha_esd              ? 
_cell.angle_beta                   90.00 
_cell.angle_beta_esd               ? 
_cell.angle_gamma                  90.00 
_cell.angle_gamma_esd              ? 
_cell.entry_id                     5L9N 
_cell.details                      ? 
_cell.formula_units_Z              ? 
_cell.length_a                     88.868 
_cell.length_a_esd                 ? 
_cell.length_b                     88.868 
_cell.length_b_esd                 ? 
_cell.length_c                     88.868 
_cell.length_c_esd                 ? 
_cell.volume                       ? 
_cell.volume_esd                   ? 
_cell.Z_PDB                        24 
_cell.reciprocal_angle_alpha       ? 
_cell.reciprocal_angle_beta        ? 
_cell.reciprocal_angle_gamma       ? 
_cell.reciprocal_angle_alpha_esd   ? 
_cell.reciprocal_angle_beta_esd    ? 
_cell.reciprocal_angle_gamma_esd   ? 
_cell.reciprocal_length_a          ? 
_cell.reciprocal_length_b          ? 
_cell.reciprocal_length_c          ? 
_cell.reciprocal_length_a_esd      ? 
_cell.reciprocal_length_b_esd      ? 
_cell.reciprocal_length_c_esd      ? 
_cell.pdbx_unique_axis             ? 
# 
_symmetry.entry_id                         5L9N 
_symmetry.cell_setting                     ? 
_symmetry.Int_Tables_number                199 
_symmetry.space_group_name_Hall            ? 
_symmetry.space_group_name_H-M             'I 21 3' 
_symmetry.pdbx_full_space_group_name_H-M   ? 
# 
_exptl.absorpt_coefficient_mu     ? 
_exptl.absorpt_correction_T_max   ? 
_exptl.absorpt_correction_T_min   ? 
_exptl.absorpt_correction_type    ? 
_exptl.absorpt_process_details    ? 
_exptl.entry_id                   5L9N 
_exptl.crystals_number            1 
_exptl.details                    ? 
_exptl.method                     'X-RAY DIFFRACTION' 
_exptl.method_details             ? 
# 
_exptl_crystal.colour                      ? 
_exptl_crystal.density_diffrn              ? 
_exptl_crystal.density_Matthews            2.35 
_exptl_crystal.density_method              ? 
_exptl_crystal.density_percent_sol         47.66 
_exptl_crystal.description                 ? 
_exptl_crystal.F_000                       ? 
_exptl_crystal.id                          1 
_exptl_crystal.preparation                 ? 
_exptl_crystal.size_max                    ? 
_exptl_crystal.size_mid                    ? 
_exptl_crystal.size_min                    ? 
_exptl_crystal.size_rad                    ? 
_exptl_crystal.colour_lustre               ? 
_exptl_crystal.colour_modifier             ? 
_exptl_crystal.colour_primary              ? 
_exptl_crystal.density_meas                ? 
_exptl_crystal.density_meas_esd            ? 
_exptl_crystal.density_meas_gt             ? 
_exptl_crystal.density_meas_lt             ? 
_exptl_crystal.density_meas_temp           ? 
_exptl_crystal.density_meas_temp_esd       ? 
_exptl_crystal.density_meas_temp_gt        ? 
_exptl_crystal.density_meas_temp_lt        ? 
_exptl_crystal.pdbx_crystal_image_url      ? 
_exptl_crystal.pdbx_crystal_image_format   ? 
_exptl_crystal.pdbx_mosaicity              ? 
_exptl_crystal.pdbx_mosaicity_esd          ? 
# 
_exptl_crystal_grow.apparatus       ? 
_exptl_crystal_grow.atmosphere      ? 
_exptl_crystal_grow.crystal_id      1 
_exptl_crystal_grow.details         ? 
_exptl_crystal_grow.method          'VAPOR DIFFUSION, SITTING DROP' 
_exptl_crystal_grow.method_ref      ? 
_exptl_crystal_grow.pH              4.6 
_exptl_crystal_grow.pressure        ? 
_exptl_crystal_grow.pressure_esd    ? 
_exptl_crystal_grow.seeding         ? 
_exptl_crystal_grow.seeding_ref     ? 
_exptl_crystal_grow.temp            294 
_exptl_crystal_grow.temp_details    ? 
_exptl_crystal_grow.temp_esd        ? 
_exptl_crystal_grow.time            ? 
_exptl_crystal_grow.pdbx_details    '0,1 M NaAcetate pH 4.6, 20 mM CaCl2, 30% MPD' 
_exptl_crystal_grow.pdbx_pH_range   ? 
# 
_diffrn.ambient_environment    ? 
_diffrn.ambient_temp           100 
_diffrn.ambient_temp_details   ? 
_diffrn.ambient_temp_esd       ? 
_diffrn.crystal_id             1 
_diffrn.crystal_support        ? 
_diffrn.crystal_treatment      ? 
_diffrn.details                ? 
_diffrn.id                     1 
_diffrn.ambient_pressure       ? 
_diffrn.ambient_pressure_esd   ? 
_diffrn.ambient_pressure_gt    ? 
_diffrn.ambient_pressure_lt    ? 
_diffrn.ambient_temp_gt        ? 
_diffrn.ambient_temp_lt        ? 
# 
_diffrn_detector.details                      ? 
_diffrn_detector.detector                     CCD 
_diffrn_detector.diffrn_id                    1 
_diffrn_detector.type                         'ADSC QUANTUM 315r' 
_diffrn_detector.area_resol_mean              ? 
_diffrn_detector.dtime                        ? 
_diffrn_detector.pdbx_frames_total            ? 
_diffrn_detector.pdbx_collection_time_total   ? 
_diffrn_detector.pdbx_collection_date         2011-08-29 
# 
_diffrn_radiation.collimation                      ? 
_diffrn_radiation.diffrn_id                        1 
_diffrn_radiation.filter_edge                      ? 
_diffrn_radiation.inhomogeneity                    ? 
_diffrn_radiation.monochromator                    ? 
_diffrn_radiation.polarisn_norm                    ? 
_diffrn_radiation.polarisn_ratio                   ? 
_diffrn_radiation.probe                            ? 
_diffrn_radiation.type                             ? 
_diffrn_radiation.xray_symbol                      ? 
_diffrn_radiation.wavelength_id                    1 
_diffrn_radiation.pdbx_monochromatic_or_laue_m_l   M 
_diffrn_radiation.pdbx_wavelength_list             ? 
_diffrn_radiation.pdbx_wavelength                  ? 
_diffrn_radiation.pdbx_diffrn_protocol             'SINGLE WAVELENGTH' 
_diffrn_radiation.pdbx_analyzer                    ? 
_diffrn_radiation.pdbx_scattering_type             x-ray 
# 
_diffrn_radiation_wavelength.id           1 
_diffrn_radiation_wavelength.wavelength   0.97917 
_diffrn_radiation_wavelength.wt           1.0 
# 
_diffrn_source.current                     ? 
_diffrn_source.details                     ? 
_diffrn_source.diffrn_id                   1 
_diffrn_source.power                       ? 
_diffrn_source.size                        ? 
_diffrn_source.source                      SYNCHROTRON 
_diffrn_source.target                      ? 
_diffrn_source.type                        'ESRF BEAMLINE ID23-1' 
_diffrn_source.voltage                     ? 
_diffrn_source.take-off_angle              ? 
_diffrn_source.pdbx_wavelength_list        0.97917 
_diffrn_source.pdbx_wavelength             ? 
_diffrn_source.pdbx_synchrotron_beamline   ID23-1 
_diffrn_source.pdbx_synchrotron_site       ESRF 
# 
_reflns.B_iso_Wilson_estimate            ? 
_reflns.entry_id                         5L9N 
_reflns.data_reduction_details           ? 
_reflns.data_reduction_method            ? 
_reflns.d_resolution_high                1.9 
_reflns.d_resolution_low                 44.4 
_reflns.details                          ? 
_reflns.limit_h_max                      ? 
_reflns.limit_h_min                      ? 
_reflns.limit_k_max                      ? 
_reflns.limit_k_min                      ? 
_reflns.limit_l_max                      ? 
_reflns.limit_l_min                      ? 
_reflns.number_all                       ? 
_reflns.number_obs                       9346 
_reflns.observed_criterion               ? 
_reflns.observed_criterion_F_max         ? 
_reflns.observed_criterion_F_min         ? 
_reflns.observed_criterion_I_max         ? 
_reflns.observed_criterion_I_min         ? 
_reflns.observed_criterion_sigma_F       ? 
_reflns.observed_criterion_sigma_I       ? 
_reflns.percent_possible_obs             99.7 
_reflns.R_free_details                   ? 
_reflns.Rmerge_F_all                     ? 
_reflns.Rmerge_F_obs                     ? 
_reflns.Friedel_coverage                 ? 
_reflns.number_gt                        ? 
_reflns.threshold_expression             ? 
_reflns.pdbx_redundancy                  5.5 
_reflns.pdbx_Rmerge_I_obs                0.064 
_reflns.pdbx_Rmerge_I_all                ? 
_reflns.pdbx_Rsym_value                  ? 
_reflns.pdbx_netI_over_av_sigmaI         ? 
_reflns.pdbx_netI_over_sigmaI            14.7 
_reflns.pdbx_res_netI_over_av_sigmaI_2   ? 
_reflns.pdbx_res_netI_over_sigmaI_2      ? 
_reflns.pdbx_chi_squared                 ? 
_reflns.pdbx_scaling_rejects             ? 
_reflns.pdbx_d_res_high_opt              ? 
_reflns.pdbx_d_res_low_opt               ? 
_reflns.pdbx_d_res_opt_method            ? 
_reflns.phase_calculation_details        ? 
_reflns.pdbx_Rrim_I_all                  ? 
_reflns.pdbx_Rpim_I_all                  ? 
_reflns.pdbx_d_opt                       ? 
_reflns.pdbx_number_measured_all         ? 
_reflns.pdbx_diffrn_id                   1 
_reflns.pdbx_ordinal                     1 
_reflns.pdbx_CC_half                     ? 
_reflns.pdbx_R_split                     ? 
# 
_reflns_shell.d_res_high                  1.90 
_reflns_shell.d_res_low                   1.94 
_reflns_shell.meanI_over_sigI_all         ? 
_reflns_shell.meanI_over_sigI_obs         ? 
_reflns_shell.number_measured_all         ? 
_reflns_shell.number_measured_obs         ? 
_reflns_shell.number_possible             ? 
_reflns_shell.number_unique_all           586 
_reflns_shell.number_unique_obs           ? 
_reflns_shell.percent_possible_all        ? 
_reflns_shell.percent_possible_obs        ? 
_reflns_shell.Rmerge_F_all                ? 
_reflns_shell.Rmerge_F_obs                ? 
_reflns_shell.Rmerge_I_all                ? 
_reflns_shell.Rmerge_I_obs                0.618 
_reflns_shell.meanI_over_sigI_gt          ? 
_reflns_shell.meanI_over_uI_all           ? 
_reflns_shell.meanI_over_uI_gt            ? 
_reflns_shell.number_measured_gt          ? 
_reflns_shell.number_unique_gt            ? 
_reflns_shell.percent_possible_gt         ? 
_reflns_shell.Rmerge_F_gt                 ? 
_reflns_shell.Rmerge_I_gt                 ? 
_reflns_shell.pdbx_redundancy             ? 
_reflns_shell.pdbx_Rsym_value             ? 
_reflns_shell.pdbx_chi_squared            ? 
_reflns_shell.pdbx_netI_over_sigmaI_all   ? 
_reflns_shell.pdbx_netI_over_sigmaI_obs   ? 
_reflns_shell.pdbx_Rrim_I_all             ? 
_reflns_shell.pdbx_Rpim_I_all             ? 
_reflns_shell.pdbx_rejects                ? 
_reflns_shell.pdbx_ordinal                1 
_reflns_shell.pdbx_diffrn_id              1 
_reflns_shell.pdbx_CC_half                ? 
_reflns_shell.pdbx_R_split                ? 
# 
_refine.aniso_B[1][1]                            ? 
_refine.aniso_B[1][2]                            ? 
_refine.aniso_B[1][3]                            ? 
_refine.aniso_B[2][2]                            ? 
_refine.aniso_B[2][3]                            ? 
_refine.aniso_B[3][3]                            ? 
_refine.B_iso_max                                ? 
_refine.B_iso_mean                               ? 
_refine.B_iso_min                                ? 
_refine.correlation_coeff_Fo_to_Fc               ? 
_refine.correlation_coeff_Fo_to_Fc_free          ? 
_refine.details                                  ? 
_refine.diff_density_max                         ? 
_refine.diff_density_max_esd                     ? 
_refine.diff_density_min                         ? 
_refine.diff_density_min_esd                     ? 
_refine.diff_density_rms                         ? 
_refine.diff_density_rms_esd                     ? 
_refine.entry_id                                 5L9N 
_refine.pdbx_refine_id                           'X-RAY DIFFRACTION' 
_refine.ls_abs_structure_details                 ? 
_refine.ls_abs_structure_Flack                   ? 
_refine.ls_abs_structure_Flack_esd               ? 
_refine.ls_abs_structure_Rogers                  ? 
_refine.ls_abs_structure_Rogers_esd              ? 
_refine.ls_d_res_high                            1.901 
_refine.ls_d_res_low                             28.103 
_refine.ls_extinction_coef                       ? 
_refine.ls_extinction_coef_esd                   ? 
_refine.ls_extinction_expression                 ? 
_refine.ls_extinction_method                     ? 
_refine.ls_goodness_of_fit_all                   ? 
_refine.ls_goodness_of_fit_all_esd               ? 
_refine.ls_goodness_of_fit_obs                   ? 
_refine.ls_goodness_of_fit_obs_esd               ? 
_refine.ls_hydrogen_treatment                    ? 
_refine.ls_matrix_type                           ? 
_refine.ls_number_constraints                    ? 
_refine.ls_number_parameters                     ? 
_refine.ls_number_reflns_all                     ? 
_refine.ls_number_reflns_obs                     9342 
_refine.ls_number_reflns_R_free                  449 
_refine.ls_number_reflns_R_work                  ? 
_refine.ls_number_restraints                     ? 
_refine.ls_percent_reflns_obs                    99.61 
_refine.ls_percent_reflns_R_free                 4.81 
_refine.ls_R_factor_all                          ? 
_refine.ls_R_factor_obs                          0.1855 
_refine.ls_R_factor_R_free                       0.2232 
_refine.ls_R_factor_R_free_error                 ? 
_refine.ls_R_factor_R_free_error_details         ? 
_refine.ls_R_factor_R_work                       0.1837 
_refine.ls_R_Fsqd_factor_obs                     ? 
_refine.ls_R_I_factor_obs                        ? 
_refine.ls_redundancy_reflns_all                 ? 
_refine.ls_redundancy_reflns_obs                 ? 
_refine.ls_restrained_S_all                      ? 
_refine.ls_restrained_S_obs                      ? 
_refine.ls_shift_over_esd_max                    ? 
_refine.ls_shift_over_esd_mean                   ? 
_refine.ls_structure_factor_coef                 ? 
_refine.ls_weighting_details                     ? 
_refine.ls_weighting_scheme                      ? 
_refine.ls_wR_factor_all                         ? 
_refine.ls_wR_factor_obs                         ? 
_refine.ls_wR_factor_R_free                      ? 
_refine.ls_wR_factor_R_work                      ? 
_refine.occupancy_max                            ? 
_refine.occupancy_min                            ? 
_refine.solvent_model_details                    ? 
_refine.solvent_model_param_bsol                 ? 
_refine.solvent_model_param_ksol                 ? 
_refine.ls_R_factor_gt                           ? 
_refine.ls_goodness_of_fit_gt                    ? 
_refine.ls_goodness_of_fit_ref                   ? 
_refine.ls_shift_over_su_max                     ? 
_refine.ls_shift_over_su_max_lt                  ? 
_refine.ls_shift_over_su_mean                    ? 
_refine.ls_shift_over_su_mean_lt                 ? 
_refine.pdbx_ls_sigma_I                          ? 
_refine.pdbx_ls_sigma_F                          1.36 
_refine.pdbx_ls_sigma_Fsqd                       ? 
_refine.pdbx_data_cutoff_high_absF               ? 
_refine.pdbx_data_cutoff_high_rms_absF           ? 
_refine.pdbx_data_cutoff_low_absF                ? 
_refine.pdbx_isotropic_thermal_model             ? 
_refine.pdbx_ls_cross_valid_method               'FREE R-VALUE' 
_refine.pdbx_method_to_determine_struct          'MOLECULAR REPLACEMENT' 
_refine.pdbx_starting_model                      1PIL 
_refine.pdbx_stereochemistry_target_values       ? 
_refine.pdbx_R_Free_selection_details            ? 
_refine.pdbx_stereochem_target_val_spec_case     ? 
_refine.pdbx_overall_ESU_R                       ? 
_refine.pdbx_overall_ESU_R_Free                  ? 
_refine.pdbx_solvent_vdw_probe_radii             1.11 
_refine.pdbx_solvent_ion_probe_radii             ? 
_refine.pdbx_solvent_shrinkage_radii             0.90 
_refine.pdbx_real_space_R                        ? 
_refine.pdbx_density_correlation                 ? 
_refine.pdbx_pd_number_of_powder_patterns        ? 
_refine.pdbx_pd_number_of_points                 ? 
_refine.pdbx_pd_meas_number_of_points            ? 
_refine.pdbx_pd_proc_ls_prof_R_factor            ? 
_refine.pdbx_pd_proc_ls_prof_wR_factor           ? 
_refine.pdbx_pd_Marquardt_correlation_coeff      ? 
_refine.pdbx_pd_Fsqrd_R_factor                   ? 
_refine.pdbx_pd_ls_matrix_band_width             ? 
_refine.pdbx_overall_phase_error                 26.01 
_refine.pdbx_overall_SU_R_free_Cruickshank_DPI   ? 
_refine.pdbx_overall_SU_R_free_Blow_DPI          ? 
_refine.pdbx_overall_SU_R_Blow_DPI               ? 
_refine.pdbx_TLS_residual_ADP_flag               ? 
_refine.pdbx_diffrn_id                           1 
_refine.overall_SU_B                             ? 
_refine.overall_SU_ML                            0.17 
_refine.overall_SU_R_Cruickshank_DPI             ? 
_refine.overall_SU_R_free                        ? 
_refine.overall_FOM_free_R_set                   ? 
_refine.overall_FOM_work_R_set                   ? 
_refine.pdbx_average_fsc_overall                 ? 
_refine.pdbx_average_fsc_work                    ? 
_refine.pdbx_average_fsc_free                    ? 
# 
_refine_hist.pdbx_refine_id                   'X-RAY DIFFRACTION' 
_refine_hist.cycle_id                         LAST 
_refine_hist.pdbx_number_atoms_protein        707 
_refine_hist.pdbx_number_atoms_nucleic_acid   0 
_refine_hist.pdbx_number_atoms_ligand         32 
_refine_hist.number_atoms_solvent             37 
_refine_hist.number_atoms_total               776 
_refine_hist.d_res_high                       1.901 
_refine_hist.d_res_low                        28.103 
# 
loop_
_refine_ls_restr.pdbx_refine_id 
_refine_ls_restr.criterion 
_refine_ls_restr.dev_ideal 
_refine_ls_restr.dev_ideal_target 
_refine_ls_restr.number 
_refine_ls_restr.rejects 
_refine_ls_restr.type 
_refine_ls_restr.weight 
_refine_ls_restr.pdbx_restraint_function 
'X-RAY DIFFRACTION' ? 0.008  ? 760  ? f_bond_d           ? ? 
'X-RAY DIFFRACTION' ? 1.243  ? 1038 ? f_angle_d          ? ? 
'X-RAY DIFFRACTION' ? 16.254 ? 289  ? f_dihedral_angle_d ? ? 
'X-RAY DIFFRACTION' ? 0.040  ? 130  ? f_chiral_restr     ? ? 
'X-RAY DIFFRACTION' ? 0.006  ? 125  ? f_plane_restr      ? ? 
# 
loop_
_refine_ls_shell.pdbx_refine_id 
_refine_ls_shell.d_res_high 
_refine_ls_shell.d_res_low 
_refine_ls_shell.number_reflns_all 
_refine_ls_shell.number_reflns_obs 
_refine_ls_shell.number_reflns_R_free 
_refine_ls_shell.number_reflns_R_work 
_refine_ls_shell.percent_reflns_obs 
_refine_ls_shell.percent_reflns_R_free 
_refine_ls_shell.R_factor_all 
_refine_ls_shell.R_factor_obs 
_refine_ls_shell.R_factor_R_free 
_refine_ls_shell.R_factor_R_free_error 
_refine_ls_shell.R_factor_R_work 
_refine_ls_shell.redundancy_reflns_all 
_refine_ls_shell.redundancy_reflns_obs 
_refine_ls_shell.wR_factor_all 
_refine_ls_shell.wR_factor_obs 
_refine_ls_shell.wR_factor_R_free 
_refine_ls_shell.wR_factor_R_work 
_refine_ls_shell.pdbx_total_number_of_bins_used 
_refine_ls_shell.pdbx_phase_error 
_refine_ls_shell.pdbx_fsc_work 
_refine_ls_shell.pdbx_fsc_free 
'X-RAY DIFFRACTION' 1.901  2.1757 . . 158 2911 99.00  . . . 0.2804 . 0.2263 . . . . . . . . . . 
'X-RAY DIFFRACTION' 2.1757 2.7408 . . 156 2928 100.00 . . . 0.2468 . 0.2177 . . . . . . . . . . 
'X-RAY DIFFRACTION' 2.7408 28.103 . . 135 3054 100.00 . . . 0.1994 . 0.1636 . . . . . . . . . . 
# 
_struct.entry_id                     5L9N 
_struct.title                        'Structure of uridylylated GlnB from Escherichia coli bound to ATP' 
_struct.pdbx_model_details           ? 
_struct.pdbx_formula_weight          ? 
_struct.pdbx_formula_weight_method   ? 
_struct.pdbx_model_type_details      ? 
_struct.pdbx_CASP_flag               N 
# 
_struct_keywords.entry_id        5L9N 
_struct_keywords.text            'Uridylylation, PII protein, nitrogen metabolism, GlnK, SIGNALING PROTEIN' 
_struct_keywords.pdbx_keywords   'SIGNALING PROTEIN' 
# 
loop_
_struct_asym.id 
_struct_asym.pdbx_blank_PDB_chainid_flag 
_struct_asym.pdbx_modified 
_struct_asym.entity_id 
_struct_asym.details 
A N N 1 ? 
B N N 2 ? 
C N N 3 ? 
D N N 4 ? 
# 
_struct_ref.id                         1 
_struct_ref.db_name                    UNP 
_struct_ref.db_code                    GLNB_ECOLI 
_struct_ref.pdbx_db_accession          P0A9Z1 
_struct_ref.pdbx_db_isoform            ? 
_struct_ref.entity_id                  1 
_struct_ref.pdbx_seq_one_letter_code   
;MKKIDAIIKPFKLDDVREALAEVGITGMTVTEVKGFGRQKGHTELYRGAEYMVDFLPKVKIEIVVPDDIVDTCVDTIIRT
AQTGKIGDGKIFVFDVARVIRIRTGEEDDAAI
;
_struct_ref.pdbx_align_begin           1 
# 
_struct_ref_seq.align_id                      1 
_struct_ref_seq.ref_id                        1 
_struct_ref_seq.pdbx_PDB_id_code              5L9N 
_struct_ref_seq.pdbx_strand_id                A 
_struct_ref_seq.seq_align_beg                 1 
_struct_ref_seq.pdbx_seq_align_beg_ins_code   ? 
_struct_ref_seq.seq_align_end                 112 
_struct_ref_seq.pdbx_seq_align_end_ins_code   ? 
_struct_ref_seq.pdbx_db_accession             P0A9Z1 
_struct_ref_seq.db_align_beg                  1 
_struct_ref_seq.pdbx_db_align_beg_ins_code    ? 
_struct_ref_seq.db_align_end                  112 
_struct_ref_seq.pdbx_db_align_end_ins_code    ? 
_struct_ref_seq.pdbx_auth_seq_align_beg       1 
_struct_ref_seq.pdbx_auth_seq_align_end       112 
# 
_pdbx_struct_assembly.id                   1 
_pdbx_struct_assembly.details              software_defined_assembly 
_pdbx_struct_assembly.method_details       PISA 
_pdbx_struct_assembly.oligomeric_details   trimeric 
_pdbx_struct_assembly.oligomeric_count     3 
# 
loop_
_pdbx_struct_assembly_prop.biol_id 
_pdbx_struct_assembly_prop.type 
_pdbx_struct_assembly_prop.value 
_pdbx_struct_assembly_prop.details 
1 'ABSA (A^2)' 9140  ? 
1 MORE         -37   ? 
1 'SSA (A^2)'  11240 ? 
# 
_pdbx_struct_assembly_gen.assembly_id       1 
_pdbx_struct_assembly_gen.oper_expression   1,2,3 
_pdbx_struct_assembly_gen.asym_id_list      A,B,C,D 
# 
loop_
_pdbx_struct_oper_list.id 
_pdbx_struct_oper_list.type 
_pdbx_struct_oper_list.name 
_pdbx_struct_oper_list.symmetry_operation 
_pdbx_struct_oper_list.matrix[1][1] 
_pdbx_struct_oper_list.matrix[1][2] 
_pdbx_struct_oper_list.matrix[1][3] 
_pdbx_struct_oper_list.vector[1] 
_pdbx_struct_oper_list.matrix[2][1] 
_pdbx_struct_oper_list.matrix[2][2] 
_pdbx_struct_oper_list.matrix[2][3] 
_pdbx_struct_oper_list.vector[2] 
_pdbx_struct_oper_list.matrix[3][1] 
_pdbx_struct_oper_list.matrix[3][2] 
_pdbx_struct_oper_list.matrix[3][3] 
_pdbx_struct_oper_list.vector[3] 
1 'identity operation'         1_555  x,y,z           1.0000000000 0.0000000000  0.0000000000  0.0000000000  0.0000000000  1.0000000000  0.0000000000  0.0000000000  0.0000000000  0.0000000000  1.0000000000 0.0000000000  
2 'crystal symmetry operation' 7_454  -z-1/2,-x,y-1/2 0.1144067742 -0.6095055129 -0.7844833457 14.6086611293 0.7177655960  -0.4952310724 0.4894473763  6.3931276079  -0.6868214027 -0.6190712517 0.3808242982 12.6713661905 
3 'crystal symmetry operation' 10_554 -y,z+1/2,-x-1/2 0.1144067742 0.7177655960  -0.6868214027 2.4428686585  -0.6095055129 -0.4952310724 -0.6190712517 19.9146134637 -0.7844833457 0.4894473763  0.3808242982 3.5055876887 
# 
loop_
_struct_conf.conf_type_id 
_struct_conf.id 
_struct_conf.pdbx_PDB_helix_id 
_struct_conf.beg_label_comp_id 
_struct_conf.beg_label_asym_id 
_struct_conf.beg_label_seq_id 
_struct_conf.pdbx_beg_PDB_ins_code 
_struct_conf.end_label_comp_id 
_struct_conf.end_label_asym_id 
_struct_conf.end_label_seq_id 
_struct_conf.pdbx_end_PDB_ins_code 
_struct_conf.beg_auth_comp_id 
_struct_conf.beg_auth_asym_id 
_struct_conf.beg_auth_seq_id 
_struct_conf.end_auth_comp_id 
_struct_conf.end_auth_asym_id 
_struct_conf.end_auth_seq_id 
_struct_conf.pdbx_PDB_helix_class 
_struct_conf.details 
_struct_conf.pdbx_PDB_helix_length 
HELX_P HELX_P1 AA1 LYS A 9  ? PHE A 11 ? LYS A 9  PHE A 11 5 ? 3  
HELX_P HELX_P2 AA2 LYS A 12 ? VAL A 23 ? LYS A 12 VAL A 23 1 ? 12 
HELX_P HELX_P3 AA3 PRO A 66 ? ASP A 68 ? PRO A 66 ASP A 68 5 ? 3  
HELX_P HELX_P4 AA4 ILE A 69 ? GLN A 82 ? ILE A 69 GLN A 82 1 ? 14 
# 
_struct_conf_type.id          HELX_P 
_struct_conf_type.criteria    ? 
_struct_conf_type.reference   ? 
# 
loop_
_struct_conn.id 
_struct_conn.conn_type_id 
_struct_conn.pdbx_leaving_atom_flag 
_struct_conn.pdbx_PDB_id 
_struct_conn.ptnr1_label_asym_id 
_struct_conn.ptnr1_label_comp_id 
_struct_conn.ptnr1_label_seq_id 
_struct_conn.ptnr1_label_atom_id 
_struct_conn.pdbx_ptnr1_label_alt_id 
_struct_conn.pdbx_ptnr1_PDB_ins_code 
_struct_conn.pdbx_ptnr1_standard_comp_id 
_struct_conn.ptnr1_symmetry 
_struct_conn.ptnr2_label_asym_id 
_struct_conn.ptnr2_label_comp_id 
_struct_conn.ptnr2_label_seq_id 
_struct_conn.ptnr2_label_atom_id 
_struct_conn.pdbx_ptnr2_label_alt_id 
_struct_conn.pdbx_ptnr2_PDB_ins_code 
_struct_conn.ptnr1_auth_asym_id 
_struct_conn.ptnr1_auth_comp_id 
_struct_conn.ptnr1_auth_seq_id 
_struct_conn.ptnr2_auth_asym_id 
_struct_conn.ptnr2_auth_comp_id 
_struct_conn.ptnr2_auth_seq_id 
_struct_conn.ptnr2_symmetry 
_struct_conn.pdbx_ptnr3_label_atom_id 
_struct_conn.pdbx_ptnr3_label_seq_id 
_struct_conn.pdbx_ptnr3_label_comp_id 
_struct_conn.pdbx_ptnr3_label_asym_id 
_struct_conn.pdbx_ptnr3_label_alt_id 
_struct_conn.pdbx_ptnr3_PDB_ins_code 
_struct_conn.details 
_struct_conn.pdbx_dist_value 
_struct_conn.pdbx_value_order 
_struct_conn.pdbx_role 
metalc1 metalc ? ? A PHE 11 O   ? ? ? 1_555 C MG . MG ? ? A PHE 11 A MG 202 1_555  ? ? ? ? ? ? ? 2.202 ? ? 
metalc2 metalc ? ? A PHE 11 O   ? ? ? 1_555 C MG . MG ? ? A PHE 11 A MG 202 15_455 ? ? ? ? ? ? ? 2.480 ? ? 
metalc3 metalc ? ? A ASP 14 OD1 ? ? ? 1_555 C MG . MG ? ? A ASP 14 A MG 202 1_555  ? ? ? ? ? ? ? 2.659 ? ? 
metalc4 metalc ? ? A ASP 14 OD1 ? ? ? 1_555 C MG . MG ? ? A ASP 14 A MG 202 15_455 ? ? ? ? ? ? ? 2.020 ? ? 
metalc5 metalc ? ? A ASP 15 OD1 ? ? ? 1_555 C MG . MG ? ? A ASP 15 A MG 202 1_555  ? ? ? ? ? ? ? 2.609 ? ? 
metalc6 metalc ? ? A ASP 15 OD1 ? ? ? 1_555 C MG . MG ? ? A ASP 15 A MG 202 15_455 ? ? ? ? ? ? ? 1.905 ? ? 
# 
_struct_conn_type.id          metalc 
_struct_conn_type.criteria    ? 
_struct_conn_type.reference   ? 
# 
loop_
_pdbx_struct_conn_angle.id 
_pdbx_struct_conn_angle.ptnr1_label_atom_id 
_pdbx_struct_conn_angle.ptnr1_label_alt_id 
_pdbx_struct_conn_angle.ptnr1_label_asym_id 
_pdbx_struct_conn_angle.ptnr1_label_comp_id 
_pdbx_struct_conn_angle.ptnr1_label_seq_id 
_pdbx_struct_conn_angle.ptnr1_auth_atom_id 
_pdbx_struct_conn_angle.ptnr1_auth_asym_id 
_pdbx_struct_conn_angle.ptnr1_auth_comp_id 
_pdbx_struct_conn_angle.ptnr1_auth_seq_id 
_pdbx_struct_conn_angle.ptnr1_PDB_ins_code 
_pdbx_struct_conn_angle.ptnr1_symmetry 
_pdbx_struct_conn_angle.ptnr2_label_atom_id 
_pdbx_struct_conn_angle.ptnr2_label_alt_id 
_pdbx_struct_conn_angle.ptnr2_label_asym_id 
_pdbx_struct_conn_angle.ptnr2_label_comp_id 
_pdbx_struct_conn_angle.ptnr2_label_seq_id 
_pdbx_struct_conn_angle.ptnr2_auth_atom_id 
_pdbx_struct_conn_angle.ptnr2_auth_asym_id 
_pdbx_struct_conn_angle.ptnr2_auth_comp_id 
_pdbx_struct_conn_angle.ptnr2_auth_seq_id 
_pdbx_struct_conn_angle.ptnr2_PDB_ins_code 
_pdbx_struct_conn_angle.ptnr2_symmetry 
_pdbx_struct_conn_angle.ptnr3_label_atom_id 
_pdbx_struct_conn_angle.ptnr3_label_alt_id 
_pdbx_struct_conn_angle.ptnr3_label_asym_id 
_pdbx_struct_conn_angle.ptnr3_label_comp_id 
_pdbx_struct_conn_angle.ptnr3_label_seq_id 
_pdbx_struct_conn_angle.ptnr3_auth_atom_id 
_pdbx_struct_conn_angle.ptnr3_auth_asym_id 
_pdbx_struct_conn_angle.ptnr3_auth_comp_id 
_pdbx_struct_conn_angle.ptnr3_auth_seq_id 
_pdbx_struct_conn_angle.ptnr3_PDB_ins_code 
_pdbx_struct_conn_angle.ptnr3_symmetry 
_pdbx_struct_conn_angle.value 
_pdbx_struct_conn_angle.value_esd 
1  O   ? A PHE 11 ? A PHE 11 ? 1_555 MG ? C MG . ? A MG 202 ? 1_555 O   ? A PHE 11 ? A PHE 11 ? 1_555 0.0  ? 
2  O   ? A PHE 11 ? A PHE 11 ? 1_555 MG ? C MG . ? A MG 202 ? 1_555 OD1 ? A ASP 14 ? A ASP 14 ? 1_555 87.6 ? 
3  O   ? A PHE 11 ? A PHE 11 ? 1_555 MG ? C MG . ? A MG 202 ? 1_555 OD1 ? A ASP 14 ? A ASP 14 ? 1_555 87.6 ? 
4  O   ? A PHE 11 ? A PHE 11 ? 1_555 MG ? C MG . ? A MG 202 ? 1_555 OD1 ? A ASP 14 ? A ASP 14 ? 1_555 87.6 ? 
5  O   ? A PHE 11 ? A PHE 11 ? 1_555 MG ? C MG . ? A MG 202 ? 1_555 OD1 ? A ASP 14 ? A ASP 14 ? 1_555 87.6 ? 
6  OD1 ? A ASP 14 ? A ASP 14 ? 1_555 MG ? C MG . ? A MG 202 ? 1_555 OD1 ? A ASP 14 ? A ASP 14 ? 1_555 0.0  ? 
7  O   ? A PHE 11 ? A PHE 11 ? 1_555 MG ? C MG . ? A MG 202 ? 1_555 OD1 ? A ASP 15 ? A ASP 15 ? 1_555 85.3 ? 
8  O   ? A PHE 11 ? A PHE 11 ? 1_555 MG ? C MG . ? A MG 202 ? 1_555 OD1 ? A ASP 15 ? A ASP 15 ? 1_555 85.3 ? 
9  OD1 ? A ASP 14 ? A ASP 14 ? 1_555 MG ? C MG . ? A MG 202 ? 1_555 OD1 ? A ASP 15 ? A ASP 15 ? 1_555 64.4 ? 
10 OD1 ? A ASP 14 ? A ASP 14 ? 1_555 MG ? C MG . ? A MG 202 ? 1_555 OD1 ? A ASP 15 ? A ASP 15 ? 1_555 64.4 ? 
11 O   ? A PHE 11 ? A PHE 11 ? 1_555 MG ? C MG . ? A MG 202 ? 1_555 OD1 ? A ASP 15 ? A ASP 15 ? 1_555 85.3 ? 
12 O   ? A PHE 11 ? A PHE 11 ? 1_555 MG ? C MG . ? A MG 202 ? 1_555 OD1 ? A ASP 15 ? A ASP 15 ? 1_555 85.3 ? 
13 OD1 ? A ASP 14 ? A ASP 14 ? 1_555 MG ? C MG . ? A MG 202 ? 1_555 OD1 ? A ASP 15 ? A ASP 15 ? 1_555 64.4 ? 
14 OD1 ? A ASP 14 ? A ASP 14 ? 1_555 MG ? C MG . ? A MG 202 ? 1_555 OD1 ? A ASP 15 ? A ASP 15 ? 1_555 64.4 ? 
15 OD1 ? A ASP 15 ? A ASP 15 ? 1_555 MG ? C MG . ? A MG 202 ? 1_555 OD1 ? A ASP 15 ? A ASP 15 ? 1_555 0.0  ? 
# 
_struct_sheet.id               AA1 
_struct_sheet.type             ? 
_struct_sheet.number_strands   4 
_struct_sheet.details          ? 
# 
loop_
_struct_sheet_order.sheet_id 
_struct_sheet_order.range_id_1 
_struct_sheet_order.range_id_2 
_struct_sheet_order.offset 
_struct_sheet_order.sense 
AA1 1 2 ? anti-parallel 
AA1 2 3 ? anti-parallel 
AA1 3 4 ? anti-parallel 
# 
loop_
_struct_sheet_range.sheet_id 
_struct_sheet_range.id 
_struct_sheet_range.beg_label_comp_id 
_struct_sheet_range.beg_label_asym_id 
_struct_sheet_range.beg_label_seq_id 
_struct_sheet_range.pdbx_beg_PDB_ins_code 
_struct_sheet_range.end_label_comp_id 
_struct_sheet_range.end_label_asym_id 
_struct_sheet_range.end_label_seq_id 
_struct_sheet_range.pdbx_end_PDB_ins_code 
_struct_sheet_range.beg_auth_comp_id 
_struct_sheet_range.beg_auth_asym_id 
_struct_sheet_range.beg_auth_seq_id 
_struct_sheet_range.end_auth_comp_id 
_struct_sheet_range.end_auth_asym_id 
_struct_sheet_range.end_auth_seq_id 
AA1 1 THR A 29 ? GLY A 35 ? THR A 29 GLY A 35 
AA1 2 LEU A 56 ? VAL A 65 ? LEU A 56 VAL A 65 
AA1 3 LYS A 2  ? ILE A 8  ? LYS A 2  ILE A 8  
AA1 4 ILE A 91 ? ASP A 95 ? ILE A 91 ASP A 95 
# 
loop_
_pdbx_struct_sheet_hbond.sheet_id 
_pdbx_struct_sheet_hbond.range_id_1 
_pdbx_struct_sheet_hbond.range_id_2 
_pdbx_struct_sheet_hbond.range_1_label_atom_id 
_pdbx_struct_sheet_hbond.range_1_label_comp_id 
_pdbx_struct_sheet_hbond.range_1_label_asym_id 
_pdbx_struct_sheet_hbond.range_1_label_seq_id 
_pdbx_struct_sheet_hbond.range_1_PDB_ins_code 
_pdbx_struct_sheet_hbond.range_1_auth_atom_id 
_pdbx_struct_sheet_hbond.range_1_auth_comp_id 
_pdbx_struct_sheet_hbond.range_1_auth_asym_id 
_pdbx_struct_sheet_hbond.range_1_auth_seq_id 
_pdbx_struct_sheet_hbond.range_2_label_atom_id 
_pdbx_struct_sheet_hbond.range_2_label_comp_id 
_pdbx_struct_sheet_hbond.range_2_label_asym_id 
_pdbx_struct_sheet_hbond.range_2_label_seq_id 
_pdbx_struct_sheet_hbond.range_2_PDB_ins_code 
_pdbx_struct_sheet_hbond.range_2_auth_atom_id 
_pdbx_struct_sheet_hbond.range_2_auth_comp_id 
_pdbx_struct_sheet_hbond.range_2_auth_asym_id 
_pdbx_struct_sheet_hbond.range_2_auth_seq_id 
AA1 1 2 N THR A 31 ? N THR A 31 O LYS A 60 ? O LYS A 60 
AA1 2 3 O ILE A 63 ? O ILE A 63 N ILE A 4  ? N ILE A 4  
AA1 3 4 N ASP A 5  ? N ASP A 5  O PHE A 92 ? O PHE A 92 
# 
loop_
_struct_site.id 
_struct_site.pdbx_evidence_code 
_struct_site.pdbx_auth_asym_id 
_struct_site.pdbx_auth_comp_id 
_struct_site.pdbx_auth_seq_id 
_struct_site.pdbx_auth_ins_code 
_struct_site.pdbx_num_residues 
_struct_site.details 
AC1 Software A ATP 201 ? 18 'binding site for residue ATP A 201' 
AC2 Software A MG  202 ? 6  'binding site for residue MG A 202'  
# 
loop_
_struct_site_gen.id 
_struct_site_gen.site_id 
_struct_site_gen.pdbx_num_res 
_struct_site_gen.label_comp_id 
_struct_site_gen.label_asym_id 
_struct_site_gen.label_seq_id 
_struct_site_gen.pdbx_auth_ins_code 
_struct_site_gen.auth_comp_id 
_struct_site_gen.auth_asym_id 
_struct_site_gen.auth_seq_id 
_struct_site_gen.label_atom_id 
_struct_site_gen.label_alt_id 
_struct_site_gen.symmetry 
_struct_site_gen.details 
1  AC1 18 ILE A 7   ? ILE A 7   . ? 1_555  ? 
2  AC1 18 GLY A 27  ? GLY A 27  . ? 7_454  ? 
3  AC1 18 MET A 28  ? MET A 28  . ? 7_454  ? 
4  AC1 18 THR A 29  ? THR A 29  . ? 7_454  ? 
5  AC1 18 GLY A 35  ? GLY A 35  . ? 1_555  ? 
6  AC1 18 LYS A 58  ? LYS A 58  . ? 1_555  ? 
7  AC1 18 GLU A 62  ? GLU A 62  . ? 7_454  ? 
8  AC1 18 ILE A 63  ? ILE A 63  . ? 7_454  ? 
9  AC1 18 VAL A 64  ? VAL A 64  . ? 7_454  ? 
10 AC1 18 LYS A 85  ? LYS A 85  . ? 1_555  ? 
11 AC1 18 ILE A 86  ? ILE A 86  . ? 1_555  ? 
12 AC1 18 GLY A 87  ? GLY A 87  . ? 1_555  ? 
13 AC1 18 ASP A 88  ? ASP A 88  . ? 1_555  ? 
14 AC1 18 GLY A 89  ? GLY A 89  . ? 1_555  ? 
15 AC1 18 LYS A 90  ? LYS A 90  . ? 1_555  ? 
16 AC1 18 ARG A 101 ? ARG A 101 . ? 7_454  ? 
17 AC1 18 ILE A 102 ? ILE A 102 . ? 7_454  ? 
18 AC1 18 ARG A 103 ? ARG A 103 . ? 7_454  ? 
19 AC2 6  PHE A 11  ? PHE A 11  . ? 1_555  ? 
20 AC2 6  PHE A 11  ? PHE A 11  . ? 15_455 ? 
21 AC2 6  ASP A 14  ? ASP A 14  . ? 15_455 ? 
22 AC2 6  ASP A 14  ? ASP A 14  . ? 1_555  ? 
23 AC2 6  ASP A 15  ? ASP A 15  . ? 15_455 ? 
24 AC2 6  ASP A 15  ? ASP A 15  . ? 1_555  ? 
# 
_pdbx_validate_torsion.id              1 
_pdbx_validate_torsion.PDB_model_num   1 
_pdbx_validate_torsion.auth_comp_id    ASP 
_pdbx_validate_torsion.auth_asym_id    A 
_pdbx_validate_torsion.auth_seq_id     108 
_pdbx_validate_torsion.PDB_ins_code    ? 
_pdbx_validate_torsion.label_alt_id    ? 
_pdbx_validate_torsion.phi             58.71 
_pdbx_validate_torsion.psi             170.94 
# 
loop_
_pdbx_struct_special_symmetry.id 
_pdbx_struct_special_symmetry.PDB_model_num 
_pdbx_struct_special_symmetry.auth_asym_id 
_pdbx_struct_special_symmetry.auth_comp_id 
_pdbx_struct_special_symmetry.auth_seq_id 
_pdbx_struct_special_symmetry.PDB_ins_code 
_pdbx_struct_special_symmetry.label_asym_id 
_pdbx_struct_special_symmetry.label_comp_id 
_pdbx_struct_special_symmetry.label_seq_id 
1 1 A HOH 331 ? D HOH . 
2 1 A HOH 332 ? D HOH . 
3 1 A HOH 333 ? D HOH . 
4 1 A HOH 335 ? D HOH . 
# 
loop_
_pdbx_refine_tls.pdbx_refine_id 
_pdbx_refine_tls.id 
_pdbx_refine_tls.details 
_pdbx_refine_tls.method 
_pdbx_refine_tls.origin_x 
_pdbx_refine_tls.origin_y 
_pdbx_refine_tls.origin_z 
_pdbx_refine_tls.T[1][1] 
_pdbx_refine_tls.T[2][2] 
_pdbx_refine_tls.T[3][3] 
_pdbx_refine_tls.T[1][2] 
_pdbx_refine_tls.T[1][3] 
_pdbx_refine_tls.T[2][3] 
_pdbx_refine_tls.L[1][1] 
_pdbx_refine_tls.L[2][2] 
_pdbx_refine_tls.L[3][3] 
_pdbx_refine_tls.L[1][2] 
_pdbx_refine_tls.L[1][3] 
_pdbx_refine_tls.L[2][3] 
_pdbx_refine_tls.S[1][1] 
_pdbx_refine_tls.S[1][2] 
_pdbx_refine_tls.S[1][3] 
_pdbx_refine_tls.S[2][1] 
_pdbx_refine_tls.S[2][2] 
_pdbx_refine_tls.S[2][3] 
_pdbx_refine_tls.S[3][1] 
_pdbx_refine_tls.S[3][2] 
_pdbx_refine_tls.S[3][3] 
'X-RAY DIFFRACTION' 1 ? refined -0.4217  -2.1686 -4.0427 0.2590 0.2618 0.2373 -0.0766 -0.0127 -0.0155 0.3241 1.4061  0.3459 0.5835  -0.0007 -0.0976 -0.1170 0.0284  -0.2658 -0.1628 0.0485  0.3555  0.4673  -0.3435 -0.0363 
'X-RAY DIFFRACTION' 2 ? refined 14.5328  2.2631  -0.2982 0.2781 0.2490 0.2612 0.0334  -0.0124 -0.0154 0.0104 0.5786  0.0827 0.0830  0.1367  0.2950  0.0757  -0.0652 0.6993  0.1813  -0.0698 -0.3354 0.2763  0.2146  0.1136  
'X-RAY DIFFRACTION' 3 ? refined 4.1236   1.4743  -0.2884 0.2423 0.3011 0.2340 0.0047  0.0171  0.0031  0.0493 0.0864  0.6393 -0.1195 0.2200  -0.3106 0.0086  -0.0634 -0.2969 0.0029  0.1860  0.2335  0.2553  -0.1752 -0.1406 
'X-RAY DIFFRACTION' 4 ? refined -5.9432  -6.3282 2.0262  0.3810 0.4844 0.3941 -0.1805 0.0948  0.0428  0.2534 -0.0122 0.5825 0.0258  -0.1271 -0.0201 -0.1947 -0.1024 -0.5021 0.1130  0.2524  0.8302  1.1793  -0.8342 0.0607  
'X-RAY DIFFRACTION' 5 ? refined 5.0252   -6.1053 5.0756  0.4454 0.3443 0.3137 0.0131  0.0668  -0.0019 0.4343 0.1664  0.7161 0.1463  0.5055  -0.1232 0.1837  0.3442  -0.0969 0.2798  0.0242  0.0362  0.4596  -0.0284 -0.0267 
'X-RAY DIFFRACTION' 6 ? refined -10.4109 16.1756 1.6044  0.3264 0.4739 0.5352 0.0156  0.0736  0.0928  0.0723 0.1609  0.0947 -0.1026 0.0545  0.0959  -0.2808 -0.0113 0.1077  -0.0554 -0.1212 0.1704  -0.4421 -0.2055 0.0929 
# 
loop_
_pdbx_refine_tls_group.pdbx_refine_id 
_pdbx_refine_tls_group.id 
_pdbx_refine_tls_group.refine_tls_id 
_pdbx_refine_tls_group.beg_auth_asym_id 
_pdbx_refine_tls_group.beg_auth_seq_id 
_pdbx_refine_tls_group.beg_label_asym_id 
_pdbx_refine_tls_group.beg_label_seq_id 
_pdbx_refine_tls_group.end_auth_asym_id 
_pdbx_refine_tls_group.end_auth_seq_id 
_pdbx_refine_tls_group.end_label_asym_id 
_pdbx_refine_tls_group.end_label_seq_id 
_pdbx_refine_tls_group.selection 
_pdbx_refine_tls_group.selection_details 
'X-RAY DIFFRACTION' 1 1 ? ? ? ? ? ? ? ? ? 
;chain 'A' and (resid 1 through 28 )
;
'X-RAY DIFFRACTION' 2 2 ? ? ? ? ? ? ? ? ? 
;chain 'A' and (resid 29 through 55 )
;
'X-RAY DIFFRACTION' 3 3 ? ? ? ? ? ? ? ? ? 
;chain 'A' and (resid 56 through 66 )
;
'X-RAY DIFFRACTION' 4 4 ? ? ? ? ? ? ? ? ? 
;chain 'A' and (resid 67 through 81 )
;
'X-RAY DIFFRACTION' 5 5 ? ? ? ? ? ? ? ? ? 
;chain 'A' and (resid 82 through 95 )
;
'X-RAY DIFFRACTION' 6 6 ? ? ? ? ? ? ? ? ? 
;chain 'A' and (resid 96 through 109 )
;
# 
loop_
_pdbx_unobs_or_zero_occ_residues.id 
_pdbx_unobs_or_zero_occ_residues.PDB_model_num 
_pdbx_unobs_or_zero_occ_residues.polymer_flag 
_pdbx_unobs_or_zero_occ_residues.occupancy_flag 
_pdbx_unobs_or_zero_occ_residues.auth_asym_id 
_pdbx_unobs_or_zero_occ_residues.auth_comp_id 
_pdbx_unobs_or_zero_occ_residues.auth_seq_id 
_pdbx_unobs_or_zero_occ_residues.PDB_ins_code 
_pdbx_unobs_or_zero_occ_residues.label_asym_id 
_pdbx_unobs_or_zero_occ_residues.label_comp_id 
_pdbx_unobs_or_zero_occ_residues.label_seq_id 
1  1 Y 1 A GLY 37  ? A GLY 37  
2  1 Y 1 A ARG 38  ? A ARG 38  
3  1 Y 1 A GLN 39  ? A GLN 39  
4  1 Y 1 A LYS 40  ? A LYS 40  
5  1 Y 1 A GLY 41  ? A GLY 41  
6  1 Y 1 A HIS 42  ? A HIS 42  
7  1 Y 1 A THR 43  ? A THR 43  
8  1 Y 1 A GLU 44  ? A GLU 44  
9  1 Y 1 A LEU 45  ? A LEU 45  
10 1 Y 1 A TYR 46  ? A TYR 46  
11 1 Y 1 A ARG 47  ? A ARG 47  
12 1 Y 1 A GLY 48  ? A GLY 48  
13 1 Y 1 A ALA 49  ? A ALA 49  
14 1 Y 1 A GLU 50  ? A GLU 50  
15 1 Y 1 A TYR 51  ? A TYR 51  
16 1 Y 1 A MET 52  ? A MET 52  
17 1 Y 1 A VAL 53  ? A VAL 53  
18 1 Y 1 A ALA 110 ? A ALA 110 
19 1 Y 1 A ALA 111 ? A ALA 111 
20 1 Y 1 A ILE 112 ? A ILE 112 
# 
loop_
_chem_comp_atom.comp_id 
_chem_comp_atom.atom_id 
_chem_comp_atom.type_symbol 
_chem_comp_atom.pdbx_aromatic_flag 
_chem_comp_atom.pdbx_stereo_config 
_chem_comp_atom.pdbx_ordinal 
ALA N      N  N N 1   
ALA CA     C  N S 2   
ALA C      C  N N 3   
ALA O      O  N N 4   
ALA CB     C  N N 5   
ALA OXT    O  N N 6   
ALA H      H  N N 7   
ALA H2     H  N N 8   
ALA HA     H  N N 9   
ALA HB1    H  N N 10  
ALA HB2    H  N N 11  
ALA HB3    H  N N 12  
ALA HXT    H  N N 13  
ARG N      N  N N 14  
ARG CA     C  N S 15  
ARG C      C  N N 16  
ARG O      O  N N 17  
ARG CB     C  N N 18  
ARG CG     C  N N 19  
ARG CD     C  N N 20  
ARG NE     N  N N 21  
ARG CZ     C  N N 22  
ARG NH1    N  N N 23  
ARG NH2    N  N N 24  
ARG OXT    O  N N 25  
ARG H      H  N N 26  
ARG H2     H  N N 27  
ARG HA     H  N N 28  
ARG HB2    H  N N 29  
ARG HB3    H  N N 30  
ARG HG2    H  N N 31  
ARG HG3    H  N N 32  
ARG HD2    H  N N 33  
ARG HD3    H  N N 34  
ARG HE     H  N N 35  
ARG HH11   H  N N 36  
ARG HH12   H  N N 37  
ARG HH21   H  N N 38  
ARG HH22   H  N N 39  
ARG HXT    H  N N 40  
ASP N      N  N N 41  
ASP CA     C  N S 42  
ASP C      C  N N 43  
ASP O      O  N N 44  
ASP CB     C  N N 45  
ASP CG     C  N N 46  
ASP OD1    O  N N 47  
ASP OD2    O  N N 48  
ASP OXT    O  N N 49  
ASP H      H  N N 50  
ASP H2     H  N N 51  
ASP HA     H  N N 52  
ASP HB2    H  N N 53  
ASP HB3    H  N N 54  
ASP HD2    H  N N 55  
ASP HXT    H  N N 56  
ATP PG     P  N N 57  
ATP O1G    O  N N 58  
ATP O2G    O  N N 59  
ATP O3G    O  N N 60  
ATP PB     P  N R 61  
ATP O1B    O  N N 62  
ATP O2B    O  N N 63  
ATP O3B    O  N N 64  
ATP PA     P  N R 65  
ATP O1A    O  N N 66  
ATP O2A    O  N N 67  
ATP O3A    O  N N 68  
ATP "O5'"  O  N N 69  
ATP "C5'"  C  N N 70  
ATP "C4'"  C  N R 71  
ATP "O4'"  O  N N 72  
ATP "C3'"  C  N S 73  
ATP "O3'"  O  N N 74  
ATP "C2'"  C  N R 75  
ATP "O2'"  O  N N 76  
ATP "C1'"  C  N R 77  
ATP N9     N  Y N 78  
ATP C8     C  Y N 79  
ATP N7     N  Y N 80  
ATP C5     C  Y N 81  
ATP C6     C  Y N 82  
ATP N6     N  N N 83  
ATP N1     N  Y N 84  
ATP C2     C  Y N 85  
ATP N3     N  Y N 86  
ATP C4     C  Y N 87  
ATP HOG2   H  N N 88  
ATP HOG3   H  N N 89  
ATP HOB2   H  N N 90  
ATP HOA2   H  N N 91  
ATP "H5'1" H  N N 92  
ATP "H5'2" H  N N 93  
ATP "H4'"  H  N N 94  
ATP "H3'"  H  N N 95  
ATP "HO3'" H  N N 96  
ATP "H2'"  H  N N 97  
ATP "HO2'" H  N N 98  
ATP "H1'"  H  N N 99  
ATP H8     H  N N 100 
ATP HN61   H  N N 101 
ATP HN62   H  N N 102 
ATP H2     H  N N 103 
CYS N      N  N N 104 
CYS CA     C  N R 105 
CYS C      C  N N 106 
CYS O      O  N N 107 
CYS CB     C  N N 108 
CYS SG     S  N N 109 
CYS OXT    O  N N 110 
CYS H      H  N N 111 
CYS H2     H  N N 112 
CYS HA     H  N N 113 
CYS HB2    H  N N 114 
CYS HB3    H  N N 115 
CYS HG     H  N N 116 
CYS HXT    H  N N 117 
GLN N      N  N N 118 
GLN CA     C  N S 119 
GLN C      C  N N 120 
GLN O      O  N N 121 
GLN CB     C  N N 122 
GLN CG     C  N N 123 
GLN CD     C  N N 124 
GLN OE1    O  N N 125 
GLN NE2    N  N N 126 
GLN OXT    O  N N 127 
GLN H      H  N N 128 
GLN H2     H  N N 129 
GLN HA     H  N N 130 
GLN HB2    H  N N 131 
GLN HB3    H  N N 132 
GLN HG2    H  N N 133 
GLN HG3    H  N N 134 
GLN HE21   H  N N 135 
GLN HE22   H  N N 136 
GLN HXT    H  N N 137 
GLU N      N  N N 138 
GLU CA     C  N S 139 
GLU C      C  N N 140 
GLU O      O  N N 141 
GLU CB     C  N N 142 
GLU CG     C  N N 143 
GLU CD     C  N N 144 
GLU OE1    O  N N 145 
GLU OE2    O  N N 146 
GLU OXT    O  N N 147 
GLU H      H  N N 148 
GLU H2     H  N N 149 
GLU HA     H  N N 150 
GLU HB2    H  N N 151 
GLU HB3    H  N N 152 
GLU HG2    H  N N 153 
GLU HG3    H  N N 154 
GLU HE2    H  N N 155 
GLU HXT    H  N N 156 
GLY N      N  N N 157 
GLY CA     C  N N 158 
GLY C      C  N N 159 
GLY O      O  N N 160 
GLY OXT    O  N N 161 
GLY H      H  N N 162 
GLY H2     H  N N 163 
GLY HA2    H  N N 164 
GLY HA3    H  N N 165 
GLY HXT    H  N N 166 
HIS N      N  N N 167 
HIS CA     C  N S 168 
HIS C      C  N N 169 
HIS O      O  N N 170 
HIS CB     C  N N 171 
HIS CG     C  Y N 172 
HIS ND1    N  Y N 173 
HIS CD2    C  Y N 174 
HIS CE1    C  Y N 175 
HIS NE2    N  Y N 176 
HIS OXT    O  N N 177 
HIS H      H  N N 178 
HIS H2     H  N N 179 
HIS HA     H  N N 180 
HIS HB2    H  N N 181 
HIS HB3    H  N N 182 
HIS HD1    H  N N 183 
HIS HD2    H  N N 184 
HIS HE1    H  N N 185 
HIS HE2    H  N N 186 
HIS HXT    H  N N 187 
HOH O      O  N N 188 
HOH H1     H  N N 189 
HOH H2     H  N N 190 
ILE N      N  N N 191 
ILE CA     C  N S 192 
ILE C      C  N N 193 
ILE O      O  N N 194 
ILE CB     C  N S 195 
ILE CG1    C  N N 196 
ILE CG2    C  N N 197 
ILE CD1    C  N N 198 
ILE OXT    O  N N 199 
ILE H      H  N N 200 
ILE H2     H  N N 201 
ILE HA     H  N N 202 
ILE HB     H  N N 203 
ILE HG12   H  N N 204 
ILE HG13   H  N N 205 
ILE HG21   H  N N 206 
ILE HG22   H  N N 207 
ILE HG23   H  N N 208 
ILE HD11   H  N N 209 
ILE HD12   H  N N 210 
ILE HD13   H  N N 211 
ILE HXT    H  N N 212 
LEU N      N  N N 213 
LEU CA     C  N S 214 
LEU C      C  N N 215 
LEU O      O  N N 216 
LEU CB     C  N N 217 
LEU CG     C  N N 218 
LEU CD1    C  N N 219 
LEU CD2    C  N N 220 
LEU OXT    O  N N 221 
LEU H      H  N N 222 
LEU H2     H  N N 223 
LEU HA     H  N N 224 
LEU HB2    H  N N 225 
LEU HB3    H  N N 226 
LEU HG     H  N N 227 
LEU HD11   H  N N 228 
LEU HD12   H  N N 229 
LEU HD13   H  N N 230 
LEU HD21   H  N N 231 
LEU HD22   H  N N 232 
LEU HD23   H  N N 233 
LEU HXT    H  N N 234 
LYS N      N  N N 235 
LYS CA     C  N S 236 
LYS C      C  N N 237 
LYS O      O  N N 238 
LYS CB     C  N N 239 
LYS CG     C  N N 240 
LYS CD     C  N N 241 
LYS CE     C  N N 242 
LYS NZ     N  N N 243 
LYS OXT    O  N N 244 
LYS H      H  N N 245 
LYS H2     H  N N 246 
LYS HA     H  N N 247 
LYS HB2    H  N N 248 
LYS HB3    H  N N 249 
LYS HG2    H  N N 250 
LYS HG3    H  N N 251 
LYS HD2    H  N N 252 
LYS HD3    H  N N 253 
LYS HE2    H  N N 254 
LYS HE3    H  N N 255 
LYS HZ1    H  N N 256 
LYS HZ2    H  N N 257 
LYS HZ3    H  N N 258 
LYS HXT    H  N N 259 
MET N      N  N N 260 
MET CA     C  N S 261 
MET C      C  N N 262 
MET O      O  N N 263 
MET CB     C  N N 264 
MET CG     C  N N 265 
MET SD     S  N N 266 
MET CE     C  N N 267 
MET OXT    O  N N 268 
MET H      H  N N 269 
MET H2     H  N N 270 
MET HA     H  N N 271 
MET HB2    H  N N 272 
MET HB3    H  N N 273 
MET HG2    H  N N 274 
MET HG3    H  N N 275 
MET HE1    H  N N 276 
MET HE2    H  N N 277 
MET HE3    H  N N 278 
MET HXT    H  N N 279 
MG  MG     MG N N 280 
PHE N      N  N N 281 
PHE CA     C  N S 282 
PHE C      C  N N 283 
PHE O      O  N N 284 
PHE CB     C  N N 285 
PHE CG     C  Y N 286 
PHE CD1    C  Y N 287 
PHE CD2    C  Y N 288 
PHE CE1    C  Y N 289 
PHE CE2    C  Y N 290 
PHE CZ     C  Y N 291 
PHE OXT    O  N N 292 
PHE H      H  N N 293 
PHE H2     H  N N 294 
PHE HA     H  N N 295 
PHE HB2    H  N N 296 
PHE HB3    H  N N 297 
PHE HD1    H  N N 298 
PHE HD2    H  N N 299 
PHE HE1    H  N N 300 
PHE HE2    H  N N 301 
PHE HZ     H  N N 302 
PHE HXT    H  N N 303 
PRO N      N  N N 304 
PRO CA     C  N S 305 
PRO C      C  N N 306 
PRO O      O  N N 307 
PRO CB     C  N N 308 
PRO CG     C  N N 309 
PRO CD     C  N N 310 
PRO OXT    O  N N 311 
PRO H      H  N N 312 
PRO HA     H  N N 313 
PRO HB2    H  N N 314 
PRO HB3    H  N N 315 
PRO HG2    H  N N 316 
PRO HG3    H  N N 317 
PRO HD2    H  N N 318 
PRO HD3    H  N N 319 
PRO HXT    H  N N 320 
THR N      N  N N 321 
THR CA     C  N S 322 
THR C      C  N N 323 
THR O      O  N N 324 
THR CB     C  N R 325 
THR OG1    O  N N 326 
THR CG2    C  N N 327 
THR OXT    O  N N 328 
THR H      H  N N 329 
THR H2     H  N N 330 
THR HA     H  N N 331 
THR HB     H  N N 332 
THR HG1    H  N N 333 
THR HG21   H  N N 334 
THR HG22   H  N N 335 
THR HG23   H  N N 336 
THR HXT    H  N N 337 
TYR N      N  N N 338 
TYR CA     C  N S 339 
TYR C      C  N N 340 
TYR O      O  N N 341 
TYR CB     C  N N 342 
TYR CG     C  Y N 343 
TYR CD1    C  Y N 344 
TYR CD2    C  Y N 345 
TYR CE1    C  Y N 346 
TYR CE2    C  Y N 347 
TYR CZ     C  Y N 348 
TYR OH     O  N N 349 
TYR OXT    O  N N 350 
TYR H      H  N N 351 
TYR H2     H  N N 352 
TYR HA     H  N N 353 
TYR HB2    H  N N 354 
TYR HB3    H  N N 355 
TYR HD1    H  N N 356 
TYR HD2    H  N N 357 
TYR HE1    H  N N 358 
TYR HE2    H  N N 359 
TYR HH     H  N N 360 
TYR HXT    H  N N 361 
VAL N      N  N N 362 
VAL CA     C  N S 363 
VAL C      C  N N 364 
VAL O      O  N N 365 
VAL CB     C  N N 366 
VAL CG1    C  N N 367 
VAL CG2    C  N N 368 
VAL OXT    O  N N 369 
VAL H      H  N N 370 
VAL H2     H  N N 371 
VAL HA     H  N N 372 
VAL HB     H  N N 373 
VAL HG11   H  N N 374 
VAL HG12   H  N N 375 
VAL HG13   H  N N 376 
VAL HG21   H  N N 377 
VAL HG22   H  N N 378 
VAL HG23   H  N N 379 
VAL HXT    H  N N 380 
# 
loop_
_chem_comp_bond.comp_id 
_chem_comp_bond.atom_id_1 
_chem_comp_bond.atom_id_2 
_chem_comp_bond.value_order 
_chem_comp_bond.pdbx_aromatic_flag 
_chem_comp_bond.pdbx_stereo_config 
_chem_comp_bond.pdbx_ordinal 
ALA N     CA     sing N N 1   
ALA N     H      sing N N 2   
ALA N     H2     sing N N 3   
ALA CA    C      sing N N 4   
ALA CA    CB     sing N N 5   
ALA CA    HA     sing N N 6   
ALA C     O      doub N N 7   
ALA C     OXT    sing N N 8   
ALA CB    HB1    sing N N 9   
ALA CB    HB2    sing N N 10  
ALA CB    HB3    sing N N 11  
ALA OXT   HXT    sing N N 12  
ARG N     CA     sing N N 13  
ARG N     H      sing N N 14  
ARG N     H2     sing N N 15  
ARG CA    C      sing N N 16  
ARG CA    CB     sing N N 17  
ARG CA    HA     sing N N 18  
ARG C     O      doub N N 19  
ARG C     OXT    sing N N 20  
ARG CB    CG     sing N N 21  
ARG CB    HB2    sing N N 22  
ARG CB    HB3    sing N N 23  
ARG CG    CD     sing N N 24  
ARG CG    HG2    sing N N 25  
ARG CG    HG3    sing N N 26  
ARG CD    NE     sing N N 27  
ARG CD    HD2    sing N N 28  
ARG CD    HD3    sing N N 29  
ARG NE    CZ     sing N N 30  
ARG NE    HE     sing N N 31  
ARG CZ    NH1    sing N N 32  
ARG CZ    NH2    doub N N 33  
ARG NH1   HH11   sing N N 34  
ARG NH1   HH12   sing N N 35  
ARG NH2   HH21   sing N N 36  
ARG NH2   HH22   sing N N 37  
ARG OXT   HXT    sing N N 38  
ASP N     CA     sing N N 39  
ASP N     H      sing N N 40  
ASP N     H2     sing N N 41  
ASP CA    C      sing N N 42  
ASP CA    CB     sing N N 43  
ASP CA    HA     sing N N 44  
ASP C     O      doub N N 45  
ASP C     OXT    sing N N 46  
ASP CB    CG     sing N N 47  
ASP CB    HB2    sing N N 48  
ASP CB    HB3    sing N N 49  
ASP CG    OD1    doub N N 50  
ASP CG    OD2    sing N N 51  
ASP OD2   HD2    sing N N 52  
ASP OXT   HXT    sing N N 53  
ATP PG    O1G    doub N N 54  
ATP PG    O2G    sing N N 55  
ATP PG    O3G    sing N N 56  
ATP PG    O3B    sing N N 57  
ATP O2G   HOG2   sing N N 58  
ATP O3G   HOG3   sing N N 59  
ATP PB    O1B    doub N N 60  
ATP PB    O2B    sing N N 61  
ATP PB    O3B    sing N N 62  
ATP PB    O3A    sing N N 63  
ATP O2B   HOB2   sing N N 64  
ATP PA    O1A    doub N N 65  
ATP PA    O2A    sing N N 66  
ATP PA    O3A    sing N N 67  
ATP PA    "O5'"  sing N N 68  
ATP O2A   HOA2   sing N N 69  
ATP "O5'" "C5'"  sing N N 70  
ATP "C5'" "C4'"  sing N N 71  
ATP "C5'" "H5'1" sing N N 72  
ATP "C5'" "H5'2" sing N N 73  
ATP "C4'" "O4'"  sing N N 74  
ATP "C4'" "C3'"  sing N N 75  
ATP "C4'" "H4'"  sing N N 76  
ATP "O4'" "C1'"  sing N N 77  
ATP "C3'" "O3'"  sing N N 78  
ATP "C3'" "C2'"  sing N N 79  
ATP "C3'" "H3'"  sing N N 80  
ATP "O3'" "HO3'" sing N N 81  
ATP "C2'" "O2'"  sing N N 82  
ATP "C2'" "C1'"  sing N N 83  
ATP "C2'" "H2'"  sing N N 84  
ATP "O2'" "HO2'" sing N N 85  
ATP "C1'" N9     sing N N 86  
ATP "C1'" "H1'"  sing N N 87  
ATP N9    C8     sing Y N 88  
ATP N9    C4     sing Y N 89  
ATP C8    N7     doub Y N 90  
ATP C8    H8     sing N N 91  
ATP N7    C5     sing Y N 92  
ATP C5    C6     sing Y N 93  
ATP C5    C4     doub Y N 94  
ATP C6    N6     sing N N 95  
ATP C6    N1     doub Y N 96  
ATP N6    HN61   sing N N 97  
ATP N6    HN62   sing N N 98  
ATP N1    C2     sing Y N 99  
ATP C2    N3     doub Y N 100 
ATP C2    H2     sing N N 101 
ATP N3    C4     sing Y N 102 
CYS N     CA     sing N N 103 
CYS N     H      sing N N 104 
CYS N     H2     sing N N 105 
CYS CA    C      sing N N 106 
CYS CA    CB     sing N N 107 
CYS CA    HA     sing N N 108 
CYS C     O      doub N N 109 
CYS C     OXT    sing N N 110 
CYS CB    SG     sing N N 111 
CYS CB    HB2    sing N N 112 
CYS CB    HB3    sing N N 113 
CYS SG    HG     sing N N 114 
CYS OXT   HXT    sing N N 115 
GLN N     CA     sing N N 116 
GLN N     H      sing N N 117 
GLN N     H2     sing N N 118 
GLN CA    C      sing N N 119 
GLN CA    CB     sing N N 120 
GLN CA    HA     sing N N 121 
GLN C     O      doub N N 122 
GLN C     OXT    sing N N 123 
GLN CB    CG     sing N N 124 
GLN CB    HB2    sing N N 125 
GLN CB    HB3    sing N N 126 
GLN CG    CD     sing N N 127 
GLN CG    HG2    sing N N 128 
GLN CG    HG3    sing N N 129 
GLN CD    OE1    doub N N 130 
GLN CD    NE2    sing N N 131 
GLN NE2   HE21   sing N N 132 
GLN NE2   HE22   sing N N 133 
GLN OXT   HXT    sing N N 134 
GLU N     CA     sing N N 135 
GLU N     H      sing N N 136 
GLU N     H2     sing N N 137 
GLU CA    C      sing N N 138 
GLU CA    CB     sing N N 139 
GLU CA    HA     sing N N 140 
GLU C     O      doub N N 141 
GLU C     OXT    sing N N 142 
GLU CB    CG     sing N N 143 
GLU CB    HB2    sing N N 144 
GLU CB    HB3    sing N N 145 
GLU CG    CD     sing N N 146 
GLU CG    HG2    sing N N 147 
GLU CG    HG3    sing N N 148 
GLU CD    OE1    doub N N 149 
GLU CD    OE2    sing N N 150 
GLU OE2   HE2    sing N N 151 
GLU OXT   HXT    sing N N 152 
GLY N     CA     sing N N 153 
GLY N     H      sing N N 154 
GLY N     H2     sing N N 155 
GLY CA    C      sing N N 156 
GLY CA    HA2    sing N N 157 
GLY CA    HA3    sing N N 158 
GLY C     O      doub N N 159 
GLY C     OXT    sing N N 160 
GLY OXT   HXT    sing N N 161 
HIS N     CA     sing N N 162 
HIS N     H      sing N N 163 
HIS N     H2     sing N N 164 
HIS CA    C      sing N N 165 
HIS CA    CB     sing N N 166 
HIS CA    HA     sing N N 167 
HIS C     O      doub N N 168 
HIS C     OXT    sing N N 169 
HIS CB    CG     sing N N 170 
HIS CB    HB2    sing N N 171 
HIS CB    HB3    sing N N 172 
HIS CG    ND1    sing Y N 173 
HIS CG    CD2    doub Y N 174 
HIS ND1   CE1    doub Y N 175 
HIS ND1   HD1    sing N N 176 
HIS CD2   NE2    sing Y N 177 
HIS CD2   HD2    sing N N 178 
HIS CE1   NE2    sing Y N 179 
HIS CE1   HE1    sing N N 180 
HIS NE2   HE2    sing N N 181 
HIS OXT   HXT    sing N N 182 
HOH O     H1     sing N N 183 
HOH O     H2     sing N N 184 
ILE N     CA     sing N N 185 
ILE N     H      sing N N 186 
ILE N     H2     sing N N 187 
ILE CA    C      sing N N 188 
ILE CA    CB     sing N N 189 
ILE CA    HA     sing N N 190 
ILE C     O      doub N N 191 
ILE C     OXT    sing N N 192 
ILE CB    CG1    sing N N 193 
ILE CB    CG2    sing N N 194 
ILE CB    HB     sing N N 195 
ILE CG1   CD1    sing N N 196 
ILE CG1   HG12   sing N N 197 
ILE CG1   HG13   sing N N 198 
ILE CG2   HG21   sing N N 199 
ILE CG2   HG22   sing N N 200 
ILE CG2   HG23   sing N N 201 
ILE CD1   HD11   sing N N 202 
ILE CD1   HD12   sing N N 203 
ILE CD1   HD13   sing N N 204 
ILE OXT   HXT    sing N N 205 
LEU N     CA     sing N N 206 
LEU N     H      sing N N 207 
LEU N     H2     sing N N 208 
LEU CA    C      sing N N 209 
LEU CA    CB     sing N N 210 
LEU CA    HA     sing N N 211 
LEU C     O      doub N N 212 
LEU C     OXT    sing N N 213 
LEU CB    CG     sing N N 214 
LEU CB    HB2    sing N N 215 
LEU CB    HB3    sing N N 216 
LEU CG    CD1    sing N N 217 
LEU CG    CD2    sing N N 218 
LEU CG    HG     sing N N 219 
LEU CD1   HD11   sing N N 220 
LEU CD1   HD12   sing N N 221 
LEU CD1   HD13   sing N N 222 
LEU CD2   HD21   sing N N 223 
LEU CD2   HD22   sing N N 224 
LEU CD2   HD23   sing N N 225 
LEU OXT   HXT    sing N N 226 
LYS N     CA     sing N N 227 
LYS N     H      sing N N 228 
LYS N     H2     sing N N 229 
LYS CA    C      sing N N 230 
LYS CA    CB     sing N N 231 
LYS CA    HA     sing N N 232 
LYS C     O      doub N N 233 
LYS C     OXT    sing N N 234 
LYS CB    CG     sing N N 235 
LYS CB    HB2    sing N N 236 
LYS CB    HB3    sing N N 237 
LYS CG    CD     sing N N 238 
LYS CG    HG2    sing N N 239 
LYS CG    HG3    sing N N 240 
LYS CD    CE     sing N N 241 
LYS CD    HD2    sing N N 242 
LYS CD    HD3    sing N N 243 
LYS CE    NZ     sing N N 244 
LYS CE    HE2    sing N N 245 
LYS CE    HE3    sing N N 246 
LYS NZ    HZ1    sing N N 247 
LYS NZ    HZ2    sing N N 248 
LYS NZ    HZ3    sing N N 249 
LYS OXT   HXT    sing N N 250 
MET N     CA     sing N N 251 
MET N     H      sing N N 252 
MET N     H2     sing N N 253 
MET CA    C      sing N N 254 
MET CA    CB     sing N N 255 
MET CA    HA     sing N N 256 
MET C     O      doub N N 257 
MET C     OXT    sing N N 258 
MET CB    CG     sing N N 259 
MET CB    HB2    sing N N 260 
MET CB    HB3    sing N N 261 
MET CG    SD     sing N N 262 
MET CG    HG2    sing N N 263 
MET CG    HG3    sing N N 264 
MET SD    CE     sing N N 265 
MET CE    HE1    sing N N 266 
MET CE    HE2    sing N N 267 
MET CE    HE3    sing N N 268 
MET OXT   HXT    sing N N 269 
PHE N     CA     sing N N 270 
PHE N     H      sing N N 271 
PHE N     H2     sing N N 272 
PHE CA    C      sing N N 273 
PHE CA    CB     sing N N 274 
PHE CA    HA     sing N N 275 
PHE C     O      doub N N 276 
PHE C     OXT    sing N N 277 
PHE CB    CG     sing N N 278 
PHE CB    HB2    sing N N 279 
PHE CB    HB3    sing N N 280 
PHE CG    CD1    doub Y N 281 
PHE CG    CD2    sing Y N 282 
PHE CD1   CE1    sing Y N 283 
PHE CD1   HD1    sing N N 284 
PHE CD2   CE2    doub Y N 285 
PHE CD2   HD2    sing N N 286 
PHE CE1   CZ     doub Y N 287 
PHE CE1   HE1    sing N N 288 
PHE CE2   CZ     sing Y N 289 
PHE CE2   HE2    sing N N 290 
PHE CZ    HZ     sing N N 291 
PHE OXT   HXT    sing N N 292 
PRO N     CA     sing N N 293 
PRO N     CD     sing N N 294 
PRO N     H      sing N N 295 
PRO CA    C      sing N N 296 
PRO CA    CB     sing N N 297 
PRO CA    HA     sing N N 298 
PRO C     O      doub N N 299 
PRO C     OXT    sing N N 300 
PRO CB    CG     sing N N 301 
PRO CB    HB2    sing N N 302 
PRO CB    HB3    sing N N 303 
PRO CG    CD     sing N N 304 
PRO CG    HG2    sing N N 305 
PRO CG    HG3    sing N N 306 
PRO CD    HD2    sing N N 307 
PRO CD    HD3    sing N N 308 
PRO OXT   HXT    sing N N 309 
THR N     CA     sing N N 310 
THR N     H      sing N N 311 
THR N     H2     sing N N 312 
THR CA    C      sing N N 313 
THR CA    CB     sing N N 314 
THR CA    HA     sing N N 315 
THR C     O      doub N N 316 
THR C     OXT    sing N N 317 
THR CB    OG1    sing N N 318 
THR CB    CG2    sing N N 319 
THR CB    HB     sing N N 320 
THR OG1   HG1    sing N N 321 
THR CG2   HG21   sing N N 322 
THR CG2   HG22   sing N N 323 
THR CG2   HG23   sing N N 324 
THR OXT   HXT    sing N N 325 
TYR N     CA     sing N N 326 
TYR N     H      sing N N 327 
TYR N     H2     sing N N 328 
TYR CA    C      sing N N 329 
TYR CA    CB     sing N N 330 
TYR CA    HA     sing N N 331 
TYR C     O      doub N N 332 
TYR C     OXT    sing N N 333 
TYR CB    CG     sing N N 334 
TYR CB    HB2    sing N N 335 
TYR CB    HB3    sing N N 336 
TYR CG    CD1    doub Y N 337 
TYR CG    CD2    sing Y N 338 
TYR CD1   CE1    sing Y N 339 
TYR CD1   HD1    sing N N 340 
TYR CD2   CE2    doub Y N 341 
TYR CD2   HD2    sing N N 342 
TYR CE1   CZ     doub Y N 343 
TYR CE1   HE1    sing N N 344 
TYR CE2   CZ     sing Y N 345 
TYR CE2   HE2    sing N N 346 
TYR CZ    OH     sing N N 347 
TYR OH    HH     sing N N 348 
TYR OXT   HXT    sing N N 349 
VAL N     CA     sing N N 350 
VAL N     H      sing N N 351 
VAL N     H2     sing N N 352 
VAL CA    C      sing N N 353 
VAL CA    CB     sing N N 354 
VAL CA    HA     sing N N 355 
VAL C     O      doub N N 356 
VAL C     OXT    sing N N 357 
VAL CB    CG1    sing N N 358 
VAL CB    CG2    sing N N 359 
VAL CB    HB     sing N N 360 
VAL CG1   HG11   sing N N 361 
VAL CG1   HG12   sing N N 362 
VAL CG1   HG13   sing N N 363 
VAL CG2   HG21   sing N N 364 
VAL CG2   HG22   sing N N 365 
VAL CG2   HG23   sing N N 366 
VAL OXT   HXT    sing N N 367 
# 
loop_
_pdbx_audit_support.funding_organization 
_pdbx_audit_support.country 
_pdbx_audit_support.grant_number 
_pdbx_audit_support.ordinal 
'Spanish Government' Spain BFU2011-30407   1 
'Spanish Government' Spain BFU2014-58229-P 2 
# 
_pdbx_initial_refinement_model.id               1 
_pdbx_initial_refinement_model.entity_id_list   ? 
_pdbx_initial_refinement_model.type             'experimental model' 
_pdbx_initial_refinement_model.source_name      PDB 
_pdbx_initial_refinement_model.accession_code   1PIL 
_pdbx_initial_refinement_model.details          ? 
# 
_atom_sites.entry_id                    5L9N 
_atom_sites.fract_transf_matrix[1][1]   -0.01116099 
_atom_sites.fract_transf_matrix[1][2]   0.00122271 
_atom_sites.fract_transf_matrix[1][3]   -0.00075324 
_atom_sites.fract_transf_matrix[2][1]   0.00143124 
_atom_sites.fract_transf_matrix[2][2]   0.00898516 
_atom_sites.fract_transf_matrix[2][3]   -0.00662181 
_atom_sites.fract_transf_matrix[3][1]   -0.00011806 
_atom_sites.fract_transf_matrix[3][2]   -0.00666347 
_atom_sites.fract_transf_matrix[3][3]   -0.00906721 
_atom_sites.fract_transf_vector[1]      -0.180932 
_atom_sites.fract_transf_vector[2]      0.186488 
_atom_sites.fract_transf_vector[3]      -0.154309 
# 
loop_
_atom_type.symbol 
C  
MG 
N  
O  
P  
S  
# 
loop_
_atom_site.group_PDB 
_atom_site.id 
_atom_site.type_symbol 
_atom_site.label_atom_id 
_atom_site.label_alt_id 
_atom_site.label_comp_id 
_atom_site.label_asym_id 
_atom_site.label_entity_id 
_atom_site.label_seq_id 
_atom_site.pdbx_PDB_ins_code 
_atom_site.Cartn_x 
_atom_site.Cartn_y 
_atom_site.Cartn_z 
_atom_site.occupancy 
_atom_site.B_iso_or_equiv 
_atom_site.pdbx_formal_charge 
_atom_site.auth_seq_id 
_atom_site.auth_comp_id 
_atom_site.auth_asym_id 
_atom_site.auth_atom_id 
_atom_site.pdbx_PDB_model_num 
ATOM   1   N  N     . MET A 1 1   ? -10.644 6.508   8.071   1.00 50.99  ? 1   MET A N     1 
ATOM   2   C  CA    . MET A 1 1   ? -9.839  5.828   7.058   1.00 54.88  ? 1   MET A CA    1 
ATOM   3   C  C     . MET A 1 1   ? -8.470  5.445   7.608   1.00 48.74  ? 1   MET A C     1 
ATOM   4   O  O     . MET A 1 1   ? -8.074  5.893   8.684   1.00 45.62  ? 1   MET A O     1 
ATOM   5   C  CB    . MET A 1 1   ? -9.680  6.706   5.814   1.00 51.94  ? 1   MET A CB    1 
ATOM   6   C  CG    . MET A 1 1   ? -10.907 6.704   4.920   1.00 62.42  ? 1   MET A CG    1 
ATOM   7   S  SD    . MET A 1 1   ? -10.782 7.868   3.556   1.00 83.81  ? 1   MET A SD    1 
ATOM   8   C  CE    . MET A 1 1   ? -10.338 6.799   2.189   1.00 45.15  ? 1   MET A CE    1 
ATOM   9   N  N     . LYS A 1 2   ? -7.747  4.609   6.870   1.00 40.07  ? 2   LYS A N     1 
ATOM   10  C  CA    . LYS A 1 2   ? -6.425  4.191   7.308   1.00 30.81  ? 2   LYS A CA    1 
ATOM   11  C  C     . LYS A 1 2   ? -5.414  4.390   6.199   1.00 31.70  ? 2   LYS A C     1 
ATOM   12  O  O     . LYS A 1 2   ? -5.743  4.288   5.021   1.00 35.97  ? 2   LYS A O     1 
ATOM   13  C  CB    . LYS A 1 2   ? -6.434  2.724   7.738   1.00 34.67  ? 2   LYS A CB    1 
ATOM   14  C  CG    . LYS A 1 2   ? -7.411  2.408   8.861   1.00 38.43  ? 2   LYS A CG    1 
ATOM   15  C  CD    . LYS A 1 2   ? -6.850  2.816   10.209  1.00 37.34  ? 2   LYS A CD    1 
ATOM   16  C  CE    . LYS A 1 2   ? -7.852  2.514   11.317  1.00 45.21  ? 2   LYS A CE    1 
ATOM   17  N  NZ    . LYS A 1 2   ? -9.009  3.462   11.290  1.00 42.89  ? 2   LYS A NZ    1 
ATOM   18  N  N     . LYS A 1 3   ? -4.179  4.657   6.575   1.00 33.27  ? 3   LYS A N     1 
ATOM   19  C  CA    . LYS A 1 3   ? -3.123  4.660   5.587   1.00 31.69  ? 3   LYS A CA    1 
ATOM   20  C  C     . LYS A 1 3   ? -2.351  3.358   5.686   1.00 32.77  ? 3   LYS A C     1 
ATOM   21  O  O     . LYS A 1 3   ? -1.892  2.969   6.759   1.00 34.55  ? 3   LYS A O     1 
ATOM   22  C  CB    . LYS A 1 3   ? -2.203  5.860   5.781   1.00 30.64  ? 3   LYS A CB    1 
ATOM   23  C  CG    . LYS A 1 3   ? -0.976  5.820   4.903   1.00 32.76  ? 3   LYS A CG    1 
ATOM   24  C  CD    . LYS A 1 3   ? -0.657  7.212   4.440   1.00 39.55  ? 3   LYS A CD    1 
ATOM   25  C  CE    . LYS A 1 3   ? 0.815   7.404   4.280   1.00 45.56  ? 3   LYS A CE    1 
ATOM   26  N  NZ    . LYS A 1 3   ? 1.560   7.029   5.498   1.00 42.69  ? 3   LYS A NZ    1 
ATOM   27  N  N     . ILE A 1 4   ? -2.203  2.693   4.548   1.00 30.43  ? 4   ILE A N     1 
ATOM   28  C  CA    . ILE A 1 4   ? -1.446  1.463   4.478   1.00 31.79  ? 4   ILE A CA    1 
ATOM   29  C  C     . ILE A 1 4   ? -0.124  1.709   3.760   1.00 30.72  ? 4   ILE A C     1 
ATOM   30  O  O     . ILE A 1 4   ? -0.113  2.128   2.595   1.00 29.65  ? 4   ILE A O     1 
ATOM   31  C  CB    . ILE A 1 4   ? -2.244  0.368   3.759   1.00 38.49  ? 4   ILE A CB    1 
ATOM   32  C  CG1   . ILE A 1 4   ? -3.610  0.173   4.440   1.00 34.52  ? 4   ILE A CG1   1 
ATOM   33  C  CG2   . ILE A 1 4   ? -1.447  -0.931  3.712   1.00 27.75  ? 4   ILE A CG2   1 
ATOM   34  C  CD1   . ILE A 1 4   ? -4.552  -0.736  3.690   1.00 37.44  ? 4   ILE A CD1   1 
ATOM   35  N  N     . ASP A 1 5   ? 0.971   1.492   4.482   1.00 28.45  ? 5   ASP A N     1 
ATOM   36  C  CA    . ASP A 1 5   ? 2.328   1.543   3.935   1.00 28.11  ? 5   ASP A CA    1 
ATOM   37  C  C     . ASP A 1 5   ? 2.810   0.139   3.709   1.00 34.80  ? 5   ASP A C     1 
ATOM   38  O  O     . ASP A 1 5   ? 2.960   -0.616  4.659   1.00 34.11  ? 5   ASP A O     1 
ATOM   39  C  CB    . ASP A 1 5   ? 3.314   2.222   4.883   1.00 33.04  ? 5   ASP A CB    1 
ATOM   40  C  CG    . ASP A 1 5   ? 3.061   3.687   5.051   1.00 37.66  ? 5   ASP A CG    1 
ATOM   41  O  OD1   . ASP A 1 5   ? 2.004   4.168   4.594   1.00 37.94  ? 5   ASP A OD1   1 
ATOM   42  O  OD2   . ASP A 1 5   ? 3.932   4.352   5.652   1.00 43.66  ? 5   ASP A OD2   1 
ATOM   43  N  N     . ALA A 1 6   ? 3.087   -0.213  2.465   1.00 27.25  ? 6   ALA A N     1 
ATOM   44  C  CA    . ALA A 1 6   ? 3.706   -1.498  2.201   1.00 24.29  ? 6   ALA A CA    1 
ATOM   45  C  C     . ALA A 1 6   ? 5.100   -1.295  1.634   1.00 24.71  ? 6   ALA A C     1 
ATOM   46  O  O     . ALA A 1 6   ? 5.262   -0.610  0.625   1.00 25.57  ? 6   ALA A O     1 
ATOM   47  C  CB    . ALA A 1 6   ? 2.847   -2.315  1.236   1.00 28.90  ? 6   ALA A CB    1 
ATOM   48  N  N     . ILE A 1 7   ? 6.103   -1.872  2.287   1.00 22.40  ? 7   ILE A N     1 
ATOM   49  C  CA    . ILE A 1 7   ? 7.456   -1.843  1.753   1.00 21.36  ? 7   ILE A CA    1 
ATOM   50  C  C     . ILE A 1 7   ? 7.724   -3.153  1.045   1.00 24.39  ? 7   ILE A C     1 
ATOM   51  O  O     . ILE A 1 7   ? 7.766   -4.210  1.689   1.00 27.27  ? 7   ILE A O     1 
ATOM   52  C  CB    . ILE A 1 7   ? 8.508   -1.640  2.842   1.00 25.04  ? 7   ILE A CB    1 
ATOM   53  C  CG1   . ILE A 1 7   ? 8.052   -0.553  3.807   1.00 26.49  ? 7   ILE A CG1   1 
ATOM   54  C  CG2   . ILE A 1 7   ? 9.876   -1.358  2.214   1.00 26.66  ? 7   ILE A CG2   1 
ATOM   55  C  CD1   . ILE A 1 7   ? 7.972   0.777   3.150   1.00 27.28  ? 7   ILE A CD1   1 
ATOM   56  N  N     . ILE A 1 8   ? 7.863   -3.108  -0.276  1.00 21.80  ? 8   ILE A N     1 
ATOM   57  C  CA    . ILE A 1 8   ? 7.976   -4.345  -1.047  1.00 22.90  ? 8   ILE A CA    1 
ATOM   58  C  C     . ILE A 1 8   ? 9.157   -4.376  -2.037  1.00 29.36  ? 8   ILE A C     1 
ATOM   59  O  O     . ILE A 1 8   ? 9.835   -3.370  -2.292  1.00 23.52  ? 8   ILE A O     1 
ATOM   60  C  CB    . ILE A 1 8   ? 6.683   -4.624  -1.844  1.00 24.11  ? 8   ILE A CB    1 
ATOM   61  C  CG1   . ILE A 1 8   ? 6.453   -3.514  -2.858  1.00 27.75  ? 8   ILE A CG1   1 
ATOM   62  C  CG2   . ILE A 1 8   ? 5.469   -4.710  -0.935  1.00 29.11  ? 8   ILE A CG2   1 
ATOM   63  C  CD1   . ILE A 1 8   ? 5.296   -3.792  -3.801  1.00 32.34  ? 8   ILE A CD1   1 
ATOM   64  N  N     . LYS A 1 9   ? 9.401   -5.551  -2.606  1.00 25.69  ? 9   LYS A N     1 
ATOM   65  C  CA    . LYS A 1 9   ? 10.410  -5.658  -3.652  1.00 25.48  ? 9   LYS A CA    1 
ATOM   66  C  C     . LYS A 1 9   ? 9.901   -4.899  -4.874  1.00 22.31  ? 9   LYS A C     1 
ATOM   67  O  O     . LYS A 1 9   ? 8.701   -4.892  -5.165  1.00 27.07  ? 9   LYS A O     1 
ATOM   68  C  CB    . LYS A 1 9   ? 10.718  -7.124  -3.962  1.00 29.82  ? 9   LYS A CB    1 
ATOM   69  C  CG    . LYS A 1 9   ? 11.356  -7.858  -2.776  1.00 29.45  ? 9   LYS A CG    1 
ATOM   70  C  CD    . LYS A 1 9   ? 11.313  -9.367  -2.968  1.00 41.84  ? 9   LYS A CD    1 
ATOM   71  C  CE    . LYS A 1 9   ? 12.133  -10.092 -1.918  1.00 51.47  ? 9   LYS A CE    1 
ATOM   72  N  NZ    . LYS A 1 9   ? 12.056  -11.568 -2.107  1.00 59.71  ? 9   LYS A NZ    1 
ATOM   73  N  N     . PRO A 1 10  ? 10.805  -4.200  -5.564  1.00 24.86  ? 10  PRO A N     1 
ATOM   74  C  CA    . PRO A 1 10  ? 10.374  -3.286  -6.624  1.00 26.23  ? 10  PRO A CA    1 
ATOM   75  C  C     . PRO A 1 10  ? 9.598   -3.983  -7.731  1.00 29.11  ? 10  PRO A C     1 
ATOM   76  O  O     . PRO A 1 10  ? 8.644   -3.408  -8.246  1.00 29.07  ? 10  PRO A O     1 
ATOM   77  C  CB    . PRO A 1 10  ? 11.693  -2.729  -7.164  1.00 27.97  ? 10  PRO A CB    1 
ATOM   78  C  CG    . PRO A 1 10  ? 12.639  -2.829  -6.006  1.00 29.19  ? 10  PRO A CG    1 
ATOM   79  C  CD    . PRO A 1 10  ? 12.258  -4.131  -5.330  1.00 30.63  ? 10  PRO A CD    1 
ATOM   80  N  N     . PHE A 1 11  ? 9.995   -5.202  -8.072  1.00 22.43  ? 11  PHE A N     1 
ATOM   81  C  CA    . PHE A 1 11  ? 9.357   -5.935  -9.156  1.00 25.93  ? 11  PHE A CA    1 
ATOM   82  C  C     . PHE A 1 11  ? 8.027   -6.531  -8.700  1.00 31.26  ? 11  PHE A C     1 
ATOM   83  O  O     . PHE A 1 11  ? 7.350   -7.197  -9.470  1.00 30.15  ? 11  PHE A O     1 
ATOM   84  C  CB    . PHE A 1 11  ? 10.286  -7.036  -9.681  1.00 27.81  ? 11  PHE A CB    1 
ATOM   85  C  CG    . PHE A 1 11  ? 10.744  -7.995  -8.616  1.00 36.57  ? 11  PHE A CG    1 
ATOM   86  C  CD1   . PHE A 1 11  ? 9.913   -9.019  -8.179  1.00 40.66  ? 11  PHE A CD1   1 
ATOM   87  C  CD2   . PHE A 1 11  ? 11.994  -7.858  -8.035  1.00 43.51  ? 11  PHE A CD2   1 
ATOM   88  C  CE1   . PHE A 1 11  ? 10.326  -9.896  -7.192  1.00 46.27  ? 11  PHE A CE1   1 
ATOM   89  C  CE2   . PHE A 1 11  ? 12.412  -8.728  -7.044  1.00 41.85  ? 11  PHE A CE2   1 
ATOM   90  C  CZ    . PHE A 1 11  ? 11.580  -9.753  -6.625  1.00 44.41  ? 11  PHE A CZ    1 
ATOM   91  N  N     . LYS A 1 12  ? 7.644   -6.289  -7.447  1.00 26.26  ? 12  LYS A N     1 
ATOM   92  C  CA    . LYS A 1 12  ? 6.311   -6.706  -7.013  1.00 21.12  ? 12  LYS A CA    1 
ATOM   93  C  C     . LYS A 1 12  ? 5.280   -5.568  -7.126  1.00 21.26  ? 12  LYS A C     1 
ATOM   94  O  O     . LYS A 1 12  ? 4.083   -5.789  -6.895  1.00 24.84  ? 12  LYS A O     1 
ATOM   95  C  CB    . LYS A 1 12  ? 6.358   -7.221  -5.568  1.00 29.06  ? 12  LYS A CB    1 
ATOM   96  C  CG    . LYS A 1 12  ? 6.950   -8.620  -5.422  1.00 27.16  ? 12  LYS A CG    1 
ATOM   97  C  CD    . LYS A 1 12  ? 5.957   -9.683  -5.883  1.00 38.96  ? 12  LYS A CD    1 
ATOM   98  C  CE    . LYS A 1 12  ? 6.377   -11.077 -5.434  1.00 47.09  ? 12  LYS A CE    1 
ATOM   99  N  NZ    . LYS A 1 12  ? 5.348   -12.115 -5.778  1.00 49.16  ? 12  LYS A NZ    1 
ATOM   100 N  N     . LEU A 1 13  ? 5.714   -4.367  -7.506  1.00 23.76  ? 13  LEU A N     1 
ATOM   101 C  CA    . LEU A 1 13  ? 4.768   -3.248  -7.626  1.00 23.89  ? 13  LEU A CA    1 
ATOM   102 C  C     . LEU A 1 13  ? 3.628   -3.524  -8.603  1.00 22.94  ? 13  LEU A C     1 
ATOM   103 O  O     . LEU A 1 13  ? 2.470   -3.298  -8.266  1.00 26.66  ? 13  LEU A O     1 
ATOM   104 C  CB    . LEU A 1 13  ? 5.482   -1.950  -8.038  1.00 24.13  ? 13  LEU A CB    1 
ATOM   105 C  CG    . LEU A 1 13  ? 4.597   -0.720  -8.276  1.00 23.72  ? 13  LEU A CG    1 
ATOM   106 C  CD1   . LEU A 1 13  ? 3.788   -0.338  -7.045  1.00 26.58  ? 13  LEU A CD1   1 
ATOM   107 C  CD2   . LEU A 1 13  ? 5.461   0.463   -8.708  1.00 26.75  ? 13  LEU A CD2   1 
ATOM   108 N  N     . ASP A 1 14  ? 3.926   -4.001  -9.812  1.00 25.41  ? 14  ASP A N     1 
ATOM   109 C  CA    . ASP A 1 14  ? 2.839   -4.166  -10.763 1.00 24.68  ? 14  ASP A CA    1 
ATOM   110 C  C     . ASP A 1 14  ? 1.909   -5.299  -10.309 1.00 31.65  ? 14  ASP A C     1 
ATOM   111 O  O     . ASP A 1 14  ? 0.691   -5.185  -10.479 1.00 30.32  ? 14  ASP A O     1 
ATOM   112 C  CB    . ASP A 1 14  ? 3.348   -4.373  -12.216 1.00 30.26  ? 14  ASP A CB    1 
ATOM   113 C  CG    . ASP A 1 14  ? 4.299   -5.559  -12.393 1.00 32.89  ? 14  ASP A CG    1 
ATOM   114 O  OD1   . ASP A 1 14  ? 4.780   -6.186  -11.419 1.00 30.72  ? 14  ASP A OD1   1 
ATOM   115 O  OD2   . ASP A 1 14  ? 4.591   -5.855  -13.569 1.00 28.91  ? 14  ASP A OD2   1 
ATOM   116 N  N     . ASP A 1 15  ? 2.455   -6.344  -9.671  1.00 23.65  ? 15  ASP A N     1 
ATOM   117 C  CA    . ASP A 1 15  ? 1.604   -7.401  -9.099  1.00 28.36  ? 15  ASP A CA    1 
ATOM   118 C  C     . ASP A 1 15  ? 0.584   -6.807  -8.153  1.00 29.19  ? 15  ASP A C     1 
ATOM   119 O  O     . ASP A 1 15  ? -0.600  -7.125  -8.207  1.00 31.81  ? 15  ASP A O     1 
ATOM   120 C  CB    . ASP A 1 15  ? 2.417   -8.443  -8.320  1.00 28.08  ? 15  ASP A CB    1 
ATOM   121 C  CG    . ASP A 1 15  ? 3.494   -9.108  -9.148  1.00 35.03  ? 15  ASP A CG    1 
ATOM   122 O  OD1   . ASP A 1 15  ? 4.319   -8.399  -9.754  1.00 30.53  ? 15  ASP A OD1   1 
ATOM   123 O  OD2   . ASP A 1 15  ? 3.516   -10.363 -9.169  1.00 40.14  ? 15  ASP A OD2   1 
ATOM   124 N  N     . VAL A 1 16  ? 1.068   -5.965  -7.246  1.00 25.63  ? 16  VAL A N     1 
ATOM   125 C  CA    . VAL A 1 16  ? 0.225   -5.436  -6.180  1.00 24.40  ? 16  VAL A CA    1 
ATOM   126 C  C     . VAL A 1 16  ? -0.778  -4.461  -6.763  1.00 33.45  ? 16  VAL A C     1 
ATOM   127 O  O     . VAL A 1 16  ? -1.954  -4.481  -6.394  1.00 33.93  ? 16  VAL A O     1 
ATOM   128 C  CB    . VAL A 1 16  ? 1.066   -4.759  -5.073  1.00 27.79  ? 16  VAL A CB    1 
ATOM   129 C  CG1   . VAL A 1 16  ? 0.178   -4.007  -4.077  1.00 31.32  ? 16  VAL A CG1   1 
ATOM   130 C  CG2   . VAL A 1 16  ? 1.922   -5.803  -4.347  1.00 26.73  ? 16  VAL A CG2   1 
ATOM   131 N  N     . ARG A 1 17  ? -0.323  -3.618  -7.684  1.00 25.15  ? 17  ARG A N     1 
ATOM   132 C  CA    . ARG A 1 17  ? -1.248  -2.670  -8.313  1.00 28.60  ? 17  ARG A CA    1 
ATOM   133 C  C     . ARG A 1 17  ? -2.374  -3.382  -9.007  1.00 34.01  ? 17  ARG A C     1 
ATOM   134 O  O     . ARG A 1 17  ? -3.533  -2.997  -8.875  1.00 38.48  ? 17  ARG A O     1 
ATOM   135 C  CB    . ARG A 1 17  ? -0.522  -1.770  -9.306  1.00 31.58  ? 17  ARG A CB    1 
ATOM   136 C  CG    . ARG A 1 17  ? 0.335   -0.705  -8.656  1.00 36.38  ? 17  ARG A CG    1 
ATOM   137 C  CD    . ARG A 1 17  ? 0.743   0.314   -9.694  1.00 42.23  ? 17  ARG A CD    1 
ATOM   138 N  NE    . ARG A 1 17  ? -0.444  0.877   -10.325 1.00 45.64  ? 17  ARG A NE    1 
ATOM   139 C  CZ    . ARG A 1 17  ? -0.537  1.183   -11.614 1.00 52.43  ? 17  ARG A CZ    1 
ATOM   140 N  NH1   . ARG A 1 17  ? -1.666  1.695   -12.083 1.00 54.10  ? 17  ARG A NH1   1 
ATOM   141 N  NH2   . ARG A 1 17  ? 0.496   0.988   -12.430 1.00 50.45  ? 17  ARG A NH2   1 
ATOM   142 N  N     . GLU A 1 18  ? -2.031  -4.436  -9.739  1.00 34.08  ? 18  GLU A N     1 
ATOM   143 C  CA    . GLU A 1 18  ? -3.006  -5.180  -10.514 1.00 37.98  ? 18  GLU A CA    1 
ATOM   144 C  C     . GLU A 1 18  ? -4.047  -5.827  -9.592  1.00 43.99  ? 18  GLU A C     1 
ATOM   145 O  O     . GLU A 1 18  ? -5.253  -5.727  -9.821  1.00 41.68  ? 18  GLU A O     1 
ATOM   146 C  CB    . GLU A 1 18  ? -2.292  -6.232  -11.373 1.00 42.30  ? 18  GLU A CB    1 
ATOM   147 C  CG    . GLU A 1 18  ? -3.153  -6.884  -12.442 1.00 53.26  ? 18  GLU A CG    1 
ATOM   148 C  CD    . GLU A 1 18  ? -3.910  -8.104  -11.933 1.00 65.45  ? 18  GLU A CD    1 
ATOM   149 O  OE1   . GLU A 1 18  ? -3.382  -8.834  -11.058 1.00 58.06  ? 18  GLU A OE1   1 
ATOM   150 O  OE2   . GLU A 1 18  ? -5.042  -8.333  -12.416 1.00 69.26  ? 18  GLU A OE2   1 
ATOM   151 N  N     . ALA A 1 19  ? -3.576  -6.466  -8.530  1.00 35.76  ? 19  ALA A N     1 
ATOM   152 C  CA    . ALA A 1 19  ? -4.477  -7.145  -7.610  1.00 41.43  ? 19  ALA A CA    1 
ATOM   153 C  C     . ALA A 1 19  ? -5.370  -6.171  -6.846  1.00 39.99  ? 19  ALA A C     1 
ATOM   154 O  O     . ALA A 1 19  ? -6.537  -6.453  -6.603  1.00 46.45  ? 19  ALA A O     1 
ATOM   155 C  CB    . ALA A 1 19  ? -3.691  -7.980  -6.655  1.00 38.96  ? 19  ALA A CB    1 
ATOM   156 N  N     . LEU A 1 20  ? -4.818  -5.030  -6.457  1.00 40.90  ? 20  LEU A N     1 
ATOM   157 C  CA    . LEU A 1 20  ? -5.599  -4.031  -5.739  1.00 34.67  ? 20  LEU A CA    1 
ATOM   158 C  C     . LEU A 1 20  ? -6.688  -3.459  -6.633  1.00 43.00  ? 20  LEU A C     1 
ATOM   159 O  O     . LEU A 1 20  ? -7.796  -3.172  -6.191  1.00 42.68  ? 20  LEU A O     1 
ATOM   160 C  CB    . LEU A 1 20  ? -4.696  -2.914  -5.234  1.00 32.14  ? 20  LEU A CB    1 
ATOM   161 C  CG    . LEU A 1 20  ? -3.874  -3.259  -3.996  1.00 31.88  ? 20  LEU A CG    1 
ATOM   162 C  CD1   . LEU A 1 20  ? -2.904  -2.129  -3.649  1.00 32.08  ? 20  LEU A CD1   1 
ATOM   163 C  CD2   . LEU A 1 20  ? -4.806  -3.560  -2.824  1.00 32.81  ? 20  LEU A CD2   1 
ATOM   164 N  N     . ALA A 1 21  ? -6.360  -3.286  -7.902  1.00 42.97  ? 21  ALA A N     1 
ATOM   165 C  CA    . ALA A 1 21  ? -7.308  -2.741  -8.853  1.00 39.59  ? 21  ALA A CA    1 
ATOM   166 C  C     . ALA A 1 21  ? -8.523  -3.647  -8.942  1.00 43.11  ? 21  ALA A C     1 
ATOM   167 O  O     . ALA A 1 21  ? -9.639  -3.174  -9.137  1.00 53.33  ? 21  ALA A O     1 
ATOM   168 C  CB    . ALA A 1 21  ? -6.653  -2.569  -10.216 1.00 41.89  ? 21  ALA A CB    1 
ATOM   169 N  N     . GLU A 1 22  ? -8.302  -4.949  -8.771  1.00 44.83  ? 22  GLU A N     1 
ATOM   170 C  CA    . GLU A 1 22  ? -9.390  -5.928  -8.824  1.00 51.48  ? 22  GLU A CA    1 
ATOM   171 C  C     . GLU A 1 22  ? -10.387 -5.743  -7.686  1.00 54.03  ? 22  GLU A C     1 
ATOM   172 O  O     . GLU A 1 22  ? -11.578 -6.010  -7.846  1.00 57.87  ? 22  GLU A O     1 
ATOM   173 C  CB    . GLU A 1 22  ? -8.846  -7.355  -8.787  1.00 54.15  ? 22  GLU A CB    1 
ATOM   174 C  CG    . GLU A 1 22  ? -8.041  -7.775  -10.005 1.00 61.43  ? 22  GLU A CG    1 
ATOM   175 C  CD    . GLU A 1 22  ? -7.581  -9.225  -9.921  1.00 75.31  ? 22  GLU A CD    1 
ATOM   176 O  OE1   . GLU A 1 22  ? -7.955  -9.922  -8.948  1.00 80.70  ? 22  GLU A OE1   1 
ATOM   177 O  OE2   . GLU A 1 22  ? -6.848  -9.672  -10.826 1.00 78.15  ? 22  GLU A OE2   1 
ATOM   178 N  N     . VAL A 1 23  ? -9.903  -5.311  -6.527  1.00 54.88  ? 23  VAL A N     1 
ATOM   179 C  CA    . VAL A 1 23  ? -10.799 -5.076  -5.402  1.00 52.80  ? 23  VAL A CA    1 
ATOM   180 C  C     . VAL A 1 23  ? -11.134 -3.597  -5.335  1.00 50.39  ? 23  VAL A C     1 
ATOM   181 O  O     . VAL A 1 23  ? -11.651 -3.115  -4.328  1.00 51.70  ? 23  VAL A O     1 
ATOM   182 C  CB    . VAL A 1 23  ? -10.202 -5.546  -4.052  1.00 51.49  ? 23  VAL A CB    1 
ATOM   183 C  CG1   . VAL A 1 23  ? -10.072 -7.063  -4.022  1.00 58.16  ? 23  VAL A CG1   1 
ATOM   184 C  CG2   . VAL A 1 23  ? -8.864  -4.877  -3.781  1.00 44.30  ? 23  VAL A CG2   1 
ATOM   185 N  N     . GLY A 1 24  ? -10.828 -2.881  -6.415  1.00 48.77  ? 24  GLY A N     1 
ATOM   186 C  CA    . GLY A 1 24  ? -11.279 -1.509  -6.581  1.00 44.24  ? 24  GLY A CA    1 
ATOM   187 C  C     . GLY A 1 24  ? -10.398 -0.395  -6.045  1.00 49.53  ? 24  GLY A C     1 
ATOM   188 O  O     . GLY A 1 24  ? -10.816 0.762   -6.007  1.00 52.53  ? 24  GLY A O     1 
ATOM   189 N  N     . ILE A 1 25  ? -9.179  -0.723  -5.632  1.00 49.65  ? 25  ILE A N     1 
ATOM   190 C  CA    . ILE A 1 25  ? -8.261  0.302   -5.134  1.00 46.45  ? 25  ILE A CA    1 
ATOM   191 C  C     . ILE A 1 25  ? -7.229  0.635   -6.195  1.00 43.26  ? 25  ILE A C     1 
ATOM   192 O  O     . ILE A 1 25  ? -6.484  -0.238  -6.637  1.00 39.66  ? 25  ILE A O     1 
ATOM   193 C  CB    . ILE A 1 25  ? -7.542  -0.138  -3.852  1.00 44.60  ? 25  ILE A CB    1 
ATOM   194 C  CG1   . ILE A 1 25  ? -8.530  -0.206  -2.690  1.00 55.28  ? 25  ILE A CG1   1 
ATOM   195 C  CG2   . ILE A 1 25  ? -6.440  0.825   -3.509  1.00 41.42  ? 25  ILE A CG2   1 
ATOM   196 C  CD1   . ILE A 1 25  ? -9.274  -1.503  -2.598  1.00 63.47  ? 25  ILE A CD1   1 
ATOM   197 N  N     . THR A 1 26  ? -7.200  1.890   -6.621  1.00 42.26  ? 26  THR A N     1 
ATOM   198 C  CA    . THR A 1 26  ? -6.297  2.297   -7.697  1.00 49.41  ? 26  THR A CA    1 
ATOM   199 C  C     . THR A 1 26  ? -5.381  3.471   -7.328  1.00 53.61  ? 26  THR A C     1 
ATOM   200 O  O     . THR A 1 26  ? -4.261  3.590   -7.847  1.00 52.45  ? 26  THR A O     1 
ATOM   201 C  CB    . THR A 1 26  ? -7.088  2.689   -8.941  1.00 46.59  ? 26  THR A CB    1 
ATOM   202 O  OG1   . THR A 1 26  ? -8.072  3.667   -8.579  1.00 49.62  ? 26  THR A OG1   1 
ATOM   203 C  CG2   . THR A 1 26  ? -7.779  1.471   -9.526  1.00 46.02  ? 26  THR A CG2   1 
ATOM   204 N  N     . GLY A 1 27  ? -5.860  4.344   -6.445  1.00 44.83  ? 27  GLY A N     1 
ATOM   205 C  CA    . GLY A 1 27  ? -5.078  5.493   -6.018  1.00 38.19  ? 27  GLY A CA    1 
ATOM   206 C  C     . GLY A 1 27  ? -3.972  5.115   -5.057  1.00 41.33  ? 27  GLY A C     1 
ATOM   207 O  O     . GLY A 1 27  ? -4.226  4.587   -3.971  1.00 44.66  ? 27  GLY A O     1 
ATOM   208 N  N     . MET A 1 28  ? -2.729  5.373   -5.449  1.00 34.51  ? 28  MET A N     1 
ATOM   209 C  CA    . MET A 1 28  ? -1.616  5.064   -4.565  1.00 31.17  ? 28  MET A CA    1 
ATOM   210 C  C     . MET A 1 28  ? -0.450  5.979   -4.838  1.00 27.44  ? 28  MET A C     1 
ATOM   211 O  O     . MET A 1 28  ? -0.321  6.520   -5.935  1.00 30.24  ? 28  MET A O     1 
ATOM   212 C  CB    . MET A 1 28  ? -1.181  3.603   -4.709  1.00 32.23  ? 28  MET A CB    1 
ATOM   213 C  CG    . MET A 1 28  ? -0.568  3.191   -6.011  1.00 43.52  ? 28  MET A CG    1 
ATOM   214 S  SD    . MET A 1 28  ? 0.130   1.523   -5.850  1.00 46.00  ? 28  MET A SD    1 
ATOM   215 C  CE    . MET A 1 28  ? -1.298  0.647   -5.252  1.00 35.71  ? 28  MET A CE    1 
ATOM   216 N  N     . THR A 1 29  ? 0.384   6.150   -3.821  1.00 26.66  ? 29  THR A N     1 
ATOM   217 C  CA    . THR A 1 29  ? 1.602   6.938   -3.913  1.00 27.56  ? 29  THR A CA    1 
ATOM   218 C  C     . THR A 1 29  ? 2.792   5.995   -3.747  1.00 26.45  ? 29  THR A C     1 
ATOM   219 O  O     . THR A 1 29  ? 2.804   5.164   -2.842  1.00 26.44  ? 29  THR A O     1 
ATOM   220 C  CB    . THR A 1 29  ? 1.627   8.040   -2.832  1.00 29.27  ? 29  THR A CB    1 
ATOM   221 O  OG1   . THR A 1 29  ? 0.504   8.923   -3.040  1.00 31.50  ? 29  THR A OG1   1 
ATOM   222 C  CG2   . THR A 1 29  ? 2.934   8.835   -2.902  1.00 27.77  ? 29  THR A CG2   1 
ATOM   223 N  N     . VAL A 1 30  ? 3.783   6.113   -4.620  1.00 23.03  ? 30  VAL A N     1 
ATOM   224 C  CA    . VAL A 1 30  ? 4.912   5.198   -4.584  1.00 20.32  ? 30  VAL A CA    1 
ATOM   225 C  C     . VAL A 1 30  ? 6.228   5.950   -4.425  1.00 28.39  ? 30  VAL A C     1 
ATOM   226 O  O     . VAL A 1 30  ? 6.493   6.944   -5.109  1.00 23.48  ? 30  VAL A O     1 
ATOM   227 C  CB    . VAL A 1 30  ? 4.944   4.313   -5.844  1.00 23.52  ? 30  VAL A CB    1 
ATOM   228 C  CG1   . VAL A 1 30  ? 6.215   3.487   -5.891  1.00 32.53  ? 30  VAL A CG1   1 
ATOM   229 C  CG2   . VAL A 1 30  ? 3.716   3.389   -5.877  1.00 23.98  ? 30  VAL A CG2   1 
ATOM   230 N  N     . THR A 1 31  ? 7.041   5.482   -3.486  1.00 22.77  ? 31  THR A N     1 
ATOM   231 C  CA    . THR A 1 31  ? 8.332   6.083   -3.211  1.00 19.60  ? 31  THR A CA    1 
ATOM   232 C  C     . THR A 1 31  ? 9.444   5.056   -3.354  1.00 23.34  ? 31  THR A C     1 
ATOM   233 O  O     . THR A 1 31  ? 9.291   3.907   -2.916  1.00 21.41  ? 31  THR A O     1 
ATOM   234 C  CB    . THR A 1 31  ? 8.380   6.683   -1.793  1.00 23.66  ? 31  THR A CB    1 
ATOM   235 O  OG1   . THR A 1 31  ? 7.271   7.577   -1.616  1.00 24.61  ? 31  THR A OG1   1 
ATOM   236 C  CG2   . THR A 1 31  ? 9.684   7.449   -1.585  1.00 23.24  ? 31  THR A CG2   1 
ATOM   237 N  N     . GLU A 1 32  ? 10.551  5.454   -3.989  1.00 19.34  ? 32  GLU A N     1 
ATOM   238 C  CA    . GLU A 1 32  ? 11.768  4.624   -3.997  1.00 21.24  ? 32  GLU A CA    1 
ATOM   239 C  C     . GLU A 1 32  ? 12.495  4.773   -2.666  1.00 21.43  ? 32  GLU A C     1 
ATOM   240 O  O     . GLU A 1 32  ? 12.783  5.886   -2.244  1.00 24.01  ? 32  GLU A O     1 
ATOM   241 C  CB    . GLU A 1 32  ? 12.713  5.011   -5.141  1.00 25.31  ? 32  GLU A CB    1 
ATOM   242 C  CG    . GLU A 1 32  ? 12.038  5.185   -6.487  1.00 47.50  ? 32  GLU A CG    1 
ATOM   243 C  CD    . GLU A 1 32  ? 11.590  3.877   -7.094  1.00 62.21  ? 32  GLU A CD    1 
ATOM   244 O  OE1   . GLU A 1 32  ? 10.513  3.855   -7.736  1.00 70.76  ? 32  GLU A OE1   1 
ATOM   245 O  OE2   . GLU A 1 32  ? 12.318  2.874   -6.930  1.00 62.28  ? 32  GLU A OE2   1 
ATOM   246 N  N     . VAL A 1 33  ? 12.773  3.658   -1.991  1.00 21.32  ? 33  VAL A N     1 
ATOM   247 C  CA    . VAL A 1 33  ? 13.438  3.709   -0.685  1.00 23.02  ? 33  VAL A CA    1 
ATOM   248 C  C     . VAL A 1 33  ? 14.550  2.679   -0.599  1.00 24.51  ? 33  VAL A C     1 
ATOM   249 O  O     . VAL A 1 33  ? 14.679  1.812   -1.461  1.00 25.21  ? 33  VAL A O     1 
ATOM   250 C  CB    . VAL A 1 33  ? 12.461  3.472   0.486   1.00 22.31  ? 33  VAL A CB    1 
ATOM   251 C  CG1   . VAL A 1 33  ? 11.359  4.529   0.489   1.00 24.48  ? 33  VAL A CG1   1 
ATOM   252 C  CG2   . VAL A 1 33  ? 11.891  2.046   0.431   1.00 22.10  ? 33  VAL A CG2   1 
ATOM   253 N  N     . LYS A 1 34  ? 15.370  2.792   0.436   1.00 22.50  ? 34  LYS A N     1 
ATOM   254 C  CA    . LYS A 1 34  ? 16.384  1.781   0.690   1.00 21.74  ? 34  LYS A CA    1 
ATOM   255 C  C     . LYS A 1 34  ? 15.990  1.021   1.945   1.00 28.02  ? 34  LYS A C     1 
ATOM   256 O  O     . LYS A 1 34  ? 15.673  1.625   2.973   1.00 27.62  ? 34  LYS A O     1 
ATOM   257 C  CB    . LYS A 1 34  ? 17.769  2.418   0.846   1.00 28.37  ? 34  LYS A CB    1 
ATOM   258 C  CG    . LYS A 1 34  ? 18.231  3.160   -0.397  1.00 40.73  ? 34  LYS A CG    1 
ATOM   259 C  CD    . LYS A 1 34  ? 19.525  3.930   -0.149  1.00 55.72  ? 34  LYS A CD    1 
ATOM   260 C  CE    . LYS A 1 34  ? 19.767  4.968   -1.252  1.00 62.03  ? 34  LYS A CE    1 
ATOM   261 N  NZ    . LYS A 1 34  ? 20.728  6.031   -0.825  1.00 65.09  ? 34  LYS A NZ    1 
ATOM   262 N  N     . GLY A 1 35  ? 15.997  -0.300  1.860   1.00 28.18  ? 35  GLY A N     1 
ATOM   263 C  CA    . GLY A 1 35  ? 15.653  -1.098  3.015   1.00 31.20  ? 35  GLY A CA    1 
ATOM   264 C  C     . GLY A 1 35  ? 16.898  -1.700  3.639   1.00 36.18  ? 35  GLY A C     1 
ATOM   265 O  O     . GLY A 1 35  ? 17.752  -2.242  2.941   1.00 36.66  ? 35  GLY A O     1 
ATOM   266 N  N     . PHE A 1 36  ? 17.001  -1.594  4.955   1.00 36.39  ? 36  PHE A N     1 
ATOM   267 C  CA    . PHE A 1 36  ? 18.082  -2.237  5.701   1.00 44.68  ? 36  PHE A CA    1 
ATOM   268 C  C     . PHE A 1 36  ? 17.528  -3.331  6.609   1.00 46.73  ? 36  PHE A C     1 
ATOM   269 O  O     . PHE A 1 36  ? 16.405  -3.221  7.105   1.00 48.91  ? 36  PHE A O     1 
ATOM   270 C  CB    . PHE A 1 36  ? 18.852  -1.206  6.524   1.00 45.33  ? 36  PHE A CB    1 
ATOM   271 C  CG    . PHE A 1 36  ? 19.541  -0.164  5.698   1.00 43.91  ? 36  PHE A CG    1 
ATOM   272 C  CD1   . PHE A 1 36  ? 18.847  0.939   5.224   1.00 40.29  ? 36  PHE A CD1   1 
ATOM   273 C  CD2   . PHE A 1 36  ? 20.891  -0.268  5.416   1.00 43.28  ? 36  PHE A CD2   1 
ATOM   274 C  CE1   . PHE A 1 36  ? 19.480  1.901   4.467   1.00 38.92  ? 36  PHE A CE1   1 
ATOM   275 C  CE2   . PHE A 1 36  ? 21.536  0.699   4.667   1.00 45.05  ? 36  PHE A CE2   1 
ATOM   276 C  CZ    . PHE A 1 36  ? 20.832  1.785   4.194   1.00 45.88  ? 36  PHE A CZ    1 
ATOM   277 N  N     . ASP A 1 54  ? 24.718  -3.565  1.279   1.00 81.44  ? 54  ASP A N     1 
ATOM   278 C  CA    . ASP A 1 54  ? 24.300  -3.107  2.604   1.00 84.22  ? 54  ASP A CA    1 
ATOM   279 C  C     . ASP A 1 54  ? 22.780  -2.957  2.712   1.00 72.83  ? 54  ASP A C     1 
ATOM   280 O  O     . ASP A 1 54  ? 22.160  -3.382  3.693   1.00 67.50  ? 54  ASP A O     1 
ATOM   281 C  CB    . ASP A 1 54  ? 24.977  -1.778  2.935   1.00 94.10  ? 54  ASP A CB    1 
ATOM   282 C  CG    . ASP A 1 54  ? 24.970  -1.478  4.419   1.00 101.64 ? 54  ASP A CG    1 
ATOM   283 O  OD1   . ASP A 1 54  ? 24.730  -2.412  5.216   1.00 100.05 ? 54  ASP A OD1   1 
ATOM   284 O  OD2   . ASP A 1 54  ? 25.207  -0.308  4.787   1.00 106.98 ? 54  ASP A OD2   1 
ATOM   285 N  N     . PHE A 1 55  ? 22.190  -2.339  1.696   1.00 57.71  ? 55  PHE A N     1 
ATOM   286 C  CA    . PHE A 1 55  ? 20.748  -2.174  1.615   1.00 48.63  ? 55  PHE A CA    1 
ATOM   287 C  C     . PHE A 1 55  ? 20.221  -2.806  0.336   1.00 49.12  ? 55  PHE A C     1 
ATOM   288 O  O     . PHE A 1 55  ? 20.978  -3.066  -0.598  1.00 51.00  ? 55  PHE A O     1 
ATOM   289 C  CB    . PHE A 1 55  ? 20.378  -0.698  1.629   1.00 41.98  ? 55  PHE A CB    1 
ATOM   290 C  CG    . PHE A 1 55  ? 20.962  0.066   0.477   1.00 50.41  ? 55  PHE A CG    1 
ATOM   291 C  CD1   . PHE A 1 55  ? 20.292  0.145   -0.735  1.00 52.22  ? 55  PHE A CD1   1 
ATOM   292 C  CD2   . PHE A 1 55  ? 22.195  0.687   0.598   1.00 56.96  ? 55  PHE A CD2   1 
ATOM   293 C  CE1   . PHE A 1 55  ? 20.836  0.836   -1.799  1.00 60.24  ? 55  PHE A CE1   1 
ATOM   294 C  CE2   . PHE A 1 55  ? 22.741  1.384   -0.461  1.00 56.97  ? 55  PHE A CE2   1 
ATOM   295 C  CZ    . PHE A 1 55  ? 22.062  1.458   -1.659  1.00 61.62  ? 55  PHE A CZ    1 
ATOM   296 N  N     . LEU A 1 56  ? 18.915  -3.019  0.286   1.00 39.42  ? 56  LEU A N     1 
ATOM   297 C  CA    . LEU A 1 56  ? 18.263  -3.456  -0.938  1.00 37.08  ? 56  LEU A CA    1 
ATOM   298 C  C     . LEU A 1 56  ? 17.276  -2.387  -1.386  1.00 35.14  ? 56  LEU A C     1 
ATOM   299 O  O     . LEU A 1 56  ? 16.602  -1.796  -0.558  1.00 28.93  ? 56  LEU A O     1 
ATOM   300 C  CB    . LEU A 1 56  ? 17.547  -4.784  -0.722  1.00 39.80  ? 56  LEU A CB    1 
ATOM   301 C  CG    . LEU A 1 56  ? 18.478  -5.996  -0.661  1.00 52.44  ? 56  LEU A CG    1 
ATOM   302 C  CD1   . LEU A 1 56  ? 17.687  -7.293  -0.473  1.00 55.58  ? 56  LEU A CD1   1 
ATOM   303 C  CD2   . LEU A 1 56  ? 19.352  -6.052  -1.920  1.00 50.46  ? 56  LEU A CD2   1 
ATOM   304 N  N     . PRO A 1 57  ? 17.192  -2.136  -2.697  1.00 30.82  ? 57  PRO A N     1 
ATOM   305 C  CA    . PRO A 1 57  ? 16.186  -1.185  -3.178  1.00 30.58  ? 57  PRO A CA    1 
ATOM   306 C  C     . PRO A 1 57  ? 14.807  -1.745  -2.905  1.00 31.01  ? 57  PRO A C     1 
ATOM   307 O  O     . PRO A 1 57  ? 14.590  -2.934  -3.112  1.00 26.03  ? 57  PRO A O     1 
ATOM   308 C  CB    . PRO A 1 57  ? 16.451  -1.098  -4.684  1.00 31.85  ? 57  PRO A CB    1 
ATOM   309 C  CG    . PRO A 1 57  ? 17.703  -1.944  -4.927  1.00 41.60  ? 57  PRO A CG    1 
ATOM   310 C  CD    . PRO A 1 57  ? 17.788  -2.903  -3.799  1.00 41.22  ? 57  PRO A CD    1 
ATOM   311 N  N     . LYS A 1 58  ? 13.909  -0.910  -2.409  1.00 25.80  ? 58  LYS A N     1 
ATOM   312 C  CA    . LYS A 1 58  ? 12.544  -1.307  -2.176  1.00 24.15  ? 58  LYS A CA    1 
ATOM   313 C  C     . LYS A 1 58  ? 11.654  -0.237  -2.727  1.00 23.32  ? 58  LYS A C     1 
ATOM   314 O  O     . LYS A 1 58  ? 12.100  0.859   -3.074  1.00 21.05  ? 58  LYS A O     1 
ATOM   315 C  CB    . LYS A 1 58  ? 12.257  -1.481  -0.675  1.00 21.80  ? 58  LYS A CB    1 
ATOM   316 C  CG    . LYS A 1 58  ? 13.213  -2.414  0.031   1.00 25.58  ? 58  LYS A CG    1 
ATOM   317 C  CD    . LYS A 1 58  ? 12.831  -3.845  -0.202  1.00 32.80  ? 58  LYS A CD    1 
ATOM   318 C  CE    . LYS A 1 58  ? 13.813  -4.755  0.510   1.00 42.29  ? 58  LYS A CE    1 
ATOM   319 N  NZ    . LYS A 1 58  ? 13.467  -6.178  0.330   1.00 43.75  ? 58  LYS A NZ    1 
ATOM   320 N  N     . VAL A 1 59  ? 10.378  -0.542  -2.805  1.00 22.36  ? 59  VAL A N     1 
ATOM   321 C  CA    A VAL A 1 59  ? 9.434   0.517   -3.065  0.58 24.28  ? 59  VAL A CA    1 
ATOM   322 C  CA    B VAL A 1 59  ? 9.364   0.438   -3.123  0.42 23.69  ? 59  VAL A CA    1 
ATOM   323 C  C     . VAL A 1 59  ? 8.439   0.586   -1.919  1.00 26.92  ? 59  VAL A C     1 
ATOM   324 O  O     . VAL A 1 59  ? 8.042   -0.430  -1.307  1.00 22.73  ? 59  VAL A O     1 
ATOM   325 C  CB    A VAL A 1 59  ? 8.724   0.356   -4.428  0.58 21.56  ? 59  VAL A CB    1 
ATOM   326 C  CB    B VAL A 1 59  ? 8.578   0.021   -4.382  0.42 22.20  ? 59  VAL A CB    1 
ATOM   327 C  CG1   A VAL A 1 59  ? 9.749   0.381   -5.552  0.58 22.38  ? 59  VAL A CG1   1 
ATOM   328 C  CG1   B VAL A 1 59  ? 7.114   0.399   -4.278  0.42 19.78  ? 59  VAL A CG1   1 
ATOM   329 C  CG2   A VAL A 1 59  ? 7.930   -0.916  -4.485  0.58 20.49  ? 59  VAL A CG2   1 
ATOM   330 C  CG2   B VAL A 1 59  ? 9.217   0.626   -5.618  0.42 25.90  ? 59  VAL A CG2   1 
ATOM   331 N  N     . LYS A 1 60  ? 8.103   1.819   -1.572  1.00 20.45  ? 60  LYS A N     1 
ATOM   332 C  CA    . LYS A 1 60  ? 7.123   2.043   -0.536  1.00 21.63  ? 60  LYS A CA    1 
ATOM   333 C  C     . LYS A 1 60  ? 5.834   2.411   -1.212  1.00 27.10  ? 60  LYS A C     1 
ATOM   334 O  O     . LYS A 1 60  ? 5.762   3.412   -1.924  1.00 24.46  ? 60  LYS A O     1 
ATOM   335 C  CB    . LYS A 1 60  ? 7.537   3.151   0.423   1.00 23.25  ? 60  LYS A CB    1 
ATOM   336 C  CG    . LYS A 1 60  ? 6.422   3.466   1.393   1.00 28.58  ? 60  LYS A CG    1 
ATOM   337 C  CD    . LYS A 1 60  ? 6.610   4.825   2.098   1.00 39.78  ? 60  LYS A CD    1 
ATOM   338 C  CE    . LYS A 1 60  ? 7.597   4.729   3.245   1.00 36.80  ? 60  LYS A CE    1 
ATOM   339 N  NZ    . LYS A 1 60  ? 7.733   6.043   3.975   1.00 32.50  ? 60  LYS A NZ    1 
ATOM   340 N  N     . ILE A 1 61  ? 4.818   1.586   -1.021  1.00 21.98  ? 61  ILE A N     1 
ATOM   341 C  CA    . ILE A 1 61  ? 3.495   1.909   -1.514  1.00 23.34  ? 61  ILE A CA    1 
ATOM   342 C  C     . ILE A 1 61  ? 2.698   2.518   -0.376  1.00 27.80  ? 61  ILE A C     1 
ATOM   343 O  O     . ILE A 1 61  ? 2.645   1.944   0.712   1.00 26.11  ? 61  ILE A O     1 
ATOM   344 C  CB    . ILE A 1 61  ? 2.764   0.660   -2.036  1.00 29.00  ? 61  ILE A CB    1 
ATOM   345 C  CG1   . ILE A 1 61  ? 3.547   0.001   -3.167  1.00 30.91  ? 61  ILE A CG1   1 
ATOM   346 C  CG2   . ILE A 1 61  ? 1.341   1.007   -2.492  1.00 32.79  ? 61  ILE A CG2   1 
ATOM   347 C  CD1   . ILE A 1 61  ? 2.864   -1.272  -3.664  1.00 40.57  ? 61  ILE A CD1   1 
ATOM   348 N  N     . GLU A 1 62  ? 2.073   3.670   -0.614  1.00 27.00  ? 62  GLU A N     1 
ATOM   349 C  CA    . GLU A 1 62  ? 1.144   4.224   0.363   1.00 28.33  ? 62  GLU A CA    1 
ATOM   350 C  C     . GLU A 1 62  ? -0.241  4.311   -0.240  1.00 27.33  ? 62  GLU A C     1 
ATOM   351 O  O     . GLU A 1 62  ? -0.433  4.915   -1.297  1.00 27.56  ? 62  GLU A O     1 
ATOM   352 C  CB    . GLU A 1 62  ? 1.573   5.609   0.824   1.00 23.06  ? 62  GLU A CB    1 
ATOM   353 C  CG    . GLU A 1 62  ? 2.838   5.636   1.636   1.00 26.24  ? 62  GLU A CG    1 
ATOM   354 C  CD    . GLU A 1 62  ? 3.385   7.047   1.776   1.00 35.52  ? 62  GLU A CD    1 
ATOM   355 O  OE1   . GLU A 1 62  ? 3.782   7.645   0.750   1.00 36.69  ? 62  GLU A OE1   1 
ATOM   356 O  OE2   . GLU A 1 62  ? 3.423   7.557   2.909   1.00 40.84  ? 62  GLU A OE2   1 
ATOM   357 N  N     . ILE A 1 63  ? -1.206  3.690   0.416   1.00 29.17  ? 63  ILE A N     1 
ATOM   358 C  CA    . ILE A 1 63  ? -2.591  3.878   0.006   1.00 31.45  ? 63  ILE A CA    1 
ATOM   359 C  C     . ILE A 1 63  ? -3.463  4.190   1.202   1.00 31.02  ? 63  ILE A C     1 
ATOM   360 O  O     . ILE A 1 63  ? -3.293  3.634   2.286   1.00 34.89  ? 63  ILE A O     1 
ATOM   361 C  CB    . ILE A 1 63  ? -3.153  2.660   -0.729  1.00 44.66  ? 63  ILE A CB    1 
ATOM   362 C  CG1   . ILE A 1 63  ? -3.137  1.433   0.141   1.00 50.24  ? 63  ILE A CG1   1 
ATOM   363 C  CG2   . ILE A 1 63  ? -2.333  2.315   -1.931  1.00 52.34  ? 63  ILE A CG2   1 
ATOM   364 C  CD1   . ILE A 1 63  ? -3.731  0.308   -0.595  1.00 55.45  ? 63  ILE A CD1   1 
ATOM   365 N  N     . VAL A 1 64  ? -4.402  5.097   0.987   1.00 29.96  ? 64  VAL A N     1 
ATOM   366 C  CA    . VAL A 1 64  ? -5.322  5.511   2.022   1.00 35.78  ? 64  VAL A CA    1 
ATOM   367 C  C     . VAL A 1 64  ? -6.694  4.987   1.639   1.00 38.17  ? 64  VAL A C     1 
ATOM   368 O  O     . VAL A 1 64  ? -7.205  5.280   0.553   1.00 35.67  ? 64  VAL A O     1 
ATOM   369 C  CB    . VAL A 1 64  ? -5.330  7.033   2.178   1.00 33.31  ? 64  VAL A CB    1 
ATOM   370 C  CG1   . VAL A 1 64  ? -6.340  7.456   3.228   1.00 38.10  ? 64  VAL A CG1   1 
ATOM   371 C  CG2   . VAL A 1 64  ? -3.923  7.527   2.522   1.00 34.39  ? 64  VAL A CG2   1 
ATOM   372 N  N     . VAL A 1 65  ? -7.271  4.170   2.510   1.00 39.76  ? 65  VAL A N     1 
ATOM   373 C  CA    . VAL A 1 65  ? -8.497  3.478   2.167   1.00 39.24  ? 65  VAL A CA    1 
ATOM   374 C  C     . VAL A 1 65  ? -9.499  3.567   3.306   1.00 37.32  ? 65  VAL A C     1 
ATOM   375 O  O     . VAL A 1 65  ? -9.125  3.825   4.445   1.00 36.17  ? 65  VAL A O     1 
ATOM   376 C  CB    . VAL A 1 65  ? -8.238  1.978   1.831   1.00 36.31  ? 65  VAL A CB    1 
ATOM   377 C  CG1   . VAL A 1 65  ? -7.283  1.828   0.640   1.00 41.05  ? 65  VAL A CG1   1 
ATOM   378 C  CG2   . VAL A 1 65  ? -7.740  1.232   3.043   1.00 34.94  ? 65  VAL A CG2   1 
ATOM   379 N  N     . PRO A 1 66  ? -10.788 3.359   2.991   1.00 41.06  ? 66  PRO A N     1 
ATOM   380 C  CA    . PRO A 1 66  ? -11.825 3.211   4.016   1.00 44.57  ? 66  PRO A CA    1 
ATOM   381 C  C     . PRO A 1 66  ? -11.554 2.054   4.965   1.00 41.17  ? 66  PRO A C     1 
ATOM   382 O  O     . PRO A 1 66  ? -11.017 1.025   4.543   1.00 43.57  ? 66  PRO A O     1 
ATOM   383 C  CB    . PRO A 1 66  ? -13.092 2.936   3.198   1.00 41.35  ? 66  PRO A CB    1 
ATOM   384 C  CG    . PRO A 1 66  ? -12.829 3.509   1.867   1.00 45.43  ? 66  PRO A CG    1 
ATOM   385 C  CD    . PRO A 1 66  ? -11.351 3.392   1.630   1.00 38.10  ? 66  PRO A CD    1 
ATOM   386 N  N     . ASP A 1 67  ? -11.963 2.208   6.222   1.00 43.48  ? 67  ASP A N     1 
ATOM   387 C  CA    . ASP A 1 67  ? -11.748 1.187   7.244   1.00 46.50  ? 67  ASP A CA    1 
ATOM   388 C  C     . ASP A 1 67  ? -12.228 -0.214  6.859   1.00 47.47  ? 67  ASP A C     1 
ATOM   389 O  O     . ASP A 1 67  ? -11.611 -1.208  7.242   1.00 48.11  ? 67  ASP A O     1 
ATOM   390 C  CB    . ASP A 1 67  ? -12.427 1.594   8.554   1.00 50.65  ? 67  ASP A CB    1 
ATOM   391 C  CG    . ASP A 1 67  ? -11.835 2.851   9.156   1.00 50.68  ? 67  ASP A CG    1 
ATOM   392 O  OD1   . ASP A 1 67  ? -10.729 3.242   8.746   1.00 48.00  ? 67  ASP A OD1   1 
ATOM   393 O  OD2   . ASP A 1 67  ? -12.476 3.448   10.044  1.00 44.30  ? 67  ASP A OD2   1 
ATOM   394 N  N     . ASP A 1 68  ? -13.322 -0.305  6.113   1.00 42.32  ? 68  ASP A N     1 
ATOM   395 C  CA    . ASP A 1 68  ? -13.925 -1.614  5.888   1.00 43.49  ? 68  ASP A CA    1 
ATOM   396 C  C     . ASP A 1 68  ? -13.245 -2.395  4.765   1.00 47.09  ? 68  ASP A C     1 
ATOM   397 O  O     . ASP A 1 68  ? -13.575 -3.559  4.532   1.00 54.36  ? 68  ASP A O     1 
ATOM   398 C  CB    . ASP A 1 68  ? -15.427 -1.479  5.615   1.00 56.23  ? 68  ASP A CB    1 
ATOM   399 C  CG    . ASP A 1 68  ? -15.744 -0.506  4.496   1.00 55.62  ? 68  ASP A CG    1 
ATOM   400 O  OD1   . ASP A 1 68  ? -14.857 0.278   4.105   1.00 58.30  ? 68  ASP A OD1   1 
ATOM   401 O  OD2   . ASP A 1 68  ? -16.900 -0.525  4.015   1.00 61.33  ? 68  ASP A OD2   1 
ATOM   402 N  N     . ILE A 1 69  ? -12.291 -1.773  4.078   1.00 41.16  ? 69  ILE A N     1 
ATOM   403 C  CA    . ILE A 1 69  ? -11.552 -2.490  3.043   1.00 49.42  ? 69  ILE A CA    1 
ATOM   404 C  C     . ILE A 1 69  ? -10.066 -2.622  3.388   1.00 45.60  ? 69  ILE A C     1 
ATOM   405 O  O     . ILE A 1 69  ? -9.272  -3.121  2.578   1.00 43.70  ? 69  ILE A O     1 
ATOM   406 C  CB    . ILE A 1 69  ? -11.698 -1.814  1.665   1.00 59.85  ? 69  ILE A CB    1 
ATOM   407 C  CG1   . ILE A 1 69  ? -10.814 -0.580  1.565   1.00 55.55  ? 69  ILE A CG1   1 
ATOM   408 C  CG2   . ILE A 1 69  ? -13.142 -1.426  1.411   1.00 68.41  ? 69  ILE A CG2   1 
ATOM   409 C  CD1   . ILE A 1 69  ? -10.964 0.125   0.249   1.00 70.04  ? 69  ILE A CD1   1 
ATOM   410 N  N     . VAL A 1 70  ? -9.700  -2.193  4.595   1.00 37.73  ? 70  VAL A N     1 
ATOM   411 C  CA    . VAL A 1 70  ? -8.320  -2.333  5.068   1.00 42.70  ? 70  VAL A CA    1 
ATOM   412 C  C     . VAL A 1 70  ? -7.912  -3.809  5.056   1.00 42.43  ? 70  VAL A C     1 
ATOM   413 O  O     . VAL A 1 70  ? -6.899  -4.175  4.448   1.00 40.05  ? 70  VAL A O     1 
ATOM   414 C  CB    . VAL A 1 70  ? -8.132  -1.729  6.477   1.00 43.48  ? 70  VAL A CB    1 
ATOM   415 C  CG1   . VAL A 1 70  ? -6.755  -2.051  7.028   1.00 33.21  ? 70  VAL A CG1   1 
ATOM   416 C  CG2   . VAL A 1 70  ? -8.295  -0.231  6.418   1.00 38.72  ? 70  VAL A CG2   1 
ATOM   417 N  N     . ASP A 1 71  ? -8.726  -4.663  5.676   1.00 42.02  ? 71  ASP A N     1 
ATOM   418 C  CA    . ASP A 1 71  ? -8.441  -6.098  5.682   1.00 45.12  ? 71  ASP A CA    1 
ATOM   419 C  C     . ASP A 1 71  ? -8.274  -6.682  4.277   1.00 39.44  ? 71  ASP A C     1 
ATOM   420 O  O     . ASP A 1 71  ? -7.334  -7.441  4.021   1.00 44.96  ? 71  ASP A O     1 
ATOM   421 C  CB    . ASP A 1 71  ? -9.541  -6.859  6.425   1.00 57.85  ? 71  ASP A CB    1 
ATOM   422 C  CG    . ASP A 1 71  ? -9.594  -6.510  7.895   1.00 61.62  ? 71  ASP A CG    1 
ATOM   423 O  OD1   . ASP A 1 71  ? -8.577  -6.003  8.414   1.00 53.81  ? 71  ASP A OD1   1 
ATOM   424 O  OD2   . ASP A 1 71  ? -10.642 -6.753  8.532   1.00 69.65  ? 71  ASP A OD2   1 
ATOM   425 N  N     . THR A 1 72  ? -9.170  -6.321  3.363   1.00 42.03  ? 72  THR A N     1 
ATOM   426 C  CA    A THR A 1 72  ? -9.095  -6.836  2.000   0.18 44.93  ? 72  THR A CA    1 
ATOM   427 C  CA    B THR A 1 72  ? -9.109  -6.793  1.983   0.82 44.86  ? 72  THR A CA    1 
ATOM   428 C  C     . THR A 1 72  ? -7.813  -6.372  1.321   1.00 42.06  ? 72  THR A C     1 
ATOM   429 O  O     . THR A 1 72  ? -7.180  -7.129  0.584   1.00 39.16  ? 72  THR A O     1 
ATOM   430 C  CB    A THR A 1 72  ? -10.304 -6.405  1.150   0.18 48.89  ? 72  THR A CB    1 
ATOM   431 C  CB    B THR A 1 72  ? -10.286 -6.251  1.152   0.82 50.67  ? 72  THR A CB    1 
ATOM   432 O  OG1   A THR A 1 72  ? -10.571 -5.014  1.364   0.18 48.52  ? 72  THR A OG1   1 
ATOM   433 O  OG1   B THR A 1 72  ? -11.526 -6.686  1.731   0.82 49.05  ? 72  THR A OG1   1 
ATOM   434 C  CG2   A THR A 1 72  ? -11.535 -7.215  1.525   0.18 51.25  ? 72  THR A CG2   1 
ATOM   435 C  CG2   B THR A 1 72  ? -10.181 -6.725  -0.293  0.82 50.39  ? 72  THR A CG2   1 
ATOM   436 N  N     . CYS A 1 73  ? -7.425  -5.139  1.583   1.00 38.40  ? 73  CYS A N     1 
ATOM   437 C  CA    A CYS A 1 73  ? -6.216  -4.596  0.980   0.73 42.52  ? 73  CYS A CA    1 
ATOM   438 C  CA    B CYS A 1 73  ? -6.229  -4.597  0.980   0.27 40.55  ? 73  CYS A CA    1 
ATOM   439 C  C     . CYS A 1 73  ? -4.966  -5.239  1.539   1.00 32.17  ? 73  CYS A C     1 
ATOM   440 O  O     . CYS A 1 73  ? -4.062  -5.628  0.786   1.00 29.44  ? 73  CYS A O     1 
ATOM   441 C  CB    A CYS A 1 73  ? -6.160  -3.093  1.182   0.73 39.38  ? 73  CYS A CB    1 
ATOM   442 C  CB    B CYS A 1 73  ? -6.174  -3.099  1.188   0.27 38.69  ? 73  CYS A CB    1 
ATOM   443 S  SG    A CYS A 1 73  ? -7.289  -2.260  0.086   0.73 43.65  ? 73  CYS A SG    1 
ATOM   444 S  SG    B CYS A 1 73  ? -4.630  -2.466  0.624   0.27 38.85  ? 73  CYS A SG    1 
ATOM   445 N  N     . VAL A 1 74  ? -4.909  -5.340  2.862   1.00 37.49  ? 74  VAL A N     1 
ATOM   446 C  CA    . VAL A 1 74  ? -3.785  -5.973  3.519   1.00 35.67  ? 74  VAL A CA    1 
ATOM   447 C  C     . VAL A 1 74  ? -3.653  -7.408  3.019   1.00 38.73  ? 74  VAL A C     1 
ATOM   448 O  O     . VAL A 1 74  ? -2.567  -7.848  2.639   1.00 34.78  ? 74  VAL A O     1 
ATOM   449 C  CB    . VAL A 1 74  ? -3.945  -5.954  5.054   1.00 38.60  ? 74  VAL A CB    1 
ATOM   450 C  CG1   . VAL A 1 74  ? -2.934  -6.883  5.700   1.00 43.26  ? 74  VAL A CG1   1 
ATOM   451 C  CG2   . VAL A 1 74  ? -3.780  -4.529  5.582   1.00 33.34  ? 74  VAL A CG2   1 
ATOM   452 N  N     . ASP A 1 75  ? -4.768  -8.129  3.002   1.00 40.39  ? 75  ASP A N     1 
ATOM   453 C  CA    . ASP A 1 75  ? -4.750  -9.523  2.570   1.00 46.70  ? 75  ASP A CA    1 
ATOM   454 C  C     . ASP A 1 75  ? -4.292  -9.639  1.127   1.00 36.92  ? 75  ASP A C     1 
ATOM   455 O  O     . ASP A 1 75  ? -3.531  -10.539 0.785   1.00 41.03  ? 75  ASP A O     1 
ATOM   456 C  CB    . ASP A 1 75  ? -6.126  -10.160 2.736   1.00 64.09  ? 75  ASP A CB    1 
ATOM   457 C  CG    . ASP A 1 75  ? -6.476  -10.405 4.186   1.00 84.25  ? 75  ASP A CG    1 
ATOM   458 O  OD1   . ASP A 1 75  ? -5.544  -10.474 5.018   1.00 80.18  ? 75  ASP A OD1   1 
ATOM   459 O  OD2   . ASP A 1 75  ? -7.683  -10.541 4.491   1.00 100.29 ? 75  ASP A OD2   1 
ATOM   460 N  N     . THR A 1 76  ? -4.750  -8.714  0.292   1.00 39.36  ? 76  THR A N     1 
ATOM   461 C  CA    . THR A 1 76  ? -4.392  -8.704  -1.117  1.00 40.75  ? 76  THR A CA    1 
ATOM   462 C  C     . THR A 1 76  ? -2.908  -8.448  -1.290  1.00 37.33  ? 76  THR A C     1 
ATOM   463 O  O     . THR A 1 76  ? -2.254  -9.080  -2.115  1.00 35.26  ? 76  THR A O     1 
ATOM   464 C  CB    . THR A 1 76  ? -5.184  -7.643  -1.889  1.00 43.87  ? 76  THR A CB    1 
ATOM   465 O  OG1   . THR A 1 76  ? -6.579  -7.930  -1.772  1.00 42.25  ? 76  THR A OG1   1 
ATOM   466 C  CG2   . THR A 1 76  ? -4.809  -7.665  -3.344  1.00 45.78  ? 76  THR A CG2   1 
ATOM   467 N  N     . ILE A 1 77  ? -2.360  -7.533  -0.501  1.00 32.72  ? 77  ILE A N     1 
ATOM   468 C  CA    . ILE A 1 77  ? -0.942  -7.230  -0.618  1.00 31.58  ? 77  ILE A CA    1 
ATOM   469 C  C     . ILE A 1 77  ? -0.100  -8.412  -0.141  1.00 34.88  ? 77  ILE A C     1 
ATOM   470 O  O     . ILE A 1 77  ? 0.871   -8.803  -0.804  1.00 34.43  ? 77  ILE A O     1 
ATOM   471 C  CB    . ILE A 1 77  ? -0.564  -5.966  0.165   1.00 34.61  ? 77  ILE A CB    1 
ATOM   472 C  CG1   . ILE A 1 77  ? -1.226  -4.741  -0.476  1.00 25.00  ? 77  ILE A CG1   1 
ATOM   473 C  CG2   . ILE A 1 77  ? 0.941   -5.789  0.153   1.00 31.76  ? 77  ILE A CG2   1 
ATOM   474 C  CD1   . ILE A 1 77  ? -1.300  -3.555  0.459   1.00 27.81  ? 77  ILE A CD1   1 
ATOM   475 N  N     . ILE A 1 78  ? -0.486  -8.989  0.992   1.00 33.94  ? 78  ILE A N     1 
ATOM   476 C  CA    . ILE A 1 78  ? 0.151   -10.206 1.494   1.00 35.01  ? 78  ILE A CA    1 
ATOM   477 C  C     . ILE A 1 78  ? 0.182   -11.315 0.431   1.00 37.94  ? 78  ILE A C     1 
ATOM   478 O  O     . ILE A 1 78  ? 1.242   -11.844 0.128   1.00 39.32  ? 78  ILE A O     1 
ATOM   479 C  CB    . ILE A 1 78  ? -0.567  -10.762 2.743   1.00 38.49  ? 78  ILE A CB    1 
ATOM   480 C  CG1   . ILE A 1 78  ? -0.498  -9.787  3.921   1.00 38.15  ? 78  ILE A CG1   1 
ATOM   481 C  CG2   . ILE A 1 78  ? 0.050   -12.080 3.162   1.00 38.60  ? 78  ILE A CG2   1 
ATOM   482 C  CD1   . ILE A 1 78  ? -1.432  -10.192 5.071   1.00 35.76  ? 78  ILE A CD1   1 
ATOM   483 N  N     . ARG A 1 79  ? -0.976  -11.663 -0.128  1.00 37.21  ? 79  ARG A N     1 
ATOM   484 C  CA    . ARG A 1 79  ? -1.053  -12.726 -1.147  1.00 40.06  ? 79  ARG A CA    1 
ATOM   485 C  C     . ARG A 1 79  ? -0.181  -12.463 -2.379  1.00 46.66  ? 79  ARG A C     1 
ATOM   486 O  O     . ARG A 1 79  ? 0.449   -13.373 -2.924  1.00 43.42  ? 79  ARG A O     1 
ATOM   487 C  CB    . ARG A 1 79  ? -2.497  -12.923 -1.606  1.00 43.62  ? 79  ARG A CB    1 
ATOM   488 C  CG    . ARG A 1 79  ? -3.387  -13.613 -0.583  1.00 67.79  ? 79  ARG A CG    1 
ATOM   489 C  CD    . ARG A 1 79  ? -4.789  -13.840 -1.142  1.00 87.17  ? 79  ARG A CD    1 
ATOM   490 N  NE    . ARG A 1 79  ? -5.801  -13.022 -0.471  1.00 93.28  ? 79  ARG A NE    1 
ATOM   491 C  CZ    . ARG A 1 79  ? -6.430  -13.375 0.646   1.00 91.92  ? 79  ARG A CZ    1 
ATOM   492 N  NH1   . ARG A 1 79  ? -6.150  -14.534 1.227   1.00 91.66  ? 79  ARG A NH1   1 
ATOM   493 N  NH2   . ARG A 1 79  ? -7.339  -12.571 1.179   1.00 90.16  ? 79  ARG A NH2   1 
ATOM   494 N  N     . THR A 1 80  ? -0.146  -11.221 -2.834  1.00 42.38  ? 80  THR A N     1 
ATOM   495 C  CA    . THR A 1 80  ? 0.520   -10.956 -4.100  1.00 39.13  ? 80  THR A CA    1 
ATOM   496 C  C     . THR A 1 80  ? 2.002   -10.681 -3.927  1.00 42.89  ? 80  THR A C     1 
ATOM   497 O  O     . THR A 1 80  ? 2.807   -11.053 -4.774  1.00 56.63  ? 80  THR A O     1 
ATOM   498 C  CB    . THR A 1 80  ? -0.136  -9.785  -4.824  1.00 36.63  ? 80  THR A CB    1 
ATOM   499 O  OG1   . THR A 1 80  ? 0.097   -8.587  -4.088  1.00 48.18  ? 80  THR A OG1   1 
ATOM   500 C  CG2   . THR A 1 80  ? -1.619  -10.017 -4.912  1.00 35.50  ? 80  THR A CG2   1 
ATOM   501 N  N     . ALA A 1 81  ? 2.366   -10.041 -2.822  1.00 43.36  ? 81  ALA A N     1 
ATOM   502 C  CA    . ALA A 1 81  ? 3.725   -9.531  -2.666  1.00 40.52  ? 81  ALA A CA    1 
ATOM   503 C  C     . ALA A 1 81  ? 4.657   -10.564 -2.059  1.00 46.89  ? 81  ALA A C     1 
ATOM   504 O  O     . ALA A 1 81  ? 5.880   -10.387 -2.069  1.00 49.53  ? 81  ALA A O     1 
ATOM   505 C  CB    . ALA A 1 81  ? 3.732   -8.259  -1.814  1.00 40.66  ? 81  ALA A CB    1 
ATOM   506 N  N     . GLN A 1 82  ? 4.096   -11.646 -1.541  1.00 40.89  ? 82  GLN A N     1 
ATOM   507 C  CA    . GLN A 1 82  ? 4.929   -12.589 -0.821  1.00 53.77  ? 82  GLN A CA    1 
ATOM   508 C  C     . GLN A 1 82  ? 5.585   -13.573 -1.769  1.00 68.10  ? 82  GLN A C     1 
ATOM   509 O  O     . GLN A 1 82  ? 5.025   -13.931 -2.808  1.00 72.75  ? 82  GLN A O     1 
ATOM   510 C  CB    . GLN A 1 82  ? 4.128   -13.337 0.244   1.00 57.46  ? 82  GLN A CB    1 
ATOM   511 C  CG    . GLN A 1 82  ? 3.069   -14.277 -0.275  1.00 62.65  ? 82  GLN A CG    1 
ATOM   512 C  CD    . GLN A 1 82  ? 2.252   -14.870 0.857   1.00 66.76  ? 82  GLN A CD    1 
ATOM   513 O  OE1   . GLN A 1 82  ? 2.552   -14.648 2.036   1.00 64.15  ? 82  GLN A OE1   1 
ATOM   514 N  NE2   . GLN A 1 82  ? 1.216   -15.631 0.512   1.00 67.36  ? 82  GLN A NE2   1 
ATOM   515 N  N     . THR A 1 83  ? 6.792   -13.985 -1.400  1.00 69.85  ? 83  THR A N     1 
ATOM   516 C  CA    . THR A 1 83  ? 7.564   -14.943 -2.174  1.00 67.03  ? 83  THR A CA    1 
ATOM   517 C  C     . THR A 1 83  ? 7.899   -16.144 -1.301  1.00 66.88  ? 83  THR A C     1 
ATOM   518 O  O     . THR A 1 83  ? 8.534   -17.098 -1.758  1.00 73.56  ? 83  THR A O     1 
ATOM   519 C  CB    . THR A 1 83  ? 8.870   -14.315 -2.725  1.00 58.26  ? 83  THR A CB    1 
ATOM   520 O  OG1   . THR A 1 83  ? 9.724   -13.916 -1.642  1.00 54.75  ? 83  THR A OG1   1 
ATOM   521 C  CG2   . THR A 1 83  ? 8.563   -13.098 -3.582  1.00 60.17  ? 83  THR A CG2   1 
ATOM   522 N  N     . GLY A 1 84  ? 7.469   -16.091 -0.042  1.00 60.78  ? 84  GLY A N     1 
ATOM   523 C  CA    . GLY A 1 84  ? 7.783   -17.126 0.927   1.00 68.43  ? 84  GLY A CA    1 
ATOM   524 C  C     . GLY A 1 84  ? 9.203   -17.018 1.459   1.00 77.11  ? 84  GLY A C     1 
ATOM   525 O  O     . GLY A 1 84  ? 9.561   -17.673 2.441   1.00 83.76  ? 84  GLY A O     1 
ATOM   526 N  N     . LYS A 1 85  ? 10.010  -16.178 0.813   1.00 74.06  ? 85  LYS A N     1 
ATOM   527 C  CA    . LYS A 1 85  ? 11.419  -16.017 1.157   1.00 70.33  ? 85  LYS A CA    1 
ATOM   528 C  C     . LYS A 1 85  ? 11.693  -14.742 1.955   1.00 71.63  ? 85  LYS A C     1 
ATOM   529 O  O     . LYS A 1 85  ? 10.788  -13.959 2.245   1.00 67.98  ? 85  LYS A O     1 
ATOM   530 C  CB    . LYS A 1 85  ? 12.276  -16.015 -0.115  1.00 65.61  ? 85  LYS A CB    1 
ATOM   531 N  N     . ILE A 1 86  ? 12.962  -14.550 2.299   1.00 73.02  ? 86  ILE A N     1 
ATOM   532 C  CA    . ILE A 1 86  ? 13.423  -13.370 3.016   1.00 65.00  ? 86  ILE A CA    1 
ATOM   533 C  C     . ILE A 1 86  ? 13.213  -12.102 2.179   1.00 61.83  ? 86  ILE A C     1 
ATOM   534 O  O     . ILE A 1 86  ? 13.255  -12.144 0.947   1.00 66.90  ? 86  ILE A O     1 
ATOM   535 C  CB    . ILE A 1 86  ? 14.924  -13.515 3.394   1.00 83.68  ? 86  ILE A CB    1 
ATOM   536 C  CG1   . ILE A 1 86  ? 15.362  -12.455 4.401   1.00 81.25  ? 86  ILE A CG1   1 
ATOM   537 C  CG2   . ILE A 1 86  ? 15.805  -13.467 2.154   1.00 87.17  ? 86  ILE A CG2   1 
ATOM   538 C  CD1   . ILE A 1 86  ? 15.352  -12.950 5.834   1.00 86.68  ? 86  ILE A CD1   1 
ATOM   539 N  N     . GLY A 1 87  ? 12.958  -10.984 2.853   1.00 55.50  ? 87  GLY A N     1 
ATOM   540 C  CA    . GLY A 1 87  ? 12.933  -9.685  2.201   1.00 58.25  ? 87  GLY A CA    1 
ATOM   541 C  C     . GLY A 1 87  ? 11.584  -9.221  1.684   1.00 57.22  ? 87  GLY A C     1 
ATOM   542 O  O     . GLY A 1 87  ? 11.475  -8.127  1.109   1.00 53.14  ? 87  GLY A O     1 
ATOM   543 N  N     . ASP A 1 88  ? 10.555  -10.038 1.906   1.00 52.28  ? 88  ASP A N     1 
ATOM   544 C  CA    . ASP A 1 88  ? 9.210   -9.765  1.395   1.00 55.68  ? 88  ASP A CA    1 
ATOM   545 C  C     . ASP A 1 88  ? 8.614   -8.439  1.895   1.00 42.16  ? 88  ASP A C     1 
ATOM   546 O  O     . ASP A 1 88  ? 7.763   -7.841  1.236   1.00 46.60  ? 88  ASP A O     1 
ATOM   547 C  CB    . ASP A 1 88  ? 8.287   -10.935 1.740   1.00 53.37  ? 88  ASP A CB    1 
ATOM   548 C  CG    . ASP A 1 88  ? 8.392   -12.061 0.733   1.00 52.82  ? 88  ASP A CG    1 
ATOM   549 O  OD1   . ASP A 1 88  ? 9.230   -11.937 -0.185  1.00 49.48  ? 88  ASP A OD1   1 
ATOM   550 O  OD2   . ASP A 1 88  ? 7.661   -13.066 0.863   1.00 50.79  ? 88  ASP A OD2   1 
ATOM   551 N  N     . GLY A 1 89  ? 9.070   -7.971  3.047   1.00 39.47  ? 89  GLY A N     1 
ATOM   552 C  CA    . GLY A 1 89  ? 8.692   -6.648  3.503   1.00 36.70  ? 89  GLY A CA    1 
ATOM   553 C  C     . GLY A 1 89  ? 7.569   -6.648  4.513   1.00 36.02  ? 89  GLY A C     1 
ATOM   554 O  O     . GLY A 1 89  ? 7.089   -7.703  4.946   1.00 33.76  ? 89  GLY A O     1 
ATOM   555 N  N     . LYS A 1 90  ? 7.158   -5.446  4.889   1.00 31.95  ? 90  LYS A N     1 
ATOM   556 C  CA    . LYS A 1 90  ? 6.139   -5.256  5.901   1.00 29.25  ? 90  LYS A CA    1 
ATOM   557 C  C     . LYS A 1 90  ? 5.060   -4.296  5.456   1.00 37.87  ? 90  LYS A C     1 
ATOM   558 O  O     . LYS A 1 90  ? 5.226   -3.494  4.518   1.00 33.07  ? 90  LYS A O     1 
ATOM   559 C  CB    . LYS A 1 90  ? 6.762   -4.752  7.200   1.00 41.37  ? 90  LYS A CB    1 
ATOM   560 C  CG    . LYS A 1 90  ? 7.353   -5.869  8.046   1.00 50.74  ? 90  LYS A CG    1 
ATOM   561 C  CD    . LYS A 1 90  ? 7.890   -5.346  9.371   1.00 64.33  ? 90  LYS A CD    1 
ATOM   562 C  CE    . LYS A 1 90  ? 8.127   -6.480  10.357  1.00 70.86  ? 90  LYS A CE    1 
ATOM   563 N  NZ    . LYS A 1 90  ? 8.959   -7.548  9.747   1.00 76.39  ? 90  LYS A NZ    1 
ATOM   564 N  N     . ILE A 1 91  ? 3.937   -4.414  6.142   1.00 28.23  ? 91  ILE A N     1 
ATOM   565 C  CA    . ILE A 1 91  ? 2.809   -3.541  5.954   1.00 32.66  ? 91  ILE A CA    1 
ATOM   566 C  C     . ILE A 1 91  ? 2.610   -2.801  7.258   1.00 30.59  ? 91  ILE A C     1 
ATOM   567 O  O     . ILE A 1 91  ? 2.535   -3.413  8.328   1.00 30.85  ? 91  ILE A O     1 
ATOM   568 C  CB    . ILE A 1 91  ? 1.550   -4.322  5.574   1.00 30.18  ? 91  ILE A CB    1 
ATOM   569 C  CG1   . ILE A 1 91  ? 1.791   -5.090  4.264   1.00 34.61  ? 91  ILE A CG1   1 
ATOM   570 C  CG2   . ILE A 1 91  ? 0.365   -3.396  5.457   1.00 36.52  ? 91  ILE A CG2   1 
ATOM   571 C  CD1   . ILE A 1 91  ? 0.764   -6.198  3.998   1.00 33.83  ? 91  ILE A CD1   1 
ATOM   572 N  N     . PHE A 1 92  ? 2.556   -1.484  7.181   1.00 32.26  ? 92  PHE A N     1 
ATOM   573 C  CA    . PHE A 1 92  ? 2.258   -0.694  8.364   1.00 30.75  ? 92  PHE A CA    1 
ATOM   574 C  C     . PHE A 1 92  ? 0.957   0.045   8.145   1.00 37.74  ? 92  PHE A C     1 
ATOM   575 O  O     . PHE A 1 92  ? 0.761   0.653   7.097   1.00 36.09  ? 92  PHE A O     1 
ATOM   576 C  CB    . PHE A 1 92  ? 3.396   0.274   8.648   1.00 26.88  ? 92  PHE A CB    1 
ATOM   577 C  CG    . PHE A 1 92  ? 4.738   -0.390  8.718   1.00 30.60  ? 92  PHE A CG    1 
ATOM   578 C  CD1   . PHE A 1 92  ? 5.080   -1.158  9.818   1.00 32.63  ? 92  PHE A CD1   1 
ATOM   579 C  CD2   . PHE A 1 92  ? 5.662   -0.240  7.698   1.00 39.10  ? 92  PHE A CD2   1 
ATOM   580 C  CE1   . PHE A 1 92  ? 6.324   -1.777  9.893   1.00 38.27  ? 92  PHE A CE1   1 
ATOM   581 C  CE2   . PHE A 1 92  ? 6.897   -0.859  7.767   1.00 37.09  ? 92  PHE A CE2   1 
ATOM   582 C  CZ    . PHE A 1 92  ? 7.231   -1.620  8.871   1.00 36.33  ? 92  PHE A CZ    1 
ATOM   583 N  N     . VAL A 1 93  ? 0.060   -0.014  9.127   1.00 32.84  ? 93  VAL A N     1 
ATOM   584 C  CA    . VAL A 1 93  ? -1.233  0.640   8.992   1.00 29.83  ? 93  VAL A CA    1 
ATOM   585 C  C     . VAL A 1 93  ? -1.375  1.786   9.987   1.00 32.91  ? 93  VAL A C     1 
ATOM   586 O  O     . VAL A 1 93  ? -1.131  1.605   11.169  1.00 36.01  ? 93  VAL A O     1 
ATOM   587 C  CB    . VAL A 1 93  ? -2.375  -0.362  9.183   1.00 37.21  ? 93  VAL A CB    1 
ATOM   588 C  CG1   . VAL A 1 93  ? -3.695  0.314   8.932   1.00 41.83  ? 93  VAL A CG1   1 
ATOM   589 C  CG2   . VAL A 1 93  ? -2.200  -1.540  8.225   1.00 33.15  ? 93  VAL A CG2   1 
ATOM   590 N  N     . PHE A 1 94  ? -1.755  2.968   9.504   1.00 27.69  ? 94  PHE A N     1 
ATOM   591 C  CA    . PHE A 1 94  ? -1.896  4.133   10.380  1.00 33.04  ? 94  PHE A CA    1 
ATOM   592 C  C     . PHE A 1 94  ? -3.296  4.713   10.384  1.00 37.68  ? 94  PHE A C     1 
ATOM   593 O  O     . PHE A 1 94  ? -3.963  4.727   9.354   1.00 32.50  ? 94  PHE A O     1 
ATOM   594 C  CB    . PHE A 1 94  ? -0.932  5.233   9.959   1.00 28.90  ? 94  PHE A CB    1 
ATOM   595 C  CG    . PHE A 1 94  ? 0.490   4.787   9.885   1.00 32.37  ? 94  PHE A CG    1 
ATOM   596 C  CD1   . PHE A 1 94  ? 1.000   4.247   8.710   1.00 30.26  ? 94  PHE A CD1   1 
ATOM   597 C  CD2   . PHE A 1 94  ? 1.314   4.884   10.993  1.00 35.13  ? 94  PHE A CD2   1 
ATOM   598 C  CE1   . PHE A 1 94  ? 2.319   3.819   8.639   1.00 30.14  ? 94  PHE A CE1   1 
ATOM   599 C  CE2   . PHE A 1 94  ? 2.638   4.465   10.922  1.00 36.73  ? 94  PHE A CE2   1 
ATOM   600 C  CZ    . PHE A 1 94  ? 3.131   3.924   9.750   1.00 34.13  ? 94  PHE A CZ    1 
ATOM   601 N  N     . ASP A 1 95  ? -3.716  5.235   11.533  1.00 34.39  ? 95  ASP A N     1 
ATOM   602 C  CA    . ASP A 1 95  ? -4.934  6.040   11.609  1.00 36.42  ? 95  ASP A CA    1 
ATOM   603 C  C     . ASP A 1 95  ? -4.712  7.330   10.856  1.00 33.21  ? 95  ASP A C     1 
ATOM   604 O  O     . ASP A 1 95  ? -3.641  7.924   10.945  1.00 36.09  ? 95  ASP A O     1 
ATOM   605 C  CB    . ASP A 1 95  ? -5.312  6.367   13.054  1.00 36.58  ? 95  ASP A CB    1 
ATOM   606 C  CG    . ASP A 1 95  ? -5.658  5.144   13.857  1.00 57.13  ? 95  ASP A CG    1 
ATOM   607 O  OD1   . ASP A 1 95  ? -6.259  4.213   13.279  1.00 59.80  ? 95  ASP A OD1   1 
ATOM   608 O  OD2   . ASP A 1 95  ? -5.326  5.114   15.065  1.00 61.49  ? 95  ASP A OD2   1 
ATOM   609 N  N     . VAL A 1 96  ? -5.726  7.783   10.131  1.00 36.51  ? 96  VAL A N     1 
ATOM   610 C  CA    . VAL A 1 96  ? -5.627  9.055   9.410   1.00 33.40  ? 96  VAL A CA    1 
ATOM   611 C  C     . VAL A 1 96  ? -6.661  10.002  9.980   1.00 35.20  ? 96  VAL A C     1 
ATOM   612 O  O     . VAL A 1 96  ? -7.833  9.695   9.979   1.00 35.43  ? 96  VAL A O     1 
ATOM   613 C  CB    . VAL A 1 96  ? -5.851  8.875   7.906   1.00 35.59  ? 96  VAL A CB    1 
ATOM   614 C  CG1   . VAL A 1 96  ? -5.698  10.203  7.186   1.00 37.90  ? 96  VAL A CG1   1 
ATOM   615 C  CG2   . VAL A 1 96  ? -4.859  7.874   7.350   1.00 40.73  ? 96  VAL A CG2   1 
ATOM   616 N  N     . ALA A 1 97  ? -6.226  11.146  10.482  1.00 36.36  ? 97  ALA A N     1 
ATOM   617 C  CA    . ALA A 1 97  ? -7.154  12.084  11.101  1.00 37.67  ? 97  ALA A CA    1 
ATOM   618 C  C     . ALA A 1 97  ? -8.080  12.691  10.055  1.00 34.06  ? 97  ALA A C     1 
ATOM   619 O  O     . ALA A 1 97  ? -9.302  12.634  10.176  1.00 36.94  ? 97  ALA A O     1 
ATOM   620 C  CB    . ALA A 1 97  ? -6.388  13.175  11.829  1.00 44.73  ? 97  ALA A CB    1 
ATOM   621 N  N     . ARG A 1 98  ? -7.491  13.271  9.019   1.00 33.19  ? 98  ARG A N     1 
ATOM   622 C  CA    . ARG A 1 98  ? -8.269  13.952  8.000   1.00 36.28  ? 98  ARG A CA    1 
ATOM   623 C  C     . ARG A 1 98  ? -7.758  13.627  6.616   1.00 36.28  ? 98  ARG A C     1 
ATOM   624 O  O     . ARG A 1 98  ? -6.549  13.473  6.398   1.00 32.32  ? 98  ARG A O     1 
ATOM   625 C  CB    . ARG A 1 98  ? -8.234  15.462  8.223   1.00 39.63  ? 98  ARG A CB    1 
ATOM   626 C  CG    . ARG A 1 98  ? -8.826  15.892  9.548   1.00 52.53  ? 98  ARG A CG    1 
ATOM   627 C  CD    . ARG A 1 98  ? -8.398  17.294  9.934   1.00 57.01  ? 98  ARG A CD    1 
ATOM   628 N  NE    . ARG A 1 98  ? -8.828  18.285  8.956   1.00 58.16  ? 98  ARG A NE    1 
ATOM   629 C  CZ    . ARG A 1 98  ? -8.656  19.594  9.104   1.00 60.28  ? 98  ARG A CZ    1 
ATOM   630 N  NH1   . ARG A 1 98  ? -8.070  20.060  10.201  1.00 58.06  ? 98  ARG A NH1   1 
ATOM   631 N  NH2   . ARG A 1 98  ? -9.080  20.435  8.164   1.00 51.66  ? 98  ARG A NH2   1 
ATOM   632 N  N     . VAL A 1 99  ? -8.673  13.517  5.666   1.00 34.81  ? 99  VAL A N     1 
ATOM   633 C  CA    . VAL A 1 99  ? -8.261  13.419  4.268   1.00 39.76  ? 99  VAL A CA    1 
ATOM   634 C  C     . VAL A 1 99  ? -8.955  14.509  3.469   1.00 44.26  ? 99  VAL A C     1 
ATOM   635 O  O     . VAL A 1 99  ? -10.179 14.540  3.418   1.00 40.42  ? 99  VAL A O     1 
ATOM   636 C  CB    . VAL A 1 99  ? -8.591  12.056  3.673   1.00 40.66  ? 99  VAL A CB    1 
ATOM   637 C  CG1   . VAL A 1 99  ? -8.214  12.026  2.203   1.00 43.66  ? 99  VAL A CG1   1 
ATOM   638 C  CG2   . VAL A 1 99  ? -7.865  10.962  4.429   1.00 42.54  ? 99  VAL A CG2   1 
ATOM   639 N  N     . ILE A 1 100 ? -8.185  15.406  2.859   1.00 36.79  ? 100 ILE A N     1 
ATOM   640 C  CA    . ILE A 1 100 ? -8.763  16.515  2.105   1.00 34.74  ? 100 ILE A CA    1 
ATOM   641 C  C     . ILE A 1 100 ? -8.337  16.479  0.645   1.00 36.00  ? 100 ILE A C     1 
ATOM   642 O  O     . ILE A 1 100 ? -7.162  16.282  0.328   1.00 35.95  ? 100 ILE A O     1 
ATOM   643 C  CB    . ILE A 1 100 ? -8.367  17.887  2.702   1.00 38.93  ? 100 ILE A CB    1 
ATOM   644 C  CG1   . ILE A 1 100 ? -8.592  17.910  4.217   1.00 42.47  ? 100 ILE A CG1   1 
ATOM   645 C  CG2   . ILE A 1 100 ? -9.154  19.008  2.046   1.00 39.51  ? 100 ILE A CG2   1 
ATOM   646 C  CD1   . ILE A 1 100 ? -7.311  17.795  5.020   1.00 39.34  ? 100 ILE A CD1   1 
ATOM   647 N  N     . ARG A 1 101 ? -9.306  16.674  -0.242  1.00 41.14  ? 101 ARG A N     1 
ATOM   648 C  CA    . ARG A 1 101 ? -9.035  16.800  -1.665  1.00 36.66  ? 101 ARG A CA    1 
ATOM   649 C  C     . ARG A 1 101 ? -8.674  18.241  -1.990  1.00 42.70  ? 101 ARG A C     1 
ATOM   650 O  O     . ARG A 1 101 ? -9.374  19.178  -1.616  1.00 36.49  ? 101 ARG A O     1 
ATOM   651 C  CB    . ARG A 1 101 ? -10.238 16.352  -2.507  1.00 41.18  ? 101 ARG A CB    1 
ATOM   652 C  CG    . ARG A 1 101 ? -10.513 14.864  -2.405  1.00 47.93  ? 101 ARG A CG    1 
ATOM   653 C  CD    . ARG A 1 101 ? -11.042 14.311  -3.712  1.00 59.20  ? 101 ARG A CD    1 
ATOM   654 N  NE    . ARG A 1 101 ? -12.395 14.766  -4.003  1.00 63.97  ? 101 ARG A NE    1 
ATOM   655 C  CZ    . ARG A 1 101 ? -12.806 15.166  -5.204  1.00 62.07  ? 101 ARG A CZ    1 
ATOM   656 N  NH1   . ARG A 1 101 ? -14.062 15.557  -5.378  1.00 55.50  ? 101 ARG A NH1   1 
ATOM   657 N  NH2   . ARG A 1 101 ? -11.967 15.173  -6.231  1.00 52.80  ? 101 ARG A NH2   1 
ATOM   658 N  N     . ILE A 1 102 ? -7.570  18.417  -2.689  1.00 36.06  ? 102 ILE A N     1 
ATOM   659 C  CA    . ILE A 1 102 ? -7.124  19.757  -3.007  1.00 36.15  ? 102 ILE A CA    1 
ATOM   660 C  C     . ILE A 1 102 ? -8.055  20.390  -4.044  1.00 44.84  ? 102 ILE A C     1 
ATOM   661 O  O     . ILE A 1 102 ? -8.280  21.609  -4.033  1.00 43.05  ? 102 ILE A O     1 
ATOM   662 C  CB    . ILE A 1 102 ? -5.679  19.724  -3.489  1.00 35.70  ? 102 ILE A CB    1 
ATOM   663 C  CG1   . ILE A 1 102 ? -4.776  19.398  -2.295  1.00 35.16  ? 102 ILE A CG1   1 
ATOM   664 C  CG2   . ILE A 1 102 ? -5.302  21.037  -4.180  1.00 36.33  ? 102 ILE A CG2   1 
ATOM   665 C  CD1   . ILE A 1 102 ? -3.292  19.243  -2.643  1.00 35.58  ? 102 ILE A CD1   1 
ATOM   666 N  N     . ARG A 1 103 ? -8.640  19.566  -4.910  1.00 36.67  ? 103 ARG A N     1 
ATOM   667 C  CA    . ARG A 1 103 ? -9.445  20.119  -5.988  1.00 44.74  ? 103 ARG A CA    1 
ATOM   668 C  C     . ARG A 1 103 ? -10.645 20.896  -5.449  1.00 47.96  ? 103 ARG A C     1 
ATOM   669 O  O     . ARG A 1 103 ? -10.977 21.975  -5.935  1.00 45.37  ? 103 ARG A O     1 
ATOM   670 C  CB    . ARG A 1 103 ? -9.936  19.026  -6.936  1.00 50.72  ? 103 ARG A CB    1 
ATOM   671 C  CG    . ARG A 1 103 ? -10.654 19.615  -8.136  1.00 59.76  ? 103 ARG A CG    1 
ATOM   672 C  CD    . ARG A 1 103 ? -11.221 18.558  -9.042  1.00 68.85  ? 103 ARG A CD    1 
ATOM   673 N  NE    . ARG A 1 103 ? -11.539 19.100  -10.362 1.00 74.09  ? 103 ARG A NE    1 
ATOM   674 C  CZ    . ARG A 1 103 ? -11.959 18.368  -11.388 1.00 77.80  ? 103 ARG A CZ    1 
ATOM   675 N  NH1   . ARG A 1 103 ? -12.121 17.060  -11.249 1.00 76.44  ? 103 ARG A NH1   1 
ATOM   676 N  NH2   . ARG A 1 103 ? -12.224 18.946  -12.553 1.00 84.71  ? 103 ARG A NH2   1 
ATOM   677 N  N     . THR A 1 104 ? -11.272 20.344  -4.419  1.00 43.15  ? 104 THR A N     1 
ATOM   678 C  CA    . THR A 1 104 ? -12.569 20.820  -3.977  1.00 45.37  ? 104 THR A CA    1 
ATOM   679 C  C     . THR A 1 104 ? -12.579 21.318  -2.530  1.00 48.09  ? 104 THR A C     1 
ATOM   680 O  O     . THR A 1 104 ? -13.531 21.979  -2.098  1.00 39.39  ? 104 THR A O     1 
ATOM   681 C  CB    . THR A 1 104 ? -13.618 19.697  -4.107  1.00 39.47  ? 104 THR A CB    1 
ATOM   682 O  OG1   . THR A 1 104 ? -13.194 18.573  -3.317  1.00 38.37  ? 104 THR A OG1   1 
ATOM   683 C  CG2   . THR A 1 104 ? -13.757 19.258  -5.559  1.00 39.97  ? 104 THR A CG2   1 
ATOM   684 N  N     . GLY A 1 105 ? -11.547 20.967  -1.767  1.00 38.16  ? 105 GLY A N     1 
ATOM   685 C  CA    . GLY A 1 105 ? -11.538 21.283  -0.346  1.00 42.13  ? 105 GLY A CA    1 
ATOM   686 C  C     . GLY A 1 105 ? -12.363 20.333  0.519   1.00 44.94  ? 105 GLY A C     1 
ATOM   687 O  O     . GLY A 1 105 ? -12.393 20.459  1.747   1.00 41.17  ? 105 GLY A O     1 
ATOM   688 N  N     . GLU A 1 106 ? -13.025 19.368  -0.114  1.00 41.80  ? 106 GLU A N     1 
ATOM   689 C  CA    . GLU A 1 106 ? -13.833 18.393  0.618   1.00 42.95  ? 106 GLU A CA    1 
ATOM   690 C  C     . GLU A 1 106 ? -12.982 17.533  1.541   1.00 42.75  ? 106 GLU A C     1 
ATOM   691 O  O     . GLU A 1 106 ? -11.934 17.035  1.139   1.00 36.13  ? 106 GLU A O     1 
ATOM   692 C  CB    . GLU A 1 106 ? -14.589 17.499  -0.348  1.00 37.37  ? 106 GLU A CB    1 
ATOM   693 C  CG    . GLU A 1 106 ? -15.755 18.176  -0.991  1.00 38.61  ? 106 GLU A CG    1 
ATOM   694 C  CD    . GLU A 1 106 ? -16.138 17.501  -2.278  1.00 48.10  ? 106 GLU A CD    1 
ATOM   695 O  OE1   . GLU A 1 106 ? -15.219 17.113  -3.040  1.00 45.53  ? 106 GLU A OE1   1 
ATOM   696 O  OE2   . GLU A 1 106 ? -17.346 17.335  -2.516  1.00 45.55  ? 106 GLU A OE2   1 
ATOM   697 N  N     . GLU A 1 107 ? -13.464 17.332  2.764   1.00 44.77  ? 107 GLU A N     1 
ATOM   698 C  CA    . GLU A 1 107 ? -12.701 16.659  3.810   1.00 57.20  ? 107 GLU A CA    1 
ATOM   699 C  C     . GLU A 1 107 ? -13.160 15.227  4.044   1.00 69.77  ? 107 GLU A C     1 
ATOM   700 O  O     . GLU A 1 107 ? -14.342 14.938  3.917   1.00 66.64  ? 107 GLU A O     1 
ATOM   701 C  CB    . GLU A 1 107 ? -12.809 17.452  5.109   1.00 63.59  ? 107 GLU A CB    1 
ATOM   702 C  CG    . GLU A 1 107 ? -11.931 16.948  6.226   1.00 66.07  ? 107 GLU A CG    1 
ATOM   703 C  CD    . GLU A 1 107 ? -11.281 18.078  6.992   1.00 72.33  ? 107 GLU A CD    1 
ATOM   704 O  OE1   . GLU A 1 107 ? -10.991 17.884  8.191   1.00 82.32  ? 107 GLU A OE1   1 
ATOM   705 O  OE2   . GLU A 1 107 ? -11.055 19.157  6.393   1.00 63.31  ? 107 GLU A OE2   1 
ATOM   706 N  N     . ASP A 1 108 ? -12.213 14.346  4.379   1.00 92.91  ? 108 ASP A N     1 
ATOM   707 C  CA    . ASP A 1 108 ? -12.467 12.928  4.682   1.00 99.21  ? 108 ASP A CA    1 
ATOM   708 C  C     . ASP A 1 108 ? -13.136 12.166  3.522   1.00 99.17  ? 108 ASP A C     1 
ATOM   709 O  O     . ASP A 1 108 ? -13.540 12.760  2.523   1.00 108.49 ? 108 ASP A O     1 
ATOM   710 C  CB    . ASP A 1 108 ? -13.302 12.816  5.959   1.00 101.24 ? 108 ASP A CB    1 
ATOM   711 C  CG    . ASP A 1 108 ? -12.733 13.631  7.112   1.00 104.24 ? 108 ASP A CG    1 
ATOM   712 O  OD1   . ASP A 1 108 ? -11.512 13.906  7.104   1.00 99.05  ? 108 ASP A OD1   1 
ATOM   713 O  OD2   . ASP A 1 108 ? -13.512 14.019  8.013   1.00 107.20 ? 108 ASP A OD2   1 
ATOM   714 N  N     . ASP A 1 109 ? -13.230 10.845  3.644   1.00 92.16  ? 109 ASP A N     1 
ATOM   715 C  CA    . ASP A 1 109 ? -13.847 10.042  2.588   1.00 95.09  ? 109 ASP A CA    1 
ATOM   716 C  C     . ASP A 1 109 ? -14.288 8.663   3.075   1.00 94.39  ? 109 ASP A C     1 
ATOM   717 O  O     . ASP A 1 109 ? -14.888 7.895   2.320   1.00 93.91  ? 109 ASP A O     1 
ATOM   718 C  CB    . ASP A 1 109 ? -12.897 9.904   1.404   1.00 96.08  ? 109 ASP A CB    1 
HETATM 719 P  PG    . ATP B 2 .   ? 11.619  -12.144 6.122   1.00 152.07 ? 201 ATP A PG    1 
HETATM 720 O  O1G   . ATP B 2 .   ? 11.518  -12.018 7.624   1.00 151.60 ? 201 ATP A O1G   1 
HETATM 721 O  O2G   . ATP B 2 .   ? 12.714  -11.315 5.500   1.00 150.01 ? 201 ATP A O2G   1 
HETATM 722 O  O3G   . ATP B 2 .   ? 11.596  -13.578 5.662   1.00 151.77 ? 201 ATP A O3G   1 
HETATM 723 P  PB    . ATP B 2 .   ? 9.483   -10.219 6.127   1.00 170.83 ? 201 ATP A PB    1 
HETATM 724 O  O1B   . ATP B 2 .   ? 9.709   -10.103 7.617   1.00 170.28 ? 201 ATP A O1B   1 
HETATM 725 O  O2B   . ATP B 2 .   ? 8.060   -10.308 5.621   1.00 162.45 ? 201 ATP A O2B   1 
HETATM 726 O  O3B   . ATP B 2 .   ? 10.284  -11.477 5.493   1.00 174.91 ? 201 ATP A O3B   1 
HETATM 727 P  PA    . ATP B 2 .   ? 11.423  -8.098  5.974   1.00 159.80 ? 201 ATP A PA    1 
HETATM 728 O  O1A   . ATP B 2 .   ? 11.242  -7.827  7.450   1.00 159.88 ? 201 ATP A O1A   1 
HETATM 729 O  O2A   . ATP B 2 .   ? 12.739  -8.638  5.464   1.00 156.07 ? 201 ATP A O2A   1 
HETATM 730 O  O3A   . ATP B 2 .   ? 10.193  -8.972  5.374   1.00 181.19 ? 201 ATP A O3A   1 
HETATM 731 O  "O5'" . ATP B 2 .   ? 11.245  -6.692  5.232   1.00 100.72 ? 201 ATP A "O5'" 1 
HETATM 732 C  "C5'" . ATP B 2 .   ? 12.414  -5.933  4.993   1.00 96.44  ? 201 ATP A "C5'" 1 
HETATM 733 C  "C4'" . ATP B 2 .   ? 12.037  -4.521  4.589   1.00 87.93  ? 201 ATP A "C4'" 1 
HETATM 734 O  "O4'" . ATP B 2 .   ? 10.974  -3.992  5.389   1.00 81.42  ? 201 ATP A "O4'" 1 
HETATM 735 C  "C3'" . ATP B 2 .   ? 13.251  -3.646  4.812   1.00 80.16  ? 201 ATP A "C3'" 1 
HETATM 736 O  "O3'" . ATP B 2 .   ? 13.932  -3.486  3.568   1.00 81.95  ? 201 ATP A "O3'" 1 
HETATM 737 C  "C2'" . ATP B 2 .   ? 12.706  -2.352  5.387   1.00 70.56  ? 201 ATP A "C2'" 1 
HETATM 738 O  "O2'" . ATP B 2 .   ? 12.698  -1.316  4.401   1.00 55.07  ? 201 ATP A "O2'" 1 
HETATM 739 C  "C1'" . ATP B 2 .   ? 11.286  -2.668  5.834   1.00 73.73  ? 201 ATP A "C1'" 1 
HETATM 740 N  N9    . ATP B 2 .   ? 11.295  -2.672  7.313   1.00 70.31  ? 201 ATP A N9    1 
HETATM 741 C  C8    . ATP B 2 .   ? 11.471  -3.774  8.069   1.00 71.75  ? 201 ATP A C8    1 
HETATM 742 N  N7    . ATP B 2 .   ? 11.439  -3.472  9.391   1.00 73.01  ? 201 ATP A N7    1 
HETATM 743 C  C5    . ATP B 2 .   ? 11.243  -2.143  9.491   1.00 66.22  ? 201 ATP A C5    1 
HETATM 744 C  C6    . ATP B 2 .   ? 11.108  -1.173  10.599  1.00 65.13  ? 201 ATP A C6    1 
HETATM 745 N  N6    . ATP B 2 .   ? 11.185  -1.583  11.889  1.00 70.78  ? 201 ATP A N6    1 
HETATM 746 N  N1    . ATP B 2 .   ? 10.908  0.128   10.270  1.00 63.37  ? 201 ATP A N1    1 
HETATM 747 C  C2    . ATP B 2 .   ? 10.831  0.551   8.989   1.00 44.70  ? 201 ATP A C2    1 
HETATM 748 N  N3    . ATP B 2 .   ? 10.950  -0.278  7.945   1.00 44.25  ? 201 ATP A N3    1 
HETATM 749 C  C4    . ATP B 2 .   ? 11.150  -1.613  8.119   1.00 60.83  ? 201 ATP A C4    1 
HETATM 750 MG MG    . MG  C 3 .   ? 6.476   -8.222  -11.211 0.73 19.10  ? 202 MG  A MG    1 
HETATM 751 O  O     . HOH D 4 .   ? -2.886  1.993   -8.908  1.00 46.55  ? 301 HOH A O     1 
HETATM 752 O  O     . HOH D 4 .   ? -14.301 2.572   11.532  1.00 44.58  ? 302 HOH A O     1 
HETATM 753 O  O     . HOH D 4 .   ? 0.523   -15.854 -2.099  1.00 54.57  ? 303 HOH A O     1 
HETATM 754 O  O     . HOH D 4 .   ? -11.196 -3.779  6.898   1.00 47.03  ? 304 HOH A O     1 
HETATM 755 O  O     . HOH D 4 .   ? 14.715  7.570   -1.658  1.00 26.63  ? 305 HOH A O     1 
HETATM 756 O  O     . HOH D 4 .   ? 4.970   6.270   -1.155  1.00 27.56  ? 306 HOH A O     1 
HETATM 757 O  O     . HOH D 4 .   ? -11.865 -5.546  4.213   1.00 51.02  ? 307 HOH A O     1 
HETATM 758 O  O     . HOH D 4 .   ? -3.036  4.203   16.059  1.00 47.79  ? 308 HOH A O     1 
HETATM 759 O  O     . HOH D 4 .   ? 8.133   -7.969  -1.396  1.00 29.87  ? 309 HOH A O     1 
HETATM 760 O  O     . HOH D 4 .   ? 5.490   6.750   5.246   1.00 48.10  ? 310 HOH A O     1 
HETATM 761 O  O     . HOH D 4 .   ? -1.676  -9.538  -9.103  1.00 39.88  ? 311 HOH A O     1 
HETATM 762 O  O     . HOH D 4 .   ? 13.694  1.219   -5.288  1.00 54.21  ? 312 HOH A O     1 
HETATM 763 O  O     . HOH D 4 .   ? -4.163  -0.406  -8.074  1.00 36.39  ? 313 HOH A O     1 
HETATM 764 O  O     . HOH D 4 .   ? 9.346   7.779   2.597   1.00 35.02  ? 314 HOH A O     1 
HETATM 765 O  O     . HOH D 4 .   ? -2.099  5.036   13.762  1.00 37.72  ? 315 HOH A O     1 
HETATM 766 O  O     . HOH D 4 .   ? 8.689   2.380   -9.206  1.00 53.71  ? 316 HOH A O     1 
HETATM 767 O  O     . HOH D 4 .   ? 11.467  0.785   -8.535  1.00 44.47  ? 317 HOH A O     1 
HETATM 768 O  O     . HOH D 4 .   ? 6.148   -7.265  -15.386 1.00 23.26  ? 318 HOH A O     1 
HETATM 769 O  O     . HOH D 4 .   ? -10.981 2.374   12.926  1.00 60.66  ? 319 HOH A O     1 
HETATM 770 O  O     . HOH D 4 .   ? -8.300  6.458   11.400  1.00 48.35  ? 320 HOH A O     1 
HETATM 771 O  O     . HOH D 4 .   ? -7.261  -9.105  -6.093  1.00 43.85  ? 321 HOH A O     1 
HETATM 772 O  O     . HOH D 4 .   ? -11.681 6.010   11.100  1.00 58.80  ? 322 HOH A O     1 
HETATM 773 O  O     . HOH D 4 .   ? -8.695  4.067   -5.242  1.00 52.46  ? 323 HOH A O     1 
HETATM 774 O  O     . HOH D 4 .   ? 9.147   -0.612  -9.239  1.00 39.96  ? 324 HOH A O     1 
HETATM 775 O  O     . HOH D 4 .   ? 6.582   3.112   6.516   1.00 39.33  ? 325 HOH A O     1 
HETATM 776 O  O     . HOH D 4 .   ? 16.054  3.139   -3.904  1.00 50.93  ? 326 HOH A O     1 
HETATM 777 O  O     . HOH D 4 .   ? -9.679  -0.521  9.571   1.00 56.01  ? 327 HOH A O     1 
HETATM 778 O  O     . HOH D 4 .   ? 7.080   -14.829 -5.929  1.00 56.87  ? 328 HOH A O     1 
HETATM 779 O  O     . HOH D 4 .   ? -12.548 -8.136  6.257   1.00 68.45  ? 329 HOH A O     1 
HETATM 780 O  O     . HOH D 4 .   ? 3.374   -0.621  -11.906 1.00 39.18  ? 330 HOH A O     1 
HETATM 781 O  O     . HOH D 4 .   ? 3.523   8.579   7.979   0.33 82.89  ? 331 HOH A O     1 
HETATM 782 O  O     . HOH D 4 .   ? 6.825   -3.261  -14.711 0.55 58.79  ? 332 HOH A O     1 
HETATM 783 O  O     . HOH D 4 .   ? -3.662  7.946   16.583  0.53 68.64  ? 333 HOH A O     1 
HETATM 784 O  O     . HOH D 4 .   ? 5.955   -1.641  -11.858 1.00 46.65  ? 334 HOH A O     1 
HETATM 785 O  O     . HOH D 4 .   ? 13.090  9.422   -3.475  0.43 54.55  ? 335 HOH A O     1 
HETATM 786 O  O     . HOH D 4 .   ? -2.616  -2.576  -13.098 1.00 51.99  ? 336 HOH A O     1 
HETATM 787 O  O     . HOH D 4 .   ? -16.538 25.071  -1.959  1.00 56.24  ? 337 HOH A O     1 
# 
loop_
_atom_site_anisotrop.id 
_atom_site_anisotrop.type_symbol 
_atom_site_anisotrop.pdbx_label_atom_id 
_atom_site_anisotrop.pdbx_label_alt_id 
_atom_site_anisotrop.pdbx_label_comp_id 
_atom_site_anisotrop.pdbx_label_asym_id 
_atom_site_anisotrop.pdbx_label_seq_id 
_atom_site_anisotrop.pdbx_PDB_ins_code 
_atom_site_anisotrop.U[1][1] 
_atom_site_anisotrop.U[2][2] 
_atom_site_anisotrop.U[3][3] 
_atom_site_anisotrop.U[1][2] 
_atom_site_anisotrop.U[1][3] 
_atom_site_anisotrop.U[2][3] 
_atom_site_anisotrop.pdbx_auth_seq_id 
_atom_site_anisotrop.pdbx_auth_comp_id 
_atom_site_anisotrop.pdbx_auth_asym_id 
_atom_site_anisotrop.pdbx_auth_atom_id 
1   N N   . MET A 1   ? 0.4974 0.7267 0.7133 -0.0751 0.0779  0.0274  1   MET A N   
2   C CA  . MET A 1   ? 0.5497 0.7646 0.7708 -0.0743 0.0736  0.0270  1   MET A CA  
3   C C   . MET A 1   ? 0.4866 0.6864 0.6787 -0.0715 0.0817  0.0261  1   MET A C   
4   O O   . MET A 1   ? 0.4557 0.6449 0.6324 -0.0639 0.0901  0.0285  1   MET A O   
5   C CB  . MET A 1   ? 0.5071 0.7288 0.7376 -0.0694 0.0613  0.0167  1   MET A CB  
6   C CG  . MET A 1   ? 0.6287 0.8614 0.8815 -0.0768 0.0518  0.0097  1   MET A CG  
7   S SD  . MET A 1   ? 0.8954 1.1348 1.1542 -0.0684 0.0343  0.0052  1   MET A SD  
8   C CE  . MET A 1   ? 0.4072 0.6461 0.6620 -0.0773 0.0193  0.0080  1   MET A CE  
9   N N   . LYS A 2   ? 0.3831 0.5795 0.5599 -0.0768 0.0751  0.0253  2   LYS A N   
10  C CA  . LYS A 2   ? 0.2851 0.4588 0.4270 -0.0699 0.0773  0.0276  2   LYS A CA  
11  C C   . LYS A 2   ? 0.3033 0.4714 0.4298 -0.0614 0.0635  0.0248  2   LYS A C   
12  O O   . LYS A 2   ? 0.3526 0.5255 0.4887 -0.0646 0.0517  0.0211  2   LYS A O   
13  C CB  . LYS A 2   ? 0.3461 0.4973 0.4738 -0.0786 0.0824  0.0298  2   LYS A CB  
14  C CG  . LYS A 2   ? 0.3888 0.5424 0.5288 -0.0883 0.0970  0.0326  2   LYS A CG  
15  C CD  . LYS A 2   ? 0.3839 0.5293 0.5056 -0.0817 0.1078  0.0373  2   LYS A CD  
16  C CE  . LYS A 2   ? 0.4823 0.6262 0.6091 -0.0875 0.1157  0.0406  2   LYS A CE  
17  N NZ  . LYS A 2   ? 0.4367 0.6037 0.5892 -0.0864 0.1133  0.0392  2   LYS A NZ  
18  N N   . LYS A 3   ? 0.3349 0.4920 0.4371 -0.0511 0.0648  0.0267  3   LYS A N   
19  C CA  . LYS A 3   ? 0.3235 0.4717 0.4087 -0.0436 0.0534  0.0241  3   LYS A CA  
20  C C   . LYS A 3   ? 0.3543 0.4750 0.4157 -0.0449 0.0542  0.0255  3   LYS A C   
21  O O   . LYS A 3   ? 0.3861 0.4937 0.4329 -0.0437 0.0631  0.0302  3   LYS A O   
22  C CB  . LYS A 3   ? 0.3111 0.4659 0.3872 -0.0306 0.0528  0.0248  3   LYS A CB  
23  C CG  . LYS A 3   ? 0.3484 0.4917 0.4047 -0.0223 0.0433  0.0225  3   LYS A CG  
24  C CD  . LYS A 3   ? 0.4271 0.5874 0.4881 -0.0131 0.0374  0.0205  3   LYS A CD  
25  C CE  . LYS A 3   ? 0.5152 0.6633 0.5525 -0.0020 0.0342  0.0207  3   LYS A CE  
26  N NZ  . LYS A 3   ? 0.4896 0.6230 0.5095 0.0017  0.0435  0.0262  3   LYS A NZ  
27  N N   . ILE A 4   ? 0.3293 0.4407 0.3861 -0.0477 0.0447  0.0215  4   ILE A N   
28  C CA  . ILE A 4   ? 0.3625 0.4476 0.3979 -0.0486 0.0447  0.0221  4   ILE A CA  
29  C C   . ILE A 4   ? 0.3580 0.4339 0.3754 -0.0378 0.0376  0.0197  4   ILE A C   
30  O O   . ILE A 4   ? 0.3410 0.4235 0.3619 -0.0367 0.0281  0.0147  4   ILE A O   
31  C CB  . ILE A 4   ? 0.4476 0.5251 0.4896 -0.0609 0.0404  0.0192  4   ILE A CB  
32  C CG1 . ILE A 4   ? 0.3867 0.4753 0.4497 -0.0720 0.0475  0.0214  4   ILE A CG1 
33  C CG2 . ILE A 4   ? 0.3285 0.3776 0.3485 -0.0616 0.0412  0.0196  4   ILE A CG2 
34  C CD1 . ILE A 4   ? 0.4210 0.5066 0.4949 -0.0848 0.0424  0.0186  4   ILE A CD1 
35  N N   . ASP A 5   ? 0.3404 0.4014 0.3392 -0.0303 0.0423  0.0236  5   ASP A N   
36  C CA  . ASP A 5   ? 0.3458 0.3949 0.3272 -0.0201 0.0375  0.0219  5   ASP A CA  
37  C C   . ASP A 5   ? 0.4438 0.4669 0.4115 -0.0233 0.0375  0.0215  5   ASP A C   
38  O O   . ASP A 5   ? 0.4422 0.4513 0.4027 -0.0253 0.0440  0.0266  5   ASP A O   
39  C CB  . ASP A 5   ? 0.4120 0.4606 0.3827 -0.0089 0.0418  0.0270  5   ASP A CB  
40  C CG  . ASP A 5   ? 0.4592 0.5315 0.4403 -0.0039 0.0416  0.0270  5   ASP A CG  
41  O OD1 . ASP A 5   ? 0.4507 0.5408 0.4501 -0.0094 0.0391  0.0239  5   ASP A OD1 
42  O OD2 . ASP A 5   ? 0.5382 0.6108 0.5098 0.0056  0.0436  0.0304  5   ASP A OD2 
43  N N   . ALA A 6   ? 0.3523 0.3675 0.3156 -0.0239 0.0305  0.0155  6   ALA A N   
44  C CA  . ALA A 6   ? 0.3281 0.3172 0.2775 -0.0254 0.0310  0.0145  6   ALA A CA  
45  C C   . ALA A 6   ? 0.3414 0.3205 0.2772 -0.0141 0.0281  0.0120  6   ALA A C   
46  O O   . ALA A 6   ? 0.3493 0.3366 0.2856 -0.0113 0.0220  0.0065  6   ALA A O   
47  C CB  . ALA A 6   ? 0.3869 0.3703 0.3408 -0.0374 0.0268  0.0092  6   ALA A CB  
48  N N   . ILE A 7   ? 0.3219 0.2832 0.2461 -0.0080 0.0324  0.0162  7   ILE A N   
49  C CA  . ILE A 7   ? 0.3163 0.2659 0.2294 0.0023  0.0305  0.0139  7   ILE A CA  
50  C C   . ILE A 7   ? 0.3653 0.2908 0.2706 -0.0022 0.0305  0.0097  7   ILE A C   
51  O O   . ILE A 7   ? 0.4087 0.3173 0.3103 -0.0054 0.0346  0.0138  7   ILE A O   
52  C CB  . ILE A 7   ? 0.3668 0.3112 0.2734 0.0126  0.0340  0.0212  7   ILE A CB  
53  C CG1 . ILE A 7   ? 0.3762 0.3413 0.2892 0.0142  0.0360  0.0264  7   ILE A CG1 
54  C CG2 . ILE A 7   ? 0.3921 0.3296 0.2913 0.0240  0.0317  0.0183  7   ILE A CG2 
55  C CD1 . ILE A 7   ? 0.3770 0.3636 0.2960 0.0188  0.0314  0.0221  7   ILE A CD1 
56  N N   . ILE A 8   ? 0.3346 0.2573 0.2365 -0.0031 0.0260  0.0016  8   ILE A N   
57  C CA  . ILE A 8   ? 0.3588 0.2583 0.2531 -0.0091 0.0265  -0.0034 8   ILE A CA  
58  C C   . ILE A 8   ? 0.4486 0.3346 0.3324 -0.0017 0.0259  -0.0097 8   ILE A C   
59  O O   . ILE A 8   ? 0.3715 0.2678 0.2543 0.0074  0.0241  -0.0111 8   ILE A O   
60  C CB  . ILE A 8   ? 0.3713 0.2748 0.2701 -0.0229 0.0222  -0.0084 8   ILE A CB  
61  C CG1 . ILE A 8   ? 0.4110 0.3313 0.3123 -0.0227 0.0151  -0.0142 8   ILE A CG1 
62  C CG2 . ILE A 8   ? 0.4265 0.3420 0.3374 -0.0312 0.0238  -0.0029 8   ILE A CG2 
63  C CD1 . ILE A 8   ? 0.4674 0.3894 0.3720 -0.0365 0.0090  -0.0193 8   ILE A CD1 
64  N N   . LYS A 9   ? 0.4127 0.2748 0.2885 -0.0059 0.0281  -0.0139 9   LYS A N   
65  C CA  . LYS A 9   ? 0.4181 0.2658 0.2842 -0.0008 0.0288  -0.0212 9   LYS A CA  
66  C C   . LYS A 9   ? 0.3753 0.2339 0.2386 -0.0061 0.0226  -0.0290 9   LYS A C   
67  O O   . LYS A 9   ? 0.4314 0.2984 0.2987 -0.0173 0.0179  -0.0303 9   LYS A O   
68  C CB  . LYS A 9   ? 0.4852 0.3038 0.3439 -0.0049 0.0335  -0.0242 9   LYS A CB  
69  C CG  . LYS A 9   ? 0.4839 0.2900 0.3452 0.0013  0.0386  -0.0160 9   LYS A CG  
70  C CD  . LYS A 9   ? 0.6517 0.4307 0.5075 -0.0055 0.0425  -0.0180 9   LYS A CD  
71  C CE  . LYS A 9   ? 0.7778 0.5419 0.6358 0.0017  0.0470  -0.0103 9   LYS A CE  
72  N NZ  . LYS A 9   ? 0.8927 0.6300 0.7460 -0.0050 0.0506  -0.0122 9   LYS A NZ  
73  N N   . PRO A 10  ? 0.4093 0.2686 0.2666 0.0018  0.0221  -0.0337 10  PRO A N   
74  C CA  . PRO A 10  ? 0.4237 0.2953 0.2778 -0.0024 0.0152  -0.0399 10  PRO A CA  
75  C C   . PRO A 10  ? 0.4672 0.3258 0.3131 -0.0165 0.0118  -0.0471 10  PRO A C   
76  O O   . PRO A 10  ? 0.4611 0.3335 0.3098 -0.0245 0.0040  -0.0489 10  PRO A O   
77  C CB  . PRO A 10  ? 0.4498 0.3169 0.2960 0.0085  0.0177  -0.0441 10  PRO A CB  
78  C CG  . PRO A 10  ? 0.4638 0.3294 0.3158 0.0208  0.0235  -0.0367 10  PRO A CG  
79  C CD  . PRO A 10  ? 0.4863 0.3369 0.3408 0.0152  0.0273  -0.0327 10  PRO A CD  
80  N N   . PHE A 11  ? 0.3945 0.2266 0.2311 -0.0196 0.0172  -0.0509 11  PHE A N   
81  C CA  . PHE A 11  ? 0.4478 0.2638 0.2737 -0.0333 0.0145  -0.0581 11  PHE A CA  
82  C C   . PHE A 11  ? 0.5109 0.3313 0.3454 -0.0452 0.0111  -0.0540 11  PHE A C   
83  O O   . PHE A 11  ? 0.5034 0.3115 0.3308 -0.0579 0.0080  -0.0588 11  PHE A O   
84  C CB  . PHE A 11  ? 0.4864 0.2712 0.2989 -0.0323 0.0226  -0.0640 11  PHE A CB  
85  C CG  . PHE A 11  ? 0.5993 0.3722 0.4181 -0.0267 0.0302  -0.0580 11  PHE A CG  
86  C CD1 . PHE A 11  ? 0.6528 0.4175 0.4745 -0.0362 0.0305  -0.0550 11  PHE A CD1 
87  C CD2 . PHE A 11  ? 0.6868 0.4571 0.5092 -0.0124 0.0363  -0.0549 11  PHE A CD2 
88  C CE1 . PHE A 11  ? 0.7262 0.4791 0.5526 -0.0316 0.0368  -0.0490 11  PHE A CE1 
89  C CE2 . PHE A 11  ? 0.6676 0.4263 0.4959 -0.0076 0.0419  -0.0486 11  PHE A CE2 
90  C CZ  . PHE A 11  ? 0.7027 0.4522 0.5323 -0.0172 0.0421  -0.0456 11  PHE A CZ  
91  N N   . LYS A 12  ? 0.4371 0.2744 0.2865 -0.0416 0.0120  -0.0452 12  LYS A N   
92  C CA  . LYS A 12  ? 0.3661 0.2108 0.2256 -0.0531 0.0089  -0.0413 12  LYS A CA  
93  C C   . LYS A 12  ? 0.3542 0.2272 0.2263 -0.0575 0.0004  -0.0400 12  LYS A C   
94  O O   . LYS A 12  ? 0.3930 0.2746 0.2760 -0.0678 -0.0029 -0.0375 12  LYS A O   
95  C CB  . LYS A 12  ? 0.4638 0.3084 0.3319 -0.0490 0.0156  -0.0327 12  LYS A CB  
96  C CG  . LYS A 12  ? 0.4524 0.2680 0.3115 -0.0494 0.0225  -0.0331 12  LYS A CG  
97  C CD  . LYS A 12  ? 0.6073 0.4097 0.4633 -0.0647 0.0207  -0.0360 12  LYS A CD  
98  C CE  . LYS A 12  ? 0.7209 0.4971 0.5711 -0.0653 0.0279  -0.0343 12  LYS A CE  
99  N NZ  . LYS A 12  ? 0.7518 0.5160 0.5998 -0.0808 0.0263  -0.0365 12  LYS A NZ  
100 N N   . LEU A 13  ? 0.3813 0.2683 0.2530 -0.0500 -0.0033 -0.0418 13  LEU A N   
101 C CA  . LEU A 13  ? 0.3699 0.2834 0.2545 -0.0535 -0.0117 -0.0403 13  LEU A CA  
102 C C   . LEU A 13  ? 0.3580 0.2703 0.2433 -0.0691 -0.0208 -0.0445 13  LEU A C   
103 O O   . LEU A 13  ? 0.3936 0.3232 0.2960 -0.0762 -0.0253 -0.0407 13  LEU A O   
104 C CB  . LEU A 13  ? 0.3699 0.2956 0.2513 -0.0436 -0.0149 -0.0425 13  LEU A CB  
105 C CG  . LEU A 13  ? 0.3515 0.3037 0.2459 -0.0465 -0.0244 -0.0415 13  LEU A CG  
106 C CD1 . LEU A 13  ? 0.3731 0.3476 0.2891 -0.0455 -0.0226 -0.0336 13  LEU A CD1 
107 C CD2 . LEU A 13  ? 0.3894 0.3496 0.2773 -0.0363 -0.0268 -0.0439 13  LEU A CD2 
108 N N   . ASP A 14  ? 0.4023 0.2938 0.2695 -0.0752 -0.0237 -0.0521 14  ASP A N   
109 C CA  . ASP A 14  ? 0.3935 0.2840 0.2602 -0.0906 -0.0339 -0.0555 14  ASP A CA  
110 C C   . ASP A 14  ? 0.4814 0.3654 0.3559 -0.1015 -0.0324 -0.0527 14  ASP A C   
111 O O   . ASP A 14  ? 0.4560 0.3525 0.3436 -0.1125 -0.0407 -0.0510 14  ASP A O   
112 C CB  . ASP A 14  ? 0.4798 0.3479 0.3222 -0.0960 -0.0375 -0.0648 14  ASP A CB  
113 C CG  . ASP A 14  ? 0.5297 0.3663 0.3535 -0.0944 -0.0273 -0.0694 14  ASP A CG  
114 O OD1 . ASP A 14  ? 0.5027 0.3336 0.3310 -0.0871 -0.0174 -0.0655 14  ASP A OD1 
115 O OD2 . ASP A 14  ? 0.4928 0.3089 0.2964 -0.1009 -0.0291 -0.0773 14  ASP A OD2 
116 N N   . ASP A 15  ? 0.3879 0.2540 0.2568 -0.0983 -0.0221 -0.0513 15  ASP A N   
117 C CA  . ASP A 15  ? 0.4468 0.3073 0.3235 -0.1078 -0.0198 -0.0477 15  ASP A CA  
118 C C   . ASP A 15  ? 0.4396 0.3282 0.3411 -0.1090 -0.0216 -0.0404 15  ASP A C   
119 O O   . ASP A 15  ? 0.4669 0.3616 0.3800 -0.1214 -0.0265 -0.0391 15  ASP A O   
120 C CB  . ASP A 15  ? 0.4524 0.2927 0.3219 -0.1017 -0.0082 -0.0457 15  ASP A CB  
121 C CG  . ASP A 15  ? 0.5574 0.3687 0.4048 -0.0994 -0.0041 -0.0529 15  ASP A CG  
122 O OD1 . ASP A 15  ? 0.5034 0.3146 0.3419 -0.0919 -0.0048 -0.0572 15  ASP A OD1 
123 O OD2 . ASP A 15  ? 0.6326 0.4206 0.4719 -0.1052 0.0005  -0.0543 15  ASP A OD2 
124 N N   . VAL A 16  ? 0.3862 0.2915 0.2961 -0.0963 -0.0170 -0.0357 16  VAL A N   
125 C CA  . VAL A 16  ? 0.3551 0.2848 0.2873 -0.0961 -0.0156 -0.0286 16  VAL A CA  
126 C C   . VAL A 16  ? 0.4567 0.4096 0.4046 -0.1023 -0.0263 -0.0294 16  VAL A C   
127 O O   . VAL A 16  ? 0.4515 0.4189 0.4189 -0.1107 -0.0283 -0.0259 16  VAL A O   
128 C CB  . VAL A 16  ? 0.3939 0.3333 0.3287 -0.0811 -0.0079 -0.0235 16  VAL A CB  
129 C CG1 . VAL A 16  ? 0.4223 0.3883 0.3794 -0.0811 -0.0064 -0.0171 16  VAL A CG1 
130 C CG2 . VAL A 16  ? 0.3919 0.3090 0.3148 -0.0763 0.0019  -0.0210 16  VAL A CG2 
131 N N   . ARG A 17  ? 0.3530 0.3093 0.2931 -0.0984 -0.0334 -0.0337 17  ARG A N   
132 C CA  . ARG A 17  ? 0.3850 0.3620 0.3395 -0.1044 -0.0451 -0.0343 17  ARG A CA  
133 C C   . ARG A 17  ? 0.4538 0.4255 0.4129 -0.1212 -0.0534 -0.0360 17  ARG A C   
134 O O   . ARG A 17  ? 0.4961 0.4878 0.4783 -0.1283 -0.0593 -0.0328 17  ARG A O   
135 C CB  . ARG A 17  ? 0.4273 0.4041 0.3684 -0.0989 -0.0519 -0.0392 17  ARG A CB  
136 C CG  . ARG A 17  ? 0.4829 0.4736 0.4259 -0.0831 -0.0468 -0.0368 17  ARG A CG  
137 C CD  . ARG A 17  ? 0.5586 0.5535 0.4927 -0.0802 -0.0556 -0.0412 17  ARG A CD  
138 N NE  . ARG A 17  ? 0.5915 0.6022 0.5404 -0.0904 -0.0686 -0.0411 17  ARG A NE  
139 C CZ  . ARG A 17  ? 0.6830 0.6879 0.6209 -0.0974 -0.0802 -0.0461 17  ARG A CZ  
140 N NH1 . ARG A 17  ? 0.6932 0.7134 0.6489 -0.1042 -0.0911 -0.0442 17  ARG A NH1 
141 N NH2 . ARG A 17  ? 0.6742 0.6577 0.5851 -0.0951 -0.0791 -0.0523 17  ARG A NH2 
142 N N   . GLU A 18  ? 0.4711 0.4151 0.4090 -0.1279 -0.0534 -0.0411 18  GLU A N   
143 C CA  . GLU A 18  ? 0.5234 0.4582 0.4612 -0.1448 -0.0620 -0.0433 18  GLU A CA  
144 C C   . GLU A 18  ? 0.5899 0.5328 0.5485 -0.1520 -0.0582 -0.0377 18  GLU A C   
145 O O   . GLU A 18  ? 0.5501 0.5063 0.5271 -0.1633 -0.0669 -0.0359 18  GLU A O   
146 C CB  . GLU A 18  ? 0.5994 0.5001 0.5078 -0.1494 -0.0601 -0.0502 18  GLU A CB  
147 C CG  . GLU A 18  ? 0.7447 0.6322 0.6466 -0.1674 -0.0708 -0.0538 18  GLU A CG  
148 C CD  . GLU A 18  ? 0.8996 0.7786 0.8087 -0.1775 -0.0671 -0.0511 18  GLU A CD  
149 O OE1 . GLU A 18  ? 0.8105 0.6793 0.7163 -0.1712 -0.0546 -0.0492 18  GLU A OE1 
150 O OE2 . GLU A 18  ? 0.9437 0.8262 0.8618 -0.1922 -0.0773 -0.0507 18  GLU A OE2 
151 N N   . ALA A 19  ? 0.4889 0.4241 0.4455 -0.1457 -0.0452 -0.0346 19  ALA A N   
152 C CA  . ALA A 19  ? 0.5534 0.4937 0.5269 -0.1527 -0.0402 -0.0294 19  ALA A CA  
153 C C   . ALA A 19  ? 0.5144 0.4871 0.5179 -0.1513 -0.0407 -0.0238 19  ALA A C   
154 O O   . ALA A 19  ? 0.5863 0.5690 0.6095 -0.1619 -0.0426 -0.0210 19  ALA A O   
155 C CB  . ALA A 19  ? 0.5315 0.4551 0.4939 -0.1458 -0.0269 -0.0272 19  ALA A CB  
156 N N   . LEU A 20  ? 0.5194 0.5080 0.5267 -0.1384 -0.0385 -0.0223 20  LEU A N   
157 C CA  . LEU A 20  ? 0.4210 0.4398 0.4564 -0.1363 -0.0381 -0.0174 20  LEU A CA  
158 C C   . LEU A 20  ? 0.5149 0.5502 0.5689 -0.1461 -0.0520 -0.0186 20  LEU A C   
159 O O   . LEU A 20  ? 0.4946 0.5505 0.5765 -0.1517 -0.0528 -0.0149 20  LEU A O   
160 C CB  . LEU A 20  ? 0.3861 0.4162 0.4188 -0.1203 -0.0334 -0.0161 20  LEU A CB  
161 C CG  . LEU A 20  ? 0.3888 0.4105 0.4122 -0.1106 -0.0194 -0.0123 20  LEU A CG  
162 C CD1 . LEU A 20  ? 0.3896 0.4209 0.4083 -0.0954 -0.0167 -0.0113 20  LEU A CD1 
163 C CD2 . LEU A 20  ? 0.3905 0.4225 0.4335 -0.1161 -0.0111 -0.0067 20  LEU A CD2 
164 N N   . ALA A 21  ? 0.5226 0.5485 0.5613 -0.1485 -0.0631 -0.0237 21  ALA A N   
165 C CA  . ALA A 21  ? 0.4707 0.5096 0.5241 -0.1584 -0.0786 -0.0246 21  ALA A CA  
166 C C   . ALA A 21  ? 0.5110 0.5481 0.5789 -0.1744 -0.0826 -0.0231 21  ALA A C   
167 O O   . ALA A 21  ? 0.6251 0.6820 0.7194 -0.1809 -0.0911 -0.0207 21  ALA A O   
168 C CB  . ALA A 21  ? 0.5136 0.5364 0.5416 -0.1596 -0.0891 -0.0307 21  ALA A CB  
169 N N   . GLU A 22  ? 0.5459 0.5597 0.5977 -0.1794 -0.0756 -0.0243 22  GLU A N   
170 C CA  . GLU A 22  ? 0.6279 0.6372 0.6909 -0.1950 -0.0784 -0.0229 22  GLU A CA  
171 C C   . GLU A 22  ? 0.6410 0.6744 0.7376 -0.1964 -0.0717 -0.0168 22  GLU A C   
172 O O   . GLU A 22  ? 0.6794 0.7219 0.7976 -0.2085 -0.0777 -0.0150 22  GLU A O   
173 C CB  . GLU A 22  ? 0.6806 0.6587 0.7181 -0.1986 -0.0707 -0.0255 22  GLU A CB  
174 C CG  . GLU A 22  ? 0.7928 0.7434 0.7977 -0.2009 -0.0767 -0.0324 22  GLU A CG  
175 C CD  . GLU A 22  ? 0.9863 0.9060 0.9690 -0.2047 -0.0684 -0.0347 22  GLU A CD  
176 O OE1 . GLU A 22  ? 1.0512 0.9711 1.0440 -0.2068 -0.0594 -0.0306 22  GLU A OE1 
177 O OE2 . GLU A 22  ? 1.0399 0.9345 0.9949 -0.2061 -0.0705 -0.0408 22  GLU A OE2 
178 N N   . VAL A 23  ? 0.6471 0.6900 0.7479 -0.1839 -0.0586 -0.0137 23  VAL A N   
179 C CA  . VAL A 23  ? 0.6033 0.6682 0.7345 -0.1851 -0.0504 -0.0083 23  VAL A CA  
180 C C   . VAL A 23  ? 0.5550 0.6494 0.7104 -0.1784 -0.0546 -0.0066 23  VAL A C   
181 O O   . VAL A 23  ? 0.5571 0.6712 0.7362 -0.1755 -0.0457 -0.0026 23  VAL A O   
182 C CB  . VAL A 23  ? 0.5926 0.6491 0.7144 -0.1774 -0.0328 -0.0053 23  VAL A CB  
183 C CG1 . VAL A 23  ? 0.6925 0.7215 0.7957 -0.1854 -0.0285 -0.0062 23  VAL A CG1 
184 C CG2 . VAL A 23  ? 0.5093 0.5623 0.6117 -0.1609 -0.0276 -0.0060 23  VAL A CG2 
185 N N   . GLY A 24  ? 0.5362 0.6323 0.6845 -0.1762 -0.0677 -0.0097 24  GLY A N   
186 C CA  . GLY A 24  ? 0.4621 0.5847 0.6342 -0.1708 -0.0743 -0.0085 24  GLY A CA  
187 C C   . GLY A 24  ? 0.5267 0.6604 0.6949 -0.1556 -0.0684 -0.0077 24  GLY A C   
188 O O   . GLY A 24  ? 0.5507 0.7057 0.7394 -0.1486 -0.0709 -0.0068 24  GLY A O   
189 N N   . ILE A 25  ? 0.5436 0.6594 0.6834 -0.1459 -0.0585 -0.0090 25  ILE A N   
190 C CA  . ILE A 25  ? 0.5025 0.6265 0.6359 -0.1303 -0.0527 -0.0084 25  ILE A CA  
191 C C   . ILE A 25  ? 0.4750 0.5862 0.5823 -0.1247 -0.0613 -0.0131 25  ILE A C   
192 O O   . ILE A 25  ? 0.4469 0.5328 0.5273 -0.1259 -0.0605 -0.0165 25  ILE A O   
193 C CB  . ILE A 25  ? 0.4862 0.6008 0.6076 -0.1221 -0.0357 -0.0057 25  ILE A CB  
194 C CG1 . ILE A 25  ? 0.6078 0.7377 0.7552 -0.1264 -0.0256 -0.0010 25  ILE A CG1 
195 C CG2 . ILE A 25  ? 0.4486 0.5671 0.5579 -0.1067 -0.0315 -0.0055 25  ILE A CG2 
196 C CD1 . ILE A 25  ? 0.7140 0.8325 0.8652 -0.1399 -0.0235 -0.0002 25  ILE A CD1 
197 N N   . THR A 26  ? 0.4540 0.5820 0.5696 -0.1191 -0.0693 -0.0136 26  THR A N   
198 C CA  . THR A 26  ? 0.5561 0.6733 0.6478 -0.1149 -0.0781 -0.0182 26  THR A CA  
199 C C   . THR A 26  ? 0.6077 0.7349 0.6943 -0.0993 -0.0741 -0.0178 26  THR A C   
200 O O   . THR A 26  ? 0.6063 0.7195 0.6673 -0.0926 -0.0749 -0.0214 26  THR A O   
201 C CB  . THR A 26  ? 0.5171 0.6368 0.6164 -0.1208 -0.0930 -0.0205 26  THR A CB  
202 O OG1 . THR A 26  ? 0.5376 0.6803 0.6674 -0.1147 -0.0923 -0.0180 26  THR A OG1 
203 C CG2 . THR A 26  ? 0.5161 0.6201 0.6124 -0.1348 -0.0976 -0.0221 26  THR A CG2 
204 N N   . GLY A 27  ? 0.4802 0.6316 0.5915 -0.0939 -0.0693 -0.0135 27  GLY A N   
205 C CA  . GLY A 27  ? 0.3935 0.5557 0.5017 -0.0796 -0.0653 -0.0126 27  GLY A CA  
206 C C   . GLY A 27  ? 0.4442 0.5934 0.5329 -0.0695 -0.0509 -0.0115 27  GLY A C   
207 O O   . GLY A 27  ? 0.4841 0.6333 0.5797 -0.0702 -0.0395 -0.0079 27  GLY A O   
208 N N   . MET A 28  ? 0.3697 0.5073 0.4341 -0.0604 -0.0515 -0.0143 28  MET A N   
209 C CA  . MET A 28  ? 0.3372 0.4627 0.3842 -0.0503 -0.0392 -0.0126 28  MET A CA  
210 C C   . MET A 28  ? 0.2951 0.4207 0.3268 -0.0380 -0.0407 -0.0144 28  MET A C   
211 O O   . MET A 28  ? 0.3320 0.4587 0.3584 -0.0387 -0.0512 -0.0184 28  MET A O   
212 C CB  . MET A 28  ? 0.3661 0.4644 0.3939 -0.0553 -0.0353 -0.0145 28  MET A CB  
213 C CG  . MET A 28  ? 0.5227 0.6018 0.5290 -0.0579 -0.0430 -0.0207 28  MET A CG  
214 S SD  . MET A 28  ? 0.5719 0.6189 0.5567 -0.0604 -0.0343 -0.0220 28  MET A SD  
215 C CE  . MET A 28  ? 0.4337 0.4848 0.4383 -0.0737 -0.0320 -0.0184 28  MET A CE  
216 N N   . THR A 29  ? 0.3652 0.3057 0.3420 -0.0288 0.0443  -0.0324 29  THR A N   
217 C CA  . THR A 29  ? 0.3597 0.3133 0.3740 -0.0250 0.0413  -0.0263 29  THR A CA  
218 C C   . THR A 29  ? 0.3537 0.3049 0.3462 -0.0180 0.0388  -0.0210 29  THR A C   
219 O O   . THR A 29  ? 0.3672 0.3100 0.3275 -0.0195 0.0351  -0.0310 29  THR A O   
220 C CB  . THR A 29  ? 0.3675 0.3300 0.4147 -0.0322 0.0354  -0.0416 29  THR A CB  
221 O OG1 . THR A 29  ? 0.3879 0.3528 0.4563 -0.0385 0.0377  -0.0464 29  THR A OG1 
222 C CG2 . THR A 29  ? 0.3309 0.3071 0.4172 -0.0282 0.0321  -0.0355 29  THR A CG2 
223 N N   . VAL A 30  ? 0.3023 0.2607 0.3120 -0.0106 0.0408  -0.0057 30  VAL A N   
224 C CA  . VAL A 30  ? 0.2752 0.2317 0.2652 -0.0034 0.0388  0.0003  30  VAL A CA  
225 C C   . VAL A 30  ? 0.3602 0.3301 0.3885 -0.0003 0.0348  0.0027  30  VAL A C   
226 O O   . VAL A 30  ? 0.2815 0.2622 0.3486 0.0005  0.0374  0.0108  30  VAL A O   
227 C CB  . VAL A 30  ? 0.3258 0.2763 0.2917 0.0039  0.0456  0.0175  30  VAL A CB  
228 C CG1 . VAL A 30  ? 0.4445 0.3950 0.3964 0.0117  0.0436  0.0245  30  VAL A CG1 
229 C CG2 . VAL A 30  ? 0.3508 0.2868 0.2737 0.0013  0.0487  0.0140  30  VAL A CG2 
230 N N   . THR A 31  ? 0.2931 0.2620 0.3102 0.0011  0.0281  -0.0049 31  THR A N   
231 C CA  . THR A 31  ? 0.2378 0.2186 0.2882 0.0042  0.0235  -0.0042 31  THR A CA  
232 C C   . THR A 31  ? 0.2931 0.2712 0.3226 0.0125  0.0219  0.0031  31  THR A C   
233 O O   . THR A 31  ? 0.2869 0.2528 0.2738 0.0134  0.0197  -0.0013 31  THR A O   
234 C CB  . THR A 31  ? 0.2836 0.2673 0.3481 -0.0022 0.0152  -0.0224 31  THR A CB  
235 O OG1 . THR A 31  ? 0.2893 0.2749 0.3710 -0.0103 0.0167  -0.0302 31  THR A OG1 
236 C CG2 . THR A 31  ? 0.2606 0.2576 0.3649 0.0010  0.0106  -0.0211 31  THR A CG2 
237 N N   . GLU A 32  ? 0.2290 0.2179 0.2880 0.0184  0.0231  0.0141  32  GLU A N   
238 C CA  . GLU A 32  ? 0.2574 0.2459 0.3037 0.0261  0.0205  0.0192  32  GLU A CA  
239 C C   . GLU A 32  ? 0.2564 0.2472 0.3105 0.0246  0.0103  0.0049  32  GLU A C   
240 O O   . GLU A 32  ? 0.2726 0.2740 0.3657 0.0215  0.0070  -0.0007 32  GLU A O   
241 C CB  . GLU A 32  ? 0.2953 0.2947 0.3715 0.0327  0.0257  0.0356  32  GLU A CB  
242 C CG  . GLU A 32  ? 0.5758 0.5746 0.6542 0.0335  0.0357  0.0499  32  GLU A CG  
243 C CD  . GLU A 32  ? 0.7819 0.7677 0.8139 0.0374  0.0402  0.0576  32  GLU A CD  
244 O OE1 . GLU A 32  ? 0.8962 0.8762 0.9163 0.0350  0.0461  0.0622  32  GLU A OE1 
245 O OE2 . GLU A 32  ? 0.7923 0.7740 0.8002 0.0429  0.0376  0.0590  32  GLU A OE2 
246 N N   . VAL A 33  ? 0.2710 0.2513 0.2878 0.0268  0.0048  -0.0012 33  VAL A N   
247 C CA  . VAL A 33  ? 0.2916 0.2717 0.3114 0.0255  -0.0056 -0.0153 33  VAL A CA  
248 C C   . VAL A 33  ? 0.3186 0.2948 0.3179 0.0333  -0.0101 -0.0121 33  VAL A C   
249 O O   . VAL A 33  ? 0.3363 0.3082 0.3133 0.0392  -0.0052 -0.0003 33  VAL A O   
250 C CB  . VAL A 33  ? 0.2959 0.2641 0.2876 0.0175  -0.0104 -0.0322 33  VAL A CB  
251 C CG1 . VAL A 33  ? 0.3145 0.2871 0.3284 0.0094  -0.0066 -0.0370 33  VAL A CG1 
252 C CG2 . VAL A 33  ? 0.3173 0.2689 0.2533 0.0188  -0.0088 -0.0314 33  VAL A CG2 
253 N N   . LYS A 34  ? 0.2897 0.2673 0.2977 0.0336  -0.0198 -0.0228 34  LYS A N   
254 C CA  . LYS A 34  ? 0.2892 0.2614 0.2755 0.0406  -0.0257 -0.0223 34  LYS A CA  
255 C C   . LYS A 34  ? 0.3875 0.3439 0.3332 0.0366  -0.0341 -0.0376 34  LYS A C   
256 O O   . LYS A 34  ? 0.3799 0.3353 0.3344 0.0299  -0.0397 -0.0516 34  LYS A O   
257 C CB  . LYS A 34  ? 0.3552 0.3406 0.3822 0.0451  -0.0310 -0.0219 34  LYS A CB  
258 C CG  . LYS A 34  ? 0.4933 0.4939 0.5604 0.0489  -0.0225 -0.0068 34  LYS A CG  
259 C CD  . LYS A 34  ? 0.6639 0.6782 0.7751 0.0522  -0.0276 -0.0080 34  LYS A CD  
260 C CE  . LYS A 34  ? 0.7237 0.7535 0.8798 0.0533  -0.0188 0.0047  34  LYS A CE  
261 N NZ  . LYS A 34  ? 0.7418 0.7855 0.9460 0.0535  -0.0237 0.0002  34  LYS A NZ  
262 N N   . GLY A 35  ? 0.4087 0.3523 0.3098 0.0405  -0.0349 -0.0352 35  GLY A N   
263 C CA  . GLY A 35  ? 0.4663 0.3934 0.3258 0.0369  -0.0428 -0.0491 35  GLY A CA  
264 C C   . GLY A 35  ? 0.5332 0.4568 0.3848 0.0428  -0.0531 -0.0533 35  GLY A C   
265 O O   . GLY A 35  ? 0.5383 0.4651 0.3896 0.0511  -0.0522 -0.0425 35  GLY A O   
266 N N   . PHE A 36  ? 0.5402 0.4569 0.3856 0.0385  -0.0632 -0.0691 36  PHE A N   
267 C CA  . PHE A 36  ? 0.6518 0.5620 0.4841 0.0435  -0.0746 -0.0753 36  PHE A CA  
268 C C   . PHE A 36  ? 0.7032 0.5918 0.4803 0.0400  -0.0804 -0.0861 36  PHE A C   
269 O O   . PHE A 36  ? 0.7295 0.6206 0.5082 0.0283  -0.0718 -0.0874 36  PHE A O   
270 C CB  . PHE A 36  ? 0.6434 0.5628 0.5160 0.0422  -0.0828 -0.0849 36  PHE A CB  
271 C CG  . PHE A 36  ? 0.6003 0.5406 0.5277 0.0460  -0.0780 -0.0747 36  PHE A CG  
272 C CD1 . PHE A 36  ? 0.5400 0.4917 0.4992 0.0409  -0.0698 -0.0713 36  PHE A CD1 
273 C CD2 . PHE A 36  ? 0.5828 0.5311 0.5304 0.0545  -0.0818 -0.0690 36  PHE A CD2 
274 C CE1 . PHE A 36  ? 0.5001 0.4701 0.5086 0.0441  -0.0653 -0.0619 36  PHE A CE1 
275 C CE2 . PHE A 36  ? 0.5823 0.5493 0.5802 0.0576  -0.0770 -0.0599 36  PHE A CE2 
276 C CZ  . PHE A 36  ? 0.5791 0.5569 0.6071 0.0523  -0.0686 -0.0563 36  PHE A CZ  
277 N N   . ASP A 54  ? 1.0662 1.0291 0.9993 0.0957  -0.0692 -0.0129 54  ASP A N   
278 C CA  . ASP A 54  ? 1.1043 1.0607 1.0350 0.0886  -0.0781 -0.0293 54  ASP A CA  
279 C C   . ASP A 54  ? 0.9699 0.9185 0.8788 0.0800  -0.0724 -0.0320 54  ASP A C   
280 O O   . ASP A 54  ? 0.9184 0.8524 0.7939 0.0750  -0.0789 -0.0440 54  ASP A O   
281 C CB  . ASP A 54  ? 1.2060 1.1779 1.1913 0.0874  -0.0811 -0.0339 54  ASP A CB  
282 C CG  . ASP A 54  ? 1.3046 1.2694 1.2876 0.0825  -0.0934 -0.0517 54  ASP A CG  
283 O OD1 . ASP A 54  ? 1.3048 1.2523 1.2442 0.0816  -0.1013 -0.0607 54  ASP A OD1 
284 O OD2 . ASP A 54  ? 1.3548 1.3307 1.3791 0.0794  -0.0953 -0.0568 54  ASP A OD2 
285 N N   . PHE A 55  ? 0.7687 0.7268 0.6971 0.0781  -0.0604 -0.0209 55  PHE A N   
286 C CA  . PHE A 55  ? 0.6615 0.6137 0.5725 0.0705  -0.0538 -0.0218 55  PHE A CA  
287 C C   . PHE A 55  ? 0.6752 0.6254 0.5659 0.0734  -0.0426 -0.0065 55  PHE A C   
288 O O   . PHE A 55  ? 0.6933 0.6504 0.5942 0.0808  -0.0383 0.0059  55  PHE A O   
289 C CB  . PHE A 55  ? 0.5582 0.5231 0.5136 0.0645  -0.0501 -0.0238 55  PHE A CB  
290 C CG  . PHE A 55  ? 0.6447 0.6269 0.6439 0.0685  -0.0419 -0.0098 55  PHE A CG  
291 C CD1 . PHE A 55  ? 0.6666 0.6516 0.6659 0.0685  -0.0299 0.0037  55  PHE A CD1 
292 C CD2 . PHE A 55  ? 0.7100 0.7048 0.7494 0.0725  -0.0463 -0.0103 55  PHE A CD2 
293 C CE1 . PHE A 55  ? 0.7505 0.7501 0.7883 0.0719  -0.0222 0.0167  55  PHE A CE1 
294 C CE2 . PHE A 55  ? 0.6919 0.7020 0.7709 0.0759  -0.0382 0.0024  55  PHE A CE2 
295 C CZ  . PHE A 55  ? 0.7505 0.7627 0.8281 0.0755  -0.0261 0.0160  55  PHE A CZ  
296 N N   . LEU A 56  ? 0.5515 0.5057 0.4404 0.0683  0.0090  -0.0614 56  LEU A N   
297 C CA  . LEU A 56  ? 0.5227 0.4719 0.4145 0.0632  0.0034  -0.0648 56  LEU A CA  
298 C C   . LEU A 56  ? 0.4914 0.4530 0.3908 0.0582  0.0042  -0.0635 56  LEU A C   
299 O O   . LEU A 56  ? 0.4080 0.3781 0.3131 0.0563  0.0083  -0.0572 56  LEU A O   
300 C CB  . LEU A 56  ? 0.5605 0.4962 0.4553 0.0583  0.0003  -0.0609 56  LEU A CB  
301 C CG  . LEU A 56  ? 0.7288 0.6491 0.6147 0.0629  -0.0024 -0.0639 56  LEU A CG  
302 C CD1 . LEU A 56  ? 0.7723 0.6785 0.6608 0.0573  -0.0062 -0.0597 56  LEU A CD1 
303 C CD2 . LEU A 56  ? 0.7077 0.6243 0.5855 0.0671  -0.0064 -0.0731 56  LEU A CD2 
304 N N   . PRO A 57  ? 0.4361 0.3992 0.3356 0.0564  0.0003  -0.0695 57  PRO A N   
305 C CA  . PRO A 57  ? 0.4268 0.4012 0.3338 0.0514  0.0008  -0.0683 57  PRO A CA  
306 C C   . PRO A 57  ? 0.4300 0.4019 0.3462 0.0439  -0.0002 -0.0614 57  PRO A C   
307 O O   . PRO A 57  ? 0.3713 0.3304 0.2873 0.0409  -0.0044 -0.0611 57  PRO A O   
308 C CB  . PRO A 57  ? 0.4442 0.4174 0.3486 0.0511  -0.0040 -0.0765 57  PRO A CB  
309 C CG  . PRO A 57  ? 0.5746 0.5367 0.4692 0.0571  -0.0066 -0.0820 57  PRO A CG  
310 C CD  . PRO A 57  ? 0.5734 0.5259 0.4668 0.0581  -0.0052 -0.0768 57  PRO A CD  
311 N N   . LYS A 58  ? 0.3578 0.3416 0.2810 0.0410  0.0035  -0.0556 58  LYS A N   
312 C CA  . LYS A 58  ? 0.3335 0.3179 0.2662 0.0337  0.0029  -0.0483 58  LYS A CA  
313 C C   . LYS A 58  ? 0.3164 0.3140 0.2554 0.0302  0.0038  -0.0476 58  LYS A C   
314 O O   . LYS A 58  ? 0.2859 0.2922 0.2217 0.0338  0.0057  -0.0519 58  LYS A O   
315 C CB  . LYS A 58  ? 0.3023 0.2883 0.2377 0.0345  0.0076  -0.0395 58  LYS A CB  
316 C CG  . LYS A 58  ? 0.3564 0.3306 0.2851 0.0389  0.0077  -0.0399 58  LYS A CG  
317 C CD  . LYS A 58  ? 0.4521 0.4119 0.3822 0.0339  0.0024  -0.0386 58  LYS A CD  
318 C CE  . LYS A 58  ? 0.5787 0.5264 0.5014 0.0389  0.0027  -0.0391 58  LYS A CE  
319 N NZ  . LYS A 58  ? 0.6024 0.5346 0.5252 0.0342  -0.0028 -0.0377 58  LYS A NZ  
320 N N   . VAL A 59  ? 0.3007 0.3002 0.2486 0.0230  0.0024  -0.0418 59  VAL A N   
321 C CA  A VAL A 59  ? 0.3180 0.3319 0.2725 0.0201  0.0045  -0.0391 59  VAL A CA  
322 C CA  B VAL A 59  ? 0.3106 0.3238 0.2655 0.0195  0.0040  -0.0391 59  VAL A CA  
323 C C   . VAL A 59  ? 0.3467 0.3680 0.3083 0.0179  0.0086  -0.0284 59  VAL A C   
324 O O   . VAL A 59  ? 0.2946 0.3092 0.2597 0.0147  0.0077  -0.0224 59  VAL A O   
325 C CB  A VAL A 59  ? 0.2823 0.2953 0.2414 0.0136  -0.0009 -0.0424 59  VAL A CB  
326 C CB  B VAL A 59  ? 0.2910 0.3016 0.2511 0.0121  -0.0018 -0.0411 59  VAL A CB  
327 C CG1 A VAL A 59  ? 0.2974 0.3043 0.2488 0.0168  -0.0046 -0.0530 59  VAL A CG1 
328 C CG1 B VAL A 59  ? 0.2530 0.2749 0.2236 0.0058  -0.0005 -0.0333 59  VAL A CG1 
329 C CG2 A VAL A 59  ? 0.2701 0.2737 0.2345 0.0062  -0.0054 -0.0376 59  VAL A CG2 
330 C CG2 B VAL A 59  ? 0.3391 0.3506 0.2943 0.0144  -0.0043 -0.0510 59  VAL A CG2 
331 N N   . LYS A 60  ? 0.2596 0.2946 0.2227 0.0203  0.0135  -0.0260 60  LYS A N   
332 C CA  . LYS A 60  ? 0.2694 0.3136 0.2389 0.0191  0.0178  -0.0157 60  LYS A CA  
333 C C   . LYS A 60  ? 0.3326 0.3864 0.3108 0.0129  0.0166  -0.0124 60  LYS A C   
334 O O   . LYS A 60  ? 0.2968 0.3585 0.2741 0.0138  0.0170  -0.0167 60  LYS A O   
335 C CB  . LYS A 60  ? 0.2888 0.3412 0.2533 0.0264  0.0241  -0.0141 60  LYS A CB  
336 C CG  . LYS A 60  ? 0.3505 0.4136 0.3216 0.0256  0.0287  -0.0035 60  LYS A CG  
337 C CD  . LYS A 60  ? 0.4910 0.5638 0.4566 0.0327  0.0345  -0.0023 60  LYS A CD  
338 C CE  . LYS A 60  ? 0.4576 0.5249 0.4158 0.0392  0.0378  -0.0017 60  LYS A CE  
339 N NZ  . LYS A 60  ? 0.4024 0.4780 0.3545 0.0458  0.0431  0.0001  60  LYS A NZ  
340 N N   . ILE A 61  ? 0.2650 0.3185 0.2517 0.0062  0.0149  -0.0049 61  ILE A N   
341 C CA  . ILE A 61  ? 0.2755 0.3399 0.2714 0.0001  0.0142  0.0000  61  ILE A CA  
342 C C   . ILE A 61  ? 0.3260 0.4041 0.3263 0.0021  0.0204  0.0101  61  ILE A C   
343 O O   . ILE A 61  ? 0.3049 0.3808 0.3065 0.0029  0.0224  0.0169  61  ILE A O   
344 C CB  . ILE A 61  ? 0.3475 0.4044 0.3502 -0.0093 0.0080  0.0032  61  ILE A CB  
345 C CG1 . ILE A 61  ? 0.3785 0.4206 0.3755 -0.0108 0.0016  -0.0067 61  ILE A CG1 
346 C CG2 . ILE A 61  ? 0.3878 0.4576 0.4006 -0.0160 0.0074  0.0094  61  ILE A CG2 
347 C CD1 . ILE A 61  ? 0.5023 0.5347 0.5045 -0.0200 -0.0052 -0.0038 61  ILE A CD1 
348 N N   . GLU A 62  ? 0.3105 0.4024 0.3130 0.0032  0.0232  0.0113  62  GLU A N   
349 C CA  . GLU A 62  ? 0.3212 0.4269 0.3284 0.0048  0.0288  0.0216  62  GLU A CA  
350 C C   . GLU A 62  ? 0.3013 0.4182 0.3187 -0.0022 0.0272  0.0273  62  GLU A C   
351 O O   . GLU A 62  ? 0.3028 0.4238 0.3204 -0.0038 0.0254  0.0222  62  GLU A O   
352 C CB  . GLU A 62  ? 0.2545 0.3678 0.2540 0.0136  0.0344  0.0195  62  GLU A CB  
353 C CG  . GLU A 62  ? 0.3009 0.4055 0.2905 0.0208  0.0367  0.0160  62  GLU A CG  
354 C CD  . GLU A 62  ? 0.4197 0.5297 0.4003 0.0286  0.0406  0.0117  62  GLU A CD  
355 O OE1 . GLU A 62  ? 0.4359 0.5456 0.4126 0.0286  0.0382  0.0035  62  GLU A OE1 
356 O OE2 . GLU A 62  ? 0.4871 0.6011 0.4637 0.0345  0.0456  0.0167  62  GLU A OE2 
357 N N   . ILE A 63  ? 0.3201 0.4422 0.3459 -0.0065 0.0279  0.0382  63  ILE A N   
358 C CA  . ILE A 63  ? 0.3412 0.4769 0.3769 -0.0126 0.0274  0.0454  63  ILE A CA  
359 C C   . ILE A 63  ? 0.3294 0.4792 0.3699 -0.0100 0.0332  0.0576  63  ILE A C   
360 O O   . ILE A 63  ? 0.3795 0.5262 0.4199 -0.0080 0.0352  0.0632  63  ILE A O   
361 C CB  . ILE A 63  ? 0.5081 0.6371 0.5515 -0.0234 0.0203  0.0474  63  ILE A CB  
362 C CG1 . ILE A 63  ? 0.5808 0.7017 0.6266 -0.0262 0.0190  0.0539  63  ILE A CG1 
363 C CG2 . ILE A 63  ? 0.6119 0.7268 0.6501 -0.0256 0.0144  0.0355  63  ILE A CG2 
364 C CD1 . ILE A 63  ? 0.6467 0.7609 0.6992 -0.0372 0.0116  0.0562  63  ILE A CD1 
365 N N   . VAL A 64  ? 0.3094 0.4751 0.3540 -0.0096 0.0359  0.0619  64  VAL A N   
366 C CA  . VAL A 64  ? 0.3765 0.5577 0.4254 -0.0065 0.0417  0.0737  64  VAL A CA  
367 C C   . VAL A 64  ? 0.3989 0.5908 0.4605 -0.0158 0.0390  0.0832  64  VAL A C   
368 O O   . VAL A 64  ? 0.3644 0.5611 0.4297 -0.0205 0.0361  0.0806  64  VAL A O   
369 C CB  . VAL A 64  ? 0.3441 0.5356 0.3861 0.0026  0.0474  0.0719  64  VAL A CB  
370 C CG1 . VAL A 64  ? 0.3978 0.6058 0.4439 0.0065  0.0533  0.0845  64  VAL A CG1 
371 C CG2 . VAL A 64  ? 0.3659 0.5462 0.3949 0.0109  0.0493  0.0626  64  VAL A CG2 
372 N N   . VAL A 65  ? 0.4157 0.6109 0.4842 -0.0190 0.0395  0.0941  65  VAL A N   
373 C CA  . VAL A 65  ? 0.4022 0.6058 0.4829 -0.0292 0.0358  0.1036  65  VAL A CA  
374 C C   . VAL A 65  ? 0.3699 0.5907 0.4573 -0.0274 0.0409  0.1183  65  VAL A C   
375 O O   . VAL A 65  ? 0.3566 0.5784 0.4392 -0.0194 0.0463  0.1210  65  VAL A O   
376 C CB  . VAL A 65  ? 0.3695 0.5569 0.4533 -0.0387 0.0282  0.1025  65  VAL A CB  
377 C CG1 . VAL A 65  ? 0.4375 0.6080 0.5144 -0.0404 0.0228  0.0882  65  VAL A CG1 
378 C CG2 . VAL A 65  ? 0.3554 0.5350 0.4371 -0.0362 0.0298  0.1066  65  VAL A CG2 
379 N N   . PRO A 66  ? 0.4089 0.6438 0.5074 -0.0351 0.0393  0.1281  66  PRO A N   
380 C CA  . PRO A 66  ? 0.4449 0.6968 0.5517 -0.0351 0.0430  0.1436  66  PRO A CA  
381 C C   . PRO A 66  ? 0.4043 0.6474 0.5129 -0.0377 0.0416  0.1492  66  PRO A C   
382 O O   . PRO A 66  ? 0.4405 0.6664 0.5487 -0.0445 0.0353  0.1441  66  PRO A O   
383 C CB  . PRO A 66  ? 0.3961 0.6603 0.5146 -0.0457 0.0389  0.1511  66  PRO A CB  
384 C CG  . PRO A 66  ? 0.4506 0.7101 0.5655 -0.0469 0.0360  0.1396  66  PRO A CG  
385 C CD  . PRO A 66  ? 0.3687 0.6064 0.4724 -0.0431 0.0342  0.1252  66  PRO A CD  
386 N N   . ASP A 67  ? 0.3532 0.7176 0.5812 -0.0795 0.0921  0.0471  67  ASP A N   
387 C CA  . ASP A 67  ? 0.4003 0.7449 0.6217 -0.0865 0.1107  0.0524  67  ASP A CA  
388 C C   . ASP A 67  ? 0.4093 0.7588 0.6354 -0.1153 0.1176  0.0607  67  ASP A C   
389 O O   . ASP A 67  ? 0.4303 0.7608 0.6369 -0.1234 0.1285  0.0676  67  ASP A O   
390 C CB  . ASP A 67  ? 0.4466 0.8051 0.6731 -0.0836 0.1184  0.0575  67  ASP A CB  
391 C CG  . ASP A 67  ? 0.4502 0.8128 0.6625 -0.0593 0.1093  0.0564  67  ASP A CG  
392 O OD1 . ASP A 67  ? 0.4273 0.7752 0.6212 -0.0443 0.0999  0.0523  67  ASP A OD1 
393 O OD2 . ASP A 67  ? 0.3620 0.7409 0.5802 -0.0555 0.1108  0.0606  67  ASP A OD2 
394 N N   . ASP A 68  ? 0.3305 0.6991 0.5782 -0.1319 0.1109  0.0600  68  ASP A N   
395 C CA  . ASP A 68  ? 0.3446 0.7128 0.5950 -0.1622 0.1163  0.0672  68  ASP A CA  
396 C C   . ASP A 68  ? 0.4001 0.7537 0.6352 -0.1764 0.1081  0.0648  68  ASP A C   
397 O O   . ASP A 68  ? 0.4984 0.8397 0.7273 -0.2034 0.1112  0.0694  68  ASP A O   
398 C CB  . ASP A 68  ? 0.4889 0.8808 0.7669 -0.1757 0.1129  0.0670  68  ASP A CB  
399 C CG  . ASP A 68  ? 0.4716 0.8780 0.7635 -0.1661 0.0963  0.0572  68  ASP A CG  
400 O OD1 . ASP A 68  ? 0.5116 0.9102 0.7932 -0.1457 0.0878  0.0505  68  ASP A OD1 
401 O OD2 . ASP A 68  ? 0.5319 0.9549 0.8435 -0.1789 0.0922  0.0565  68  ASP A OD2 
402 N N   . ILE A 69  ? 0.3293 0.6795 0.5551 -0.1592 0.0972  0.0568  69  ILE A N   
403 C CA  . ILE A 69  ? 0.4453 0.7789 0.6537 -0.1724 0.0893  0.0529  69  ILE A CA  
404 C C   . ILE A 69  ? 0.4145 0.7248 0.5931 -0.1587 0.0949  0.0536  69  ILE A C   
405 O O   . ILE A 69  ? 0.4029 0.6952 0.5621 -0.1671 0.0888  0.0489  69  ILE A O   
406 C CB  . ILE A 69  ? 0.5689 0.9157 0.7895 -0.1675 0.0702  0.0418  69  ILE A CB  
407 C CG1 . ILE A 69  ? 0.5158 0.8634 0.7313 -0.1349 0.0630  0.0351  69  ILE A CG1 
408 C CG2 . ILE A 69  ? 0.6606 1.0295 0.9091 -0.1734 0.0662  0.0412  69  ILE A CG2 
409 C CD1 . ILE A 69  ? 0.6951 1.0474 0.9186 -0.1280 0.0457  0.0255  69  ILE A CD1 
410 N N   . VAL A 70  ? 0.3180 0.6248 0.4907 -0.1376 0.1067  0.0586  70  VAL A N   
411 C CA  . VAL A 70  ? 0.4001 0.6809 0.5413 -0.1210 0.1144  0.0603  70  VAL A CA  
412 C C   . VAL A 70  ? 0.4201 0.6635 0.5288 -0.1461 0.1246  0.0674  70  VAL A C   
413 O O   . VAL A 70  ? 0.4081 0.6258 0.4877 -0.1476 0.1218  0.0631  70  VAL A O   
414 C CB  . VAL A 70  ? 0.4132 0.6881 0.5508 -0.0964 0.1255  0.0629  70  VAL A CB  
415 C CG1 . VAL A 70  ? 0.3073 0.5474 0.4073 -0.0798 0.1345  0.0648  70  VAL A CG1 
416 C CG2 . VAL A 70  ? 0.3414 0.6332 0.4966 -0.0735 0.1120  0.0526  70  VAL A CG2 
417 N N   . ASP A 71  ? 0.4184 0.6506 0.5274 -0.1671 0.1354  0.0767  71  ASP A N   
418 C CA  . ASP A 71  ? 0.4872 0.6684 0.5589 -0.1919 0.1431  0.0818  71  ASP A CA  
419 C C   . ASP A 71  ? 0.4267 0.5863 0.4858 -0.2153 0.1296  0.0719  71  ASP A C   
420 O O   . ASP A 71  ? 0.5304 0.6309 0.5471 -0.2124 0.1280  0.0679  71  ASP A O   
421 C CB  . ASP A 71  ? 0.6463 0.8242 0.7275 -0.2112 0.1531  0.0919  71  ASP A CB  
422 C CG  . ASP A 71  ? 0.6900 0.8757 0.7758 -0.1904 0.1684  0.1018  71  ASP A CG  
423 O OD1 . ASP A 71  ? 0.5997 0.7762 0.6688 -0.1627 0.1734  0.1019  71  ASP A OD1 
424 O OD2 . ASP A 71  ? 0.7811 0.9794 0.8858 -0.2010 0.1753  0.1085  71  ASP A OD2 
425 N N   . THR A 72  ? 0.4360 0.6316 0.5296 -0.2260 0.1147  0.0651  72  THR A N   
426 C CA  A THR A 72  ? 0.4818 0.6585 0.5670 -0.2459 0.0996  0.0547  72  THR A CA  
427 C CA  B THR A 72  ? 0.4797 0.6584 0.5663 -0.2454 0.0991  0.0545  72  THR A CA  
428 C C   . THR A 72  ? 0.4573 0.6180 0.5228 -0.2247 0.0891  0.0441  72  THR A C   
429 O O   . THR A 72  ? 0.4483 0.5580 0.4816 -0.2288 0.0803  0.0364  72  THR A O   
430 C CB  A THR A 72  ? 0.5044 0.7232 0.6299 -0.2531 0.0849  0.0490  72  THR A CB  
431 C CB  B THR A 72  ? 0.5244 0.7480 0.6527 -0.2500 0.0843  0.0486  72  THR A CB  
432 O OG1 A THR A 72  ? 0.4731 0.7400 0.6305 -0.2262 0.0816  0.0478  72  THR A OG1 
433 O OG1 B THR A 72  ? 0.4949 0.7288 0.6401 -0.2646 0.0921  0.0568  72  THR A OG1 
434 C CG2 A THR A 72  ? 0.5317 0.7485 0.6672 -0.2758 0.0915  0.0562  72  THR A CG2 
435 C CG2 B THR A 72  ? 0.5299 0.7349 0.6499 -0.2659 0.0675  0.0372  72  THR A CG2 
436 N N   . CYS A 73  ? 0.3924 0.5912 0.4753 -0.1953 0.0881  0.0428  73  CYS A N   
437 C CA  A CYS A 73  ? 0.4558 0.6389 0.5210 -0.1664 0.0759  0.0318  73  CYS A CA  
438 C CA  B CYS A 73  ? 0.4306 0.6140 0.4961 -0.1668 0.0759  0.0318  73  CYS A CA  
439 C C   . CYS A 73  ? 0.3633 0.4812 0.3776 -0.1471 0.0829  0.0327  73  CYS A C   
440 O O   . CYS A 73  ? 0.3535 0.4281 0.3372 -0.1399 0.0722  0.0233  73  CYS A O   
441 C CB  A CYS A 73  ? 0.3856 0.6273 0.4832 -0.1404 0.0741  0.0306  73  CYS A CB  
442 C CB  B CYS A 73  ? 0.3767 0.6187 0.4747 -0.1408 0.0743  0.0307  73  CYS A CB  
443 S SG  A CYS A 73  ? 0.4093 0.6978 0.5512 -0.1460 0.0552  0.0230  73  CYS A SG  
444 S SG  B CYS A 73  ? 0.3945 0.6141 0.4673 -0.1041 0.0618  0.0185  73  CYS A SG  
445 N N   . VAL A 74  ? 0.4358 0.5475 0.4409 -0.1381 0.1010  0.0442  74  VAL A N   
446 C CA  . VAL A 74  ? 0.4487 0.5004 0.4061 -0.1202 0.1096  0.0467  74  VAL A CA  
447 C C   . VAL A 74  ? 0.5203 0.5088 0.4423 -0.1428 0.1071  0.0446  74  VAL A C   
448 O O   . VAL A 74  ? 0.5001 0.4376 0.3838 -0.1294 0.1013  0.0379  74  VAL A O   
449 C CB  . VAL A 74  ? 0.4843 0.5419 0.4405 -0.1125 0.1307  0.0607  74  VAL A CB  
450 C CG1 . VAL A 74  ? 0.5833 0.5727 0.4879 -0.1011 0.1403  0.0645  74  VAL A CG1 
451 C CG2 . VAL A 74  ? 0.3911 0.5019 0.3740 -0.0839 0.1332  0.0617  74  VAL A CG2 
452 N N   . ASP A 75  ? 0.5358 0.5280 0.4707 -0.1770 0.1114  0.0502  75  ASP A N   
453 C CA  . ASP A 75  ? 0.6462 0.5794 0.5488 -0.2010 0.1102  0.0489  75  ASP A CA  
454 C C   . ASP A 75  ? 0.5316 0.4463 0.4247 -0.2035 0.0902  0.0343  75  ASP A C   
455 O O   . ASP A 75  ? 0.6179 0.4712 0.4699 -0.2035 0.0873  0.0299  75  ASP A O   
456 C CB  . ASP A 75  ? 0.8542 0.8029 0.7779 -0.2388 0.1172  0.0568  75  ASP A CB  
457 C CG  . ASP A 75  ? 1.1101 1.0592 1.0316 -0.2397 0.1383  0.0718  75  ASP A CG  
458 O OD1 . ASP A 75  ? 1.0791 0.9966 0.9707 -0.2148 0.1479  0.0760  75  ASP A OD1 
459 O OD2 . ASP A 75  ? 1.2934 1.2745 1.2429 -0.2652 0.1451  0.0794  75  ASP A OD2 
460 N N   . THR A 76  ? 0.5322 0.5002 0.4632 -0.2050 0.0768  0.0269  76  THR A N   
461 C CA  . THR A 76  ? 0.5543 0.5125 0.4815 -0.2075 0.0570  0.0128  76  THR A CA  
462 C C   . THR A 76  ? 0.5336 0.4573 0.4273 -0.1736 0.0509  0.0052  76  THR A C   
463 O O   . THR A 76  ? 0.5325 0.4104 0.3966 -0.1754 0.0407  -0.0038 76  THR A O   
464 C CB  . THR A 76  ? 0.5541 0.5818 0.5310 -0.2132 0.0447  0.0074  76  THR A CB  
465 O OG1 . THR A 76  ? 0.5128 0.5722 0.5201 -0.2459 0.0499  0.0144  76  THR A OG1 
466 C CG2 . THR A 76  ? 0.5836 0.6001 0.5556 -0.2162 0.0244  -0.0069 76  THR A CG2 
467 N N   . ILE A 77  ? 0.4668 0.4119 0.3646 -0.1428 0.0575  0.0085  77  ILE A N   
468 C CA  . ILE A 77  ? 0.4724 0.3879 0.3395 -0.1097 0.0521  0.0014  77  ILE A CA  
469 C C   . ILE A 77  ? 0.5565 0.3978 0.3709 -0.1060 0.0609  0.0046  77  ILE A C   
470 O O   . ILE A 77  ? 0.5767 0.3735 0.3581 -0.0960 0.0513  -0.0044 77  ILE A O   
471 C CB  . ILE A 77  ? 0.4917 0.4479 0.3753 -0.0777 0.0579  0.0046  77  ILE A CB  
472 C CG1 . ILE A 77  ? 0.3304 0.3563 0.2630 -0.0777 0.0468  -0.0007 77  ILE A CG1 
473 C CG2 . ILE A 77  ? 0.4799 0.3997 0.3271 -0.0444 0.0543  -0.0018 77  ILE A CG2 
474 C CD1 . ILE A 77  ? 0.3409 0.4166 0.2992 -0.0551 0.0561  0.0055  77  ILE A CD1 
475 N N   . ILE A 78  ? 0.5515 0.3797 0.3581 -0.1145 0.0788  0.0174  78  ILE A N   
476 C CA  . ILE A 78  ? 0.6047 0.3630 0.3627 -0.1151 0.0885  0.0219  78  ILE A CA  
477 C C   . ILE A 78  ? 0.6658 0.3758 0.4001 -0.1382 0.0780  0.0142  78  ILE A C   
478 O O   . ILE A 78  ? 0.7146 0.3711 0.4084 -0.1253 0.0737  0.0085  78  ILE A O   
479 C CB  . ILE A 78  ? 0.6493 0.4050 0.4084 -0.1295 0.1087  0.0372  78  ILE A CB  
480 C CG1 . ILE A 78  ? 0.6258 0.4214 0.4022 -0.1053 0.1211  0.0456  78  ILE A CG1 
481 C CG2 . ILE A 78  ? 0.6922 0.3735 0.4008 -0.1323 0.1177  0.0415  78  ILE A CG2 
482 C CD1 . ILE A 78  ? 0.5884 0.3946 0.3757 -0.1229 0.1398  0.0605  78  ILE A CD1 
483 N N   . ARG A 79  ? 0.6419 0.3709 0.4011 -0.1723 0.0739  0.0140  79  ARG A N   
484 C CA  . ARG A 79  ? 0.6992 0.3847 0.4381 -0.1971 0.0641  0.0068  79  ARG A CA  
485 C C   . ARG A 79  ? 0.7915 0.4632 0.5182 -0.1834 0.0450  -0.0084 79  ARG A C   
486 O O   . ARG A 79  ? 0.7822 0.3961 0.4714 -0.1870 0.0397  -0.0142 79  ARG A O   
487 C CB  . ARG A 79  ? 0.7208 0.4412 0.4955 -0.2348 0.0615  0.0081  79  ARG A CB  
488 C CG  . ARG A 79  ? 1.0272 0.7439 0.8047 -0.2571 0.0796  0.0221  79  ARG A CG  
489 C CD  . ARG A 79  ? 1.2501 1.0002 1.0618 -0.2954 0.0755  0.0224  79  ARG A CD  
490 N NE  . ARG A 79  ? 1.2902 1.1070 1.1470 -0.2999 0.0835  0.0311  79  ARG A NE  
491 C CZ  . ARG A 79  ? 1.2705 1.0909 1.1311 -0.3108 0.1010  0.0444  79  ARG A CZ  
492 N NH1 . ARG A 79  ? 1.2978 1.0627 1.1223 -0.3128 0.1106  0.0498  79  ARG A NH1 
493 N NH2 . ARG A 79  ? 1.2129 1.0969 1.1160 -0.3136 0.1069  0.0514  79  ARG A NH2 
494 N N   . THR A 80  ? 0.7092 0.4338 0.4673 -0.1677 0.0343  -0.0148 80  THR A N   
495 C CA  . THR A 80  ? 0.6727 0.3899 0.4242 -0.1588 0.0150  -0.0294 80  THR A CA  
496 C C   . THR A 80  ? 0.7420 0.4279 0.4596 -0.1218 0.0134  -0.0338 80  THR A C   
497 O O   . THR A 80  ? 0.9381 0.5856 0.6281 -0.1161 0.0017  -0.0440 80  THR A O   
498 C CB  . THR A 80  ? 0.6013 0.3884 0.4020 -0.1608 0.0023  -0.0353 80  THR A CB  
499 O OG1 . THR A 80  ? 0.7267 0.5570 0.5470 -0.1329 0.0077  -0.0314 80  THR A OG1 
500 C CG2 . THR A 80  ? 0.5639 0.3855 0.3992 -0.1964 0.0049  -0.0301 80  THR A CG2 
501 N N   . ALA A 81  ? 0.7421 0.4443 0.4610 -0.0968 0.0254  -0.0261 81  ALA A N   
502 C CA  . ALA A 81  ? 0.7201 0.4055 0.4141 -0.0597 0.0230  -0.0307 81  ALA A CA  
503 C C   . ALA A 81  ? 0.8416 0.4570 0.4830 -0.0498 0.0330  -0.0267 81  ALA A C   
504 O O   . ALA A 81  ? 0.8677 0.5001 0.5144 -0.0199 0.0278  -0.0194 81  ALA A O   
505 C CB  . ALA A 81  ? 0.6951 0.4337 0.4162 -0.0356 0.0302  -0.0254 81  ALA A CB  
506 N N   . GLN A 82  ? 0.5834 0.5334 0.4368 0.0226  0.0418  -0.0485 82  GLN A N   
507 C CA  . GLN A 82  ? 0.7643 0.6785 0.6001 0.0264  0.0305  -0.0556 82  GLN A CA  
508 C C   . GLN A 82  ? 0.9470 0.8620 0.7785 0.0360  0.0214  -0.0670 82  GLN A C   
509 O O   . GLN A 82  ? 0.9995 0.9313 0.8332 0.0348  0.0222  -0.0705 82  GLN A O   
510 C CB  . GLN A 82  ? 0.8302 0.7087 0.6443 0.0130  0.0271  -0.0553 82  GLN A CB  
511 C CG  . GLN A 82  ? 0.9012 0.7755 0.7038 0.0035  0.0247  -0.0591 82  GLN A CG  
512 C CD  . GLN A 82  ? 0.9709 0.8123 0.7534 -0.0111 0.0221  -0.0569 82  GLN A CD  
513 O OE1 . GLN A 82  ? 0.9471 0.7671 0.7231 -0.0133 0.0213  -0.0534 82  GLN A OE1 
514 N NE2 . GLN A 82  ? 0.9833 0.8207 0.7551 -0.0215 0.0205  -0.0586 82  GLN A NE2 
515 N N   . THR A 83  ? 0.9772 0.8738 0.8028 0.0461  0.0126  -0.0727 83  THR A N   
516 C CA  . THR A 83  ? 0.9440 0.8382 0.7646 0.0570  0.0028  -0.0844 83  THR A CA  
517 C C   . THR A 83  ? 0.9651 0.8142 0.7619 0.0558  -0.0097 -0.0917 83  THR A C   
518 O O   . THR A 83  ? 1.0557 0.8949 0.8443 0.0645  -0.0198 -0.1024 83  THR A O   
519 C CB  . THR A 83  ? 0.8188 0.7383 0.6566 0.0729  0.0032  -0.0856 83  THR A CB  
520 O OG1 . THR A 83  ? 0.7805 0.6824 0.6173 0.0765  0.0011  -0.0820 83  THR A OG1 
521 C CG2 . THR A 83  ? 0.8203 0.7842 0.6817 0.0736  0.0148  -0.0779 83  THR A CG2 
522 N N   . GLY A 84  ? 0.9005 0.7227 0.6862 0.0451  -0.0093 -0.0858 84  GLY A N   
523 C CA  . GLY A 84  ? 1.0194 0.7977 0.7829 0.0425  -0.0210 -0.0911 84  GLY A CA  
524 C C   . GLY A 84  ? 1.1327 0.8994 0.8976 0.0547  -0.0270 -0.0934 84  GLY A C   
525 O O   . GLY A 84  ? 1.2346 0.9649 0.9829 0.0527  -0.0358 -0.0959 84  GLY A O   
526 N N   . LYS A 85  ? 1.0769 0.8753 0.8617 0.0669  -0.0221 -0.0921 85  LYS A N   
527 C CA  . LYS A 85  ? 1.0300 0.8235 0.8189 0.0796  -0.0274 -0.0942 85  LYS A CA  
528 C C   . LYS A 85  ? 1.0403 0.8407 0.8407 0.0783  -0.0194 -0.0829 85  LYS A C   
529 O O   . LYS A 85  ? 0.9892 0.7986 0.7950 0.0680  -0.0097 -0.0737 85  LYS A O   
530 C CB  . LYS A 85  ? 0.9555 0.7795 0.7580 0.0952  -0.0289 -0.1010 85  LYS A CB  
531 N N   . ILE A 86  ? 1.0581 0.8542 0.8622 0.0891  -0.0240 -0.0838 86  ILE A N   
532 C CA  . ILE A 86  ? 0.9508 0.7531 0.7659 0.0897  -0.0181 -0.0738 86  ILE A CA  
533 C C   . ILE A 86  ? 0.8881 0.7346 0.7266 0.0917  -0.0065 -0.0662 86  ILE A C   
534 O O   . ILE A 86  ? 0.9389 0.8147 0.7881 0.0980  -0.0051 -0.0702 86  ILE A O   
535 C CB  . ILE A 86  ? 1.1913 0.9823 1.0061 0.1024  -0.0266 -0.0773 86  ILE A CB  
536 C CG1 . ILE A 86  ? 1.1598 0.9468 0.9806 0.1008  -0.0224 -0.0670 86  ILE A CG1 
537 C CG2 . ILE A 86  ? 1.2197 1.0433 1.0493 0.1173  -0.0280 -0.0829 86  ILE A CG2 
538 C CD1 . ILE A 86  ? 1.2499 0.9926 1.0511 0.0933  -0.0285 -0.0664 86  ILE A CD1 
539 N N   . GLY A 87  ? 0.8039 0.6548 0.6500 0.0859  0.0014  -0.0553 87  GLY A N   
540 C CA  . GLY A 87  ? 0.8181 0.7082 0.6868 0.0885  0.0111  -0.0471 87  GLY A CA  
541 C C   . GLY A 87  ? 0.7960 0.7067 0.6715 0.0788  0.0209  -0.0423 87  GLY A C   
542 O O   . GLY A 87  ? 0.7271 0.6706 0.6214 0.0804  0.0288  -0.0353 87  GLY A O   
543 N N   . ASP A 88  ? 0.7451 0.6363 0.6052 0.0686  0.0201  -0.0456 88  ASP A N   
544 C CA  . ASP A 88  ? 0.7806 0.6897 0.6455 0.0589  0.0286  -0.0420 88  ASP A CA  
545 C C   . ASP A 88  ? 0.6014 0.5231 0.4776 0.0524  0.0392  -0.0303 88  ASP A C   
546 O O   . ASP A 88  ? 0.6447 0.5931 0.5328 0.0483  0.0475  -0.0257 88  ASP A O   
547 C CB  . ASP A 88  ? 0.7676 0.6488 0.6116 0.0483  0.0245  -0.0471 88  ASP A CB  
548 C CG  . ASP A 88  ? 0.7619 0.6451 0.6000 0.0530  0.0173  -0.0579 88  ASP A CG  
549 O OD1 . ASP A 88  ? 0.7078 0.6140 0.5579 0.0651  0.0158  -0.0617 88  ASP A OD1 
550 O OD2 . ASP A 88  ? 0.7488 0.6109 0.5701 0.0447  0.0130  -0.0625 88  ASP A OD2 
551 N N   . GLY A 89  ? 0.5750 0.4773 0.4475 0.0519  0.0386  -0.0254 89  GLY A N   
552 C CA  . GLY A 89  ? 0.5321 0.4465 0.4159 0.0481  0.0476  -0.0147 89  GLY A CA  
553 C C   . GLY A 89  ? 0.5342 0.4283 0.4060 0.0349  0.0519  -0.0108 89  GLY A C   
554 O O   . GLY A 89  ? 0.5203 0.3887 0.3737 0.0276  0.0475  -0.0158 89  GLY A O   
555 N N   . LYS A 90  ? 0.4752 0.3812 0.3575 0.0319  0.0603  -0.0018 90  LYS A N   
556 C CA  . LYS A 90  ? 0.4496 0.3396 0.3223 0.0203  0.0654  0.0027  90  LYS A CA  
557 C C   . LYS A 90  ? 0.5443 0.4630 0.4314 0.0156  0.0762  0.0094  90  LYS A C   
558 O O   . LYS A 90  ? 0.4665 0.4171 0.3729 0.0218  0.0802  0.0127  90  LYS A O   
559 C CB  . LYS A 90  ? 0.6126 0.4794 0.4797 0.0210  0.0638  0.0069  90  LYS A CB  
560 C CG  . LYS A 90  ? 0.7510 0.5796 0.5972 0.0200  0.0539  0.0009  90  LYS A CG  
561 C CD  . LYS A 90  ? 0.9329 0.7384 0.7730 0.0195  0.0528  0.0055  90  LYS A CD  
562 C CE  . LYS A 90  ? 1.0367 0.8020 0.8537 0.0146  0.0440  0.0004  90  LYS A CE  
563 N NZ  . LYS A 90  ? 1.1107 0.8689 0.9229 0.0220  0.0340  -0.0083 90  LYS A NZ  
564 N N   . ILE A 91  ? 0.4295 0.3366 0.3065 0.0043  0.0806  0.0115  91  ILE A N   
565 C CA  . ILE A 91  ? 0.4743 0.4041 0.3624 -0.0013 0.0909  0.0179  91  ILE A CA  
566 C C   . ILE A 91  ? 0.4547 0.3691 0.3383 -0.0053 0.0948  0.0238  91  ILE A C   
567 O O   . ILE A 91  ? 0.4744 0.3582 0.3397 -0.0114 0.0914  0.0220  91  ILE A O   
568 C CB  . ILE A 91  ? 0.4444 0.3774 0.3249 -0.0115 0.0933  0.0153  91  ILE A CB  
569 C CG1 . ILE A 91  ? 0.4945 0.4417 0.3787 -0.0072 0.0889  0.0088  91  ILE A CG1 
570 C CG2 . ILE A 91  ? 0.5132 0.4695 0.4051 -0.0173 0.1042  0.0222  91  ILE A CG2 
571 C CD1 . ILE A 91  ? 0.4913 0.4319 0.3623 -0.0172 0.0877  0.0044  91  ILE A CD1 
572 N N   . PHE A 92  ? 0.4636 0.3985 0.3637 -0.0016 0.1013  0.0308  92  PHE A N   
573 C CA  . PHE A 92  ? 0.4496 0.3723 0.3463 -0.0051 0.1057  0.0364  92  PHE A CA  
574 C C   . PHE A 92  ? 0.5273 0.4728 0.4339 -0.0107 0.1157  0.0413  92  PHE A C   
575 O O   . PHE A 92  ? 0.4902 0.4665 0.4146 -0.0068 0.1196  0.0439  92  PHE A O   
576 C CB  . PHE A 92  ? 0.3975 0.3204 0.3035 0.0043  0.1035  0.0406  92  PHE A CB  
577 C CG  . PHE A 92  ? 0.4528 0.3580 0.3521 0.0110  0.0937  0.0361  92  PHE A CG  
578 C CD1 . PHE A 92  ? 0.4969 0.3664 0.3764 0.0075  0.0879  0.0327  92  PHE A CD1 
579 C CD2 . PHE A 92  ? 0.5493 0.4741 0.4621 0.0209  0.0901  0.0352  92  PHE A CD2 
580 C CE1 . PHE A 92  ? 0.5759 0.4290 0.4493 0.0142  0.0786  0.0284  92  PHE A CE1 
581 C CE2 . PHE A 92  ? 0.5309 0.4406 0.4378 0.0276  0.0811  0.0307  92  PHE A CE2 
582 C CZ  . PHE A 92  ? 0.5399 0.4134 0.4271 0.0244  0.0753  0.0273  92  PHE A CZ  
583 N N   . VAL A 93  ? 0.4738 0.4052 0.3686 -0.0198 0.1198  0.0427  93  VAL A N   
584 C CA  . VAL A 93  ? 0.4260 0.3783 0.3290 -0.0252 0.1294  0.0471  93  VAL A CA  
585 C C   . VAL A 93  ? 0.4655 0.4138 0.3710 -0.0243 0.1344  0.0527  93  VAL A C   
586 O O   . VAL A 93  ? 0.5189 0.4399 0.4096 -0.0271 0.1321  0.0522  93  VAL A O   
587 C CB  . VAL A 93  ? 0.5267 0.4717 0.4154 -0.0373 0.1312  0.0441  93  VAL A CB  
588 C CG1 . VAL A 93  ? 0.5734 0.5436 0.4722 -0.0422 0.1411  0.0486  93  VAL A CG1 
589 C CG2 . VAL A 93  ? 0.4763 0.4225 0.3608 -0.0380 0.1251  0.0381  93  VAL A CG2 
590 N N   . PHE A 94  ? 0.3843 0.3594 0.3084 -0.0203 0.1408  0.0580  94  PHE A N   
591 C CA  . PHE A 94  ? 0.4518 0.4243 0.3792 -0.0184 0.1452  0.0632  94  PHE A CA  
592 C C   . PHE A 94  ? 0.5022 0.4934 0.4359 -0.0235 0.1546  0.0664  94  PHE A C   
593 O O   . PHE A 94  ? 0.4241 0.4413 0.3694 -0.0247 0.1584  0.0669  94  PHE A O   
594 C CB  . PHE A 94  ? 0.3898 0.3744 0.3340 -0.0075 0.1431  0.0676  94  PHE A CB  
595 C CG  . PHE A 94  ? 0.4398 0.4100 0.3803 -0.0014 0.1340  0.0651  94  PHE A CG  
596 C CD1 . PHE A 94  ? 0.4059 0.3905 0.3536 0.0024  0.1299  0.0623  94  PHE A CD1 
597 C CD2 . PHE A 94  ? 0.4876 0.4301 0.4171 0.0006  0.1295  0.0655  94  PHE A CD2 
598 C CE1 . PHE A 94  ? 0.4093 0.3820 0.3539 0.0086  0.1216  0.0596  94  PHE A CE1 
599 C CE2 . PHE A 94  ? 0.5131 0.4431 0.4396 0.0064  0.1210  0.0633  94  PHE A CE2 
600 C CZ  . PHE A 94  ? 0.4725 0.4178 0.4066 0.0105  0.1171  0.0602  94  PHE A CZ  
601 N N   . ASP A 95  ? 0.4670 0.4461 0.3936 -0.0261 0.1586  0.0684  95  ASP A N   
602 C CA  . ASP A 95  ? 0.4835 0.4818 0.4183 -0.0285 0.1677  0.0720  95  ASP A CA  
603 C C   . ASP A 95  ? 0.4271 0.4502 0.3847 -0.0193 0.1670  0.0758  95  ASP A C   
604 O O   . ASP A 95  ? 0.4642 0.4807 0.4262 -0.0114 0.1646  0.0790  95  ASP A O   
605 C CB  . ASP A 95  ? 0.4962 0.4754 0.4182 -0.0319 0.1710  0.0727  95  ASP A CB  
606 C CG  . ASP A 95  ? 0.7716 0.7277 0.6713 -0.0425 0.1696  0.0686  95  ASP A CG  
607 O OD1 . ASP A 95  ? 0.8042 0.7676 0.7005 -0.0494 0.1700  0.0661  95  ASP A OD1 
608 O OD2 . ASP A 95  ? 0.8401 0.7707 0.7255 -0.0441 0.1678  0.0681  95  ASP A OD2 
609 N N   . VAL A 96  ? 0.3234 0.5424 0.5214 0.0066  0.1595  0.0719  96  VAL A N   
610 C CA  . VAL A 96  ? 0.2818 0.5011 0.4862 0.0070  0.1604  0.0833  96  VAL A CA  
611 C C   . VAL A 96  ? 0.2983 0.5207 0.5185 0.0192  0.1650  0.0853  96  VAL A C   
612 O O   . VAL A 96  ? 0.2957 0.5225 0.5282 0.0262  0.1656  0.0793  96  VAL A O   
613 C CB  . VAL A 96  ? 0.3064 0.5293 0.5165 0.0019  0.1570  0.0862  96  VAL A CB  
614 C CG1 . VAL A 96  ? 0.3334 0.5570 0.5497 0.0006  0.1567  0.0993  96  VAL A CG1 
615 C CG2 . VAL A 96  ? 0.3782 0.5971 0.5722 -0.0092 0.1523  0.0824  96  VAL A CG2 
616 N N   . ALA A 97  ? 0.3142 0.5340 0.5334 0.0220  0.1678  0.0930  97  ALA A N   
617 C CA  . ALA A 97  ? 0.3274 0.5461 0.5578 0.0344  0.1694  0.0920  97  ALA A CA  
618 C C   . ALA A 97  ? 0.2836 0.4939 0.5168 0.0363  0.1571  0.0894  97  ALA A C   
619 O O   . ALA A 97  ? 0.3140 0.5280 0.5615 0.0458  0.1578  0.0831  97  ALA A O   
620 C CB  . ALA A 97  ? 0.4288 0.6309 0.6396 0.0339  0.1626  0.0939  97  ALA A CB  
621 N N   . ARG A 98  ? 0.2808 0.4799 0.5004 0.0272  0.1458  0.0940  98  ARG A N   
622 C CA  . ARG A 98  ? 0.3233 0.5123 0.5430 0.0284  0.1330  0.0920  98  ARG A CA  
623 C C   . ARG A 98  ? 0.3240 0.5145 0.5400 0.0172  0.1289  0.0973  98  ARG A C   
624 O O   . ARG A 98  ? 0.2780 0.4680 0.4822 0.0070  0.1300  0.1038  98  ARG A O   
625 C CB  . ARG A 98  ? 0.3787 0.5455 0.5817 0.0309  0.1189  0.0913  98  ARG A CB  
626 C CG  . ARG A 98  ? 0.5419 0.7059 0.7481 0.0426  0.1215  0.0856  98  ARG A CG  
627 C CD  . ARG A 98  ? 0.6123 0.7550 0.7989 0.0430  0.1095  0.0866  98  ARG A CD  
628 N NE  . ARG A 98  ? 0.6345 0.7616 0.8138 0.0421  0.0937  0.0860  98  ARG A NE  
629 C CZ  . ARG A 98  ? 0.6732 0.7805 0.8364 0.0430  0.0811  0.0862  98  ARG A CZ  
630 N NH1 . ARG A 98  ? 0.6506 0.7516 0.8039 0.0450  0.0826  0.0868  98  ARG A NH1 
631 N NH2 . ARG A 98  ? 0.5706 0.6643 0.7279 0.0422  0.0671  0.0858  98  ARG A NH2 
632 N N   . VAL A 99  ? 0.3015 0.4938 0.5276 0.0193  0.1242  0.0946  99  VAL A N   
633 C CA  . VAL A 99  ? 0.3666 0.5570 0.5873 0.0092  0.1177  0.0994  99  VAL A CA  
634 C C   . VAL A 99  ? 0.4310 0.6049 0.6459 0.0117  0.1019  0.0972  99  VAL A C   
635 O O   . VAL A 99  ? 0.3774 0.5532 0.6054 0.0207  0.1003  0.0909  99  VAL A O   
636 C CB  . VAL A 99  ? 0.3653 0.5758 0.6040 0.0075  0.1276  0.0991  99  VAL A CB  
637 C CG1 . VAL A 99  ? 0.4062 0.6138 0.6389 -0.0024 0.1200  0.1038  99  VAL A CG1 
638 C CG2 . VAL A 99  ? 0.3820 0.6086 0.6258 0.0046  0.1432  0.1015  99  VAL A CG2 
639 N N   . ILE A 100 ? 0.3484 0.5059 0.5437 0.0037  0.0901  0.1022  100 ILE A N   
640 C CA  . ILE A 100 ? 0.3306 0.4707 0.5184 0.0057  0.0745  0.1005  100 ILE A CA  
641 C C   . ILE A 100 ? 0.3501 0.4868 0.5309 -0.0046 0.0672  0.1056  100 ILE A C   
642 O O   . ILE A 100 ? 0.3531 0.4901 0.5228 -0.0153 0.0687  0.1125  100 ILE A O   
643 C CB  . ILE A 100 ? 0.3969 0.5165 0.5659 0.0068  0.0643  0.1012  100 ILE A CB  
644 C CG1 . ILE A 100 ? 0.4389 0.5618 0.6128 0.0159  0.0721  0.0969  100 ILE A CG1 
645 C CG2 . ILE A 100 ? 0.4118 0.5142 0.5752 0.0108  0.0487  0.0982  100 ILE A CG2 
646 C CD1 . ILE A 100 ? 0.4028 0.5265 0.5655 0.0100  0.0786  0.1019  100 ILE A CD1 
647 N N   . ARG A 101 ? 0.4140 0.5476 0.6012 -0.0010 0.0595  0.1023  101 ARG A N   
648 C CA  . ARG A 101 ? 0.3617 0.4896 0.5416 -0.0095 0.0508  0.1065  101 ARG A CA  
649 C C   . ARG A 101 ? 0.4534 0.5572 0.6118 -0.0125 0.0351  0.1090  101 ARG A C   
650 O O   . ARG A 101 ? 0.3798 0.4712 0.5357 -0.0045 0.0270  0.1044  101 ARG A O   
651 C CB  . ARG A 101 ? 0.4111 0.5461 0.6074 -0.0043 0.0493  0.1016  101 ARG A CB  
652 C CG  . ARG A 101 ? 0.4817 0.6406 0.6988 -0.0031 0.0642  0.1001  101 ARG A CG  
653 C CD  . ARG A 101 ? 0.6192 0.7846 0.8457 -0.0052 0.0617  0.0997  101 ARG A CD  
654 N NE  . ARG A 101 ? 0.6781 0.8383 0.9140 0.0045  0.0540  0.0926  101 ARG A NE  
655 C CZ  . ARG A 101 ? 0.6580 0.8097 0.8908 0.0031  0.0428  0.0925  101 ARG A CZ  
656 N NH1 . ARG A 101 ? 0.5730 0.7206 0.8150 0.0126  0.0363  0.0856  101 ARG A NH1 
657 N NH2 . ARG A 101 ? 0.5460 0.6934 0.7666 -0.0078 0.0379  0.0992  101 ARG A NH2 
658 N N   . ILE A 102 ? 0.3766 0.4740 0.5194 -0.0241 0.0310  0.1163  102 ILE A N   
659 C CA  . ILE A 102 ? 0.3923 0.4670 0.5140 -0.0280 0.0166  0.1194  102 ILE A CA  
660 C C   . ILE A 102 ? 0.5063 0.5698 0.6278 -0.0247 0.0036  0.1165  102 ILE A C   
661 O O   . ILE A 102 ? 0.4938 0.5384 0.6035 -0.0218 -0.0088 0.1152  102 ILE A O   
662 C CB  . ILE A 102 ? 0.3930 0.4647 0.4988 -0.0417 0.0162  0.1281  102 ILE A CB  
663 C CG1 . ILE A 102 ? 0.3849 0.4632 0.4880 -0.0435 0.0268  0.1302  102 ILE A CG1 
664 C CG2 . ILE A 102 ? 0.4157 0.4641 0.5005 -0.0468 0.0002  0.1316  102 ILE A CG2 
665 C CD1 . ILE A 102 ? 0.3952 0.4729 0.4840 -0.0570 0.0283  0.1387  102 ILE A CD1 
666 N N   . ARG A 103 ? 0.3942 0.4696 0.5293 -0.0246 0.0063  0.1152  103 ARG A N   
667 C CA  . ARG A 103 ? 0.5002 0.5652 0.6345 -0.0224 -0.0061 0.1129  103 ARG A CA  
668 C C   . ARG A 103 ? 0.5423 0.5984 0.6817 -0.0097 -0.0125 0.1051  103 ARG A C   
669 O O   . ARG A 103 ? 0.5190 0.5570 0.6477 -0.0082 -0.0264 0.1041  103 ARG A O   
670 C CB  . ARG A 103 ? 0.5655 0.6461 0.7155 -0.0234 -0.0010 0.1120  103 ARG A CB  
671 C CG  . ARG A 103 ? 0.6849 0.7538 0.8319 -0.0221 -0.0144 0.1104  103 ARG A CG  
672 C CD  . ARG A 103 ? 0.7894 0.8737 0.9527 -0.0221 -0.0099 0.1088  103 ARG A CD  
673 N NE  . ARG A 103 ? 0.8622 0.9343 1.0184 -0.0244 -0.0230 0.1096  103 ARG A NE  
674 C CZ  . ARG A 103 ? 0.9027 0.9843 1.0692 -0.0256 -0.0222 0.1091  103 ARG A CZ  
675 N NH1 . ARG A 103 ? 0.8719 0.9753 1.0569 -0.0249 -0.0090 0.1077  103 ARG A NH1 
676 N NH2 . ARG A 103 ? 0.9971 1.0661 1.1554 -0.0274 -0.0347 0.1099  103 ARG A NH2 
677 N N   . THR A 104 ? 0.4717 0.5407 0.6273 -0.0008 -0.0023 0.0995  104 THR A N   
678 C CA  . THR A 104 ? 0.4977 0.5630 0.6631 0.0119  -0.0064 0.0912  104 THR A CA  
679 C C   . THR A 104 ? 0.5342 0.5955 0.6975 0.0188  -0.0034 0.0882  104 THR A C   
680 O O   . THR A 104 ? 0.4252 0.4792 0.5923 0.0290  -0.0090 0.0818  104 THR A O   
681 C CB  . THR A 104 ? 0.4082 0.4929 0.5985 0.0186  0.0029  0.0855  104 THR A CB  
682 O OG1 . THR A 104 ? 0.3844 0.4882 0.5854 0.0175  0.0190  0.0865  104 THR A OG1 
683 C CG2 . THR A 104 ? 0.4125 0.5004 0.6058 0.0131  -0.0011 0.0875  104 THR A CG2 
684 N N   . GLY A 105 ? 0.4083 0.4752 0.5665 0.0137  0.0056  0.0926  105 GLY A N   
685 C CA  . GLY A 105 ? 0.4591 0.5248 0.6169 0.0205  0.0102  0.0897  105 GLY A CA  
686 C C   . GLY A 105 ? 0.4810 0.5656 0.6610 0.0299  0.0236  0.0835  105 GLY A C   
687 O O   . GLY A 105 ? 0.4324 0.5181 0.6138 0.0360  0.0290  0.0810  105 GLY A O   
688 N N   . GLU A 106 ? 0.4305 0.5299 0.6277 0.0312  0.0292  0.0812  106 GLU A N   
689 C CA  . GLU A 106 ? 0.4315 0.5498 0.6509 0.0398  0.0423  0.0756  106 GLU A CA  
690 C C   . GLU A 106 ? 0.4235 0.5554 0.6453 0.0365  0.0571  0.0787  106 GLU A C   
691 O O   . GLU A 106 ? 0.3405 0.4770 0.5555 0.0260  0.0609  0.0853  106 GLU A O   
692 C CB  . GLU A 106 ? 0.3507 0.4821 0.5872 0.0403  0.0451  0.0732  106 GLU A CB  
693 C CG  . GLU A 106 ? 0.3684 0.4901 0.6087 0.0473  0.0332  0.0676  106 GLU A CG  
694 C CD  . GLU A 106 ? 0.4826 0.6124 0.7326 0.0439  0.0322  0.0678  106 GLU A CD  
695 O OE1 . GLU A 106 ? 0.4520 0.5838 0.6943 0.0331  0.0329  0.0745  106 GLU A OE1 
696 O OE2 . GLU A 106 ? 0.4435 0.5780 0.7090 0.0522  0.0311  0.0612  106 GLU A OE2 
697 N N   . GLU A 107 ? 0.4434 0.5824 0.6753 0.0457  0.0656  0.0738  107 GLU A N   
698 C CA  . GLU A 107 ? 0.5969 0.7467 0.8298 0.0441  0.0790  0.0762  107 GLU A CA  
699 C C   . GLU A 107 ? 0.7410 0.9142 0.9959 0.0470  0.0945  0.0737  107 GLU A C   
700 O O   . GLU A 107 ? 0.6935 0.8733 0.9651 0.0550  0.0958  0.0675  107 GLU A O   
701 C CB  . GLU A 107 ? 0.6827 0.8235 0.9098 0.0520  0.0782  0.0730  107 GLU A CB  
702 C CG  . GLU A 107 ? 0.7123 0.8611 0.9369 0.0502  0.0902  0.0758  107 GLU A CG  
703 C CD  . GLU A 107 ? 0.8035 0.9353 1.0093 0.0504  0.0833  0.0773  107 GLU A CD  
704 O OE1 . GLU A 107 ? 0.9283 1.0648 1.1346 0.0540  0.0922  0.0766  107 GLU A OE1 
705 O OE2 . GLU A 107 ? 0.7005 0.8142 0.8907 0.0468  0.0692  0.0794  107 GLU A OE2 
706 N N   . ASP A 108 ? 1.0302 1.2150 1.2848 0.0405  0.1061  0.0784  108 ASP A N   
707 C CA  . ASP A 108 ? 1.0959 1.3034 1.3702 0.0422  0.1220  0.0768  108 ASP A CA  
708 C C   . ASP A 108 ? 1.0869 1.3051 1.3759 0.0410  0.1225  0.0755  108 ASP A C   
709 O O   . ASP A 108 ? 1.2095 1.4178 1.4949 0.0400  0.1104  0.0749  108 ASP A O   
710 C CB  . ASP A 108 ? 1.1155 1.3290 1.4023 0.0545  0.1299  0.0702  108 ASP A CB  
711 C CG  . ASP A 108 ? 1.1620 1.3641 1.4344 0.0567  0.1286  0.0708  108 ASP A CG  
712 O OD1 . ASP A 108 ? 1.1043 1.2995 1.3596 0.0479  0.1265  0.0772  108 ASP A OD1 
713 O OD2 . ASP A 108 ? 1.1984 1.3983 1.4765 0.0675  0.1294  0.0650  108 ASP A OD2 
714 N N   . ASP A 109 ? 0.9859 1.2242 1.2914 0.0407  0.1363  0.0751  109 ASP A N   
715 C CA  . ASP A 109 ? 1.0143 1.2640 1.3349 0.0396  0.1377  0.0738  109 ASP A CA  
716 C C   . ASP A 109 ? 0.9980 1.2610 1.3275 0.0416  0.1482  0.0676  109 ASP A C   
717 O O   . ASP A 109 ? 0.9899 1.2560 1.3223 0.0402  0.1456  0.0628  109 ASP A O   
718 C CB  . ASP A 109 ? 1.0314 1.2788 1.3406 0.0270  0.1328  0.0810  109 ASP A CB  
# 
